data_8P8O
#
_entry.id   8P8O
#
_cell.length_a   104.669
_cell.length_b   123.820
_cell.length_c   170.229
_cell.angle_alpha   90.000
_cell.angle_beta   90.000
_cell.angle_gamma   90.000
#
_symmetry.space_group_name_H-M   'P 21 21 21'
#
loop_
_entity.id
_entity.type
_entity.pdbx_description
1 polymer "Deoxyuridine 5'-triphosphate nucleotidohydrolase"
2 polymer Orf20
#
loop_
_entity_poly.entity_id
_entity_poly.type
_entity_poly.pdbx_seq_one_letter_code
_entity_poly.pdbx_strand_id
1 'polypeptide(L)'
;MGSSHHHHHHSSGLVPRGSHMSTTLAIVRLDPGLPLPSRAHDGDAGVDLYSAEDVELAPGRRALVRTGVAVAVPFGMVGL
VHPRSGLATRVGLSIVNSPGTIDAGYRGEIKVALINLDPAAPIVVHRGDRIAQLLVQRVELVELVEVSSFDEAGLASTSR
GDGGHGSSGGHASL
;
A,B,C,D,E,G
2 'polypeptide(L)'
;GSPEFSMEGAGQMAELPTHYGTIIKTLRKYMKLTQSKLSERTGFSQNTISNHENGNRNIGVNEIEIYGKGLGIPSYILHR
ISDEFKEKGYSPTLNDFGKFDKMYSYVNKAYYNDGDIYYSSYDLYDETIKLLELLKESKINVNDIDYDYVLKLYKQILST
DTEKS
;
H,I,J,F,K,L
#
# COMPACT_ATOMS: atom_id res chain seq x y z
N THR A 23 4.22 -7.79 -4.30
CA THR A 23 5.38 -7.48 -3.46
C THR A 23 6.20 -8.73 -3.16
N THR A 24 5.99 -9.79 -3.95
CA THR A 24 6.68 -11.06 -3.76
C THR A 24 7.10 -11.62 -5.11
N LEU A 25 8.38 -11.97 -5.25
CA LEU A 25 8.92 -12.52 -6.48
C LEU A 25 9.72 -13.78 -6.14
N ALA A 26 9.48 -14.86 -6.88
CA ALA A 26 10.18 -16.11 -6.67
C ALA A 26 11.28 -16.27 -7.71
N ILE A 27 12.43 -16.77 -7.25
CA ILE A 27 13.61 -16.91 -8.10
C ILE A 27 14.31 -18.21 -7.76
N VAL A 28 14.61 -19.00 -8.79
CA VAL A 28 15.37 -20.23 -8.66
C VAL A 28 16.80 -19.96 -9.09
N ARG A 29 17.76 -20.37 -8.25
CA ARG A 29 19.18 -20.27 -8.59
C ARG A 29 19.56 -21.52 -9.37
N LEU A 30 19.68 -21.37 -10.70
CA LEU A 30 20.18 -22.45 -11.53
C LEU A 30 21.70 -22.60 -11.41
N ASP A 31 22.37 -21.67 -10.76
CA ASP A 31 23.79 -21.79 -10.45
C ASP A 31 23.97 -21.49 -8.96
N PRO A 32 24.35 -22.48 -8.14
CA PRO A 32 24.51 -22.22 -6.71
C PRO A 32 25.73 -21.40 -6.36
N GLY A 33 26.67 -21.22 -7.30
CA GLY A 33 27.85 -20.42 -6.99
C GLY A 33 27.55 -18.95 -6.86
N LEU A 34 26.80 -18.40 -7.81
CA LEU A 34 26.48 -16.98 -7.77
C LEU A 34 25.54 -16.68 -6.61
N PRO A 35 25.68 -15.52 -5.96
CA PRO A 35 24.75 -15.17 -4.90
C PRO A 35 23.36 -14.90 -5.47
N LEU A 36 22.36 -15.05 -4.62
CA LEU A 36 21.02 -14.62 -4.99
C LEU A 36 21.03 -13.09 -5.16
N PRO A 37 20.41 -12.58 -6.22
CA PRO A 37 20.34 -11.13 -6.39
C PRO A 37 19.69 -10.45 -5.19
N SER A 38 20.22 -9.31 -4.81
CA SER A 38 19.79 -8.59 -3.61
C SER A 38 19.48 -7.15 -3.97
N ARG A 39 18.63 -6.52 -3.15
CA ARG A 39 18.26 -5.12 -3.34
C ARG A 39 19.28 -4.17 -2.75
N ALA A 40 20.16 -4.65 -1.87
CA ALA A 40 21.14 -3.82 -1.15
C ALA A 40 20.37 -2.71 -0.45
N HIS A 41 20.68 -1.45 -0.68
CA HIS A 41 19.91 -0.38 -0.04
C HIS A 41 18.50 -0.32 -0.64
N ASP A 42 17.50 -0.18 0.22
CA ASP A 42 16.11 -0.17 -0.23
C ASP A 42 15.81 1.10 -1.02
N GLY A 43 14.86 1.00 -1.95
CA GLY A 43 14.50 2.08 -2.84
C GLY A 43 15.19 2.04 -4.18
N ASP A 44 16.27 1.27 -4.31
CA ASP A 44 16.91 1.09 -5.60
C ASP A 44 15.92 0.51 -6.60
N ALA A 45 16.08 0.89 -7.86
CA ALA A 45 15.15 0.49 -8.92
C ALA A 45 15.04 -1.03 -9.01
N GLY A 46 16.16 -1.72 -9.15
CA GLY A 46 16.13 -3.16 -9.31
C GLY A 46 17.39 -3.83 -8.80
N VAL A 47 17.29 -5.13 -8.62
CA VAL A 47 18.42 -5.95 -8.17
C VAL A 47 19.37 -6.18 -9.34
N ASP A 48 20.66 -6.32 -9.03
CA ASP A 48 21.66 -6.56 -10.06
C ASP A 48 21.87 -8.05 -10.26
N LEU A 49 22.13 -8.43 -11.51
CA LEU A 49 22.33 -9.82 -11.89
C LEU A 49 23.83 -10.11 -12.05
N TYR A 50 24.24 -11.27 -11.55
CA TYR A 50 25.61 -11.72 -11.70
C TYR A 50 25.74 -12.60 -12.94
N SER A 51 26.94 -12.62 -13.51
CA SER A 51 27.23 -13.44 -14.67
C SER A 51 27.73 -14.81 -14.25
N ALA A 52 27.26 -15.85 -14.94
CA ALA A 52 27.71 -17.21 -14.71
C ALA A 52 28.82 -17.63 -15.66
N GLU A 53 29.06 -16.89 -16.73
CA GLU A 53 30.07 -17.23 -17.72
C GLU A 53 31.16 -16.17 -17.76
N ASP A 54 32.33 -16.59 -18.23
CA ASP A 54 33.43 -15.70 -18.56
C ASP A 54 33.41 -15.49 -20.07
N VAL A 55 32.97 -14.31 -20.52
CA VAL A 55 32.86 -14.01 -21.93
C VAL A 55 33.66 -12.74 -22.22
N GLU A 56 34.31 -12.73 -23.37
CA GLU A 56 35.03 -11.55 -23.85
C GLU A 56 34.37 -11.07 -25.14
N LEU A 57 33.94 -9.80 -25.15
CA LEU A 57 33.27 -9.21 -26.30
C LEU A 57 34.26 -8.37 -27.10
N ALA A 58 34.54 -8.79 -28.32
CA ALA A 58 35.34 -8.01 -29.24
C ALA A 58 34.60 -6.73 -29.62
N PRO A 59 35.33 -5.67 -29.99
CA PRO A 59 34.68 -4.42 -30.38
C PRO A 59 33.65 -4.61 -31.48
N GLY A 60 32.39 -4.28 -31.17
CA GLY A 60 31.29 -4.43 -32.10
C GLY A 60 30.54 -5.75 -32.00
N ARG A 61 31.17 -6.78 -31.44
CA ARG A 61 30.52 -8.08 -31.29
C ARG A 61 29.54 -8.06 -30.13
N ARG A 62 28.82 -9.16 -29.97
CA ARG A 62 27.79 -9.27 -28.94
C ARG A 62 27.72 -10.73 -28.48
N ALA A 63 27.18 -10.93 -27.28
CA ALA A 63 27.00 -12.29 -26.79
C ALA A 63 25.85 -12.32 -25.80
N LEU A 64 25.24 -13.49 -25.66
CA LEU A 64 24.11 -13.70 -24.76
C LEU A 64 24.65 -14.38 -23.50
N VAL A 65 24.97 -13.57 -22.50
CA VAL A 65 25.52 -14.10 -21.25
C VAL A 65 24.39 -14.63 -20.38
N ARG A 66 24.63 -15.77 -19.75
CA ARG A 66 23.66 -16.38 -18.85
C ARG A 66 23.83 -15.80 -17.45
N THR A 67 22.70 -15.57 -16.77
CA THR A 67 22.72 -15.02 -15.42
C THR A 67 22.65 -16.10 -14.34
N GLY A 68 22.35 -17.35 -14.72
CA GLY A 68 22.28 -18.41 -13.74
C GLY A 68 21.09 -18.36 -12.81
N VAL A 69 20.12 -17.49 -13.08
CA VAL A 69 18.90 -17.42 -12.27
C VAL A 69 17.70 -17.42 -13.21
N ALA A 70 16.56 -17.85 -12.67
CA ALA A 70 15.28 -17.81 -13.36
C ALA A 70 14.25 -17.24 -12.40
N VAL A 71 13.43 -16.30 -12.88
CA VAL A 71 12.44 -15.64 -12.06
C VAL A 71 11.05 -15.97 -12.57
N ALA A 72 10.07 -15.88 -11.66
CA ALA A 72 8.66 -16.10 -11.96
C ALA A 72 7.96 -14.76 -11.83
N VAL A 73 7.93 -14.01 -12.94
CA VAL A 73 7.32 -12.67 -12.92
C VAL A 73 5.82 -12.80 -12.62
N PRO A 74 5.29 -12.07 -11.65
CA PRO A 74 3.85 -12.17 -11.34
C PRO A 74 3.00 -11.67 -12.49
N PHE A 75 1.78 -12.20 -12.57
CA PHE A 75 0.87 -11.79 -13.63
C PHE A 75 0.48 -10.32 -13.47
N GLY A 76 0.43 -9.61 -14.59
CA GLY A 76 0.17 -8.19 -14.54
C GLY A 76 1.40 -7.33 -14.40
N MET A 77 2.58 -7.93 -14.38
CA MET A 77 3.84 -7.20 -14.28
C MET A 77 4.75 -7.64 -15.42
N VAL A 78 5.91 -7.00 -15.52
CA VAL A 78 6.90 -7.32 -16.53
C VAL A 78 8.28 -7.18 -15.90
N GLY A 79 9.19 -8.08 -16.27
CA GLY A 79 10.57 -7.99 -15.83
C GLY A 79 11.37 -7.18 -16.84
N LEU A 80 12.18 -6.26 -16.32
CA LEU A 80 12.94 -5.33 -17.15
C LEU A 80 14.42 -5.46 -16.82
N VAL A 81 15.23 -5.72 -17.85
CA VAL A 81 16.67 -5.87 -17.70
C VAL A 81 17.33 -4.64 -18.32
N HIS A 82 17.90 -3.79 -17.47
CA HIS A 82 18.57 -2.56 -17.83
C HIS A 82 20.08 -2.71 -17.72
N PRO A 83 20.85 -2.11 -18.62
CA PRO A 83 22.31 -2.11 -18.45
C PRO A 83 22.71 -1.36 -17.20
N ARG A 84 23.89 -1.70 -16.70
CA ARG A 84 24.49 -0.99 -15.58
C ARG A 84 25.24 0.23 -16.12
N SER A 85 24.85 1.42 -15.63
CA SER A 85 25.38 2.69 -16.14
C SER A 85 26.90 2.70 -16.11
N GLY A 86 27.49 2.27 -14.99
CA GLY A 86 28.92 2.21 -14.81
C GLY A 86 29.71 1.64 -15.97
N LEU A 87 29.66 0.31 -16.16
CA LEU A 87 30.31 -0.34 -17.29
C LEU A 87 30.00 0.34 -18.61
N ALA A 88 28.78 0.89 -18.75
CA ALA A 88 28.42 1.55 -19.99
C ALA A 88 29.20 2.85 -20.19
N THR A 89 29.29 3.67 -19.13
CA THR A 89 30.01 4.93 -19.26
C THR A 89 31.50 4.73 -19.38
N ARG A 90 32.04 3.66 -18.79
CA ARG A 90 33.49 3.46 -18.72
C ARG A 90 34.01 2.69 -19.92
N VAL A 91 33.65 1.40 -20.01
CA VAL A 91 34.14 0.55 -21.09
C VAL A 91 33.17 0.45 -22.26
N GLY A 92 31.93 0.89 -22.09
CA GLY A 92 30.99 0.94 -23.20
C GLY A 92 30.20 -0.34 -23.41
N LEU A 93 29.74 -0.96 -22.32
CA LEU A 93 29.00 -2.21 -22.39
C LEU A 93 27.51 -1.91 -22.25
N SER A 94 26.72 -2.35 -23.22
CA SER A 94 25.29 -2.12 -23.24
C SER A 94 24.57 -3.42 -23.60
N ILE A 95 23.25 -3.33 -23.73
CA ILE A 95 22.40 -4.46 -24.08
C ILE A 95 21.77 -4.19 -25.45
N VAL A 96 21.80 -5.20 -26.31
CA VAL A 96 21.26 -5.03 -27.67
C VAL A 96 19.77 -4.74 -27.62
N ASN A 97 19.00 -5.64 -27.00
CA ASN A 97 17.60 -5.39 -26.67
C ASN A 97 17.56 -4.67 -25.32
N SER A 98 18.05 -3.43 -25.34
CA SER A 98 18.40 -2.73 -24.10
C SER A 98 17.29 -2.68 -23.07
N PRO A 99 16.01 -2.46 -23.42
CA PRO A 99 14.97 -2.64 -22.38
C PRO A 99 14.44 -4.08 -22.38
N GLY A 100 15.30 -5.00 -21.97
CA GLY A 100 15.01 -6.42 -22.01
C GLY A 100 13.77 -6.85 -21.26
N THR A 101 12.84 -7.47 -21.97
CA THR A 101 11.56 -7.88 -21.39
C THR A 101 11.64 -9.32 -20.90
N ILE A 102 11.24 -9.53 -19.65
CA ILE A 102 11.14 -10.84 -19.04
C ILE A 102 9.65 -11.10 -18.81
N ASP A 103 9.03 -11.87 -19.70
CA ASP A 103 7.58 -12.05 -19.67
C ASP A 103 7.13 -12.76 -18.41
N ALA A 104 5.88 -12.51 -18.02
CA ALA A 104 5.35 -13.09 -16.80
C ALA A 104 5.29 -14.61 -16.86
N GLY A 105 5.07 -15.16 -18.06
CA GLY A 105 5.01 -16.59 -18.24
C GLY A 105 6.34 -17.28 -18.51
N TYR A 106 7.42 -16.53 -18.63
CA TYR A 106 8.72 -17.12 -18.91
C TYR A 106 9.37 -17.64 -17.63
N ARG A 107 9.76 -18.91 -17.63
CA ARG A 107 10.34 -19.55 -16.45
C ARG A 107 11.76 -20.05 -16.70
N GLY A 108 12.36 -19.71 -17.84
CA GLY A 108 13.70 -20.15 -18.14
C GLY A 108 14.77 -19.26 -17.54
N GLU A 109 16.02 -19.63 -17.81
CA GLU A 109 17.16 -18.90 -17.27
C GLU A 109 17.25 -17.52 -17.91
N ILE A 110 17.33 -16.48 -17.07
CA ILE A 110 17.46 -15.12 -17.58
C ILE A 110 18.83 -14.95 -18.23
N LYS A 111 18.83 -14.39 -19.43
CA LYS A 111 20.07 -14.10 -20.15
C LYS A 111 20.10 -12.62 -20.52
N VAL A 112 21.31 -12.11 -20.72
CA VAL A 112 21.52 -10.71 -21.07
C VAL A 112 22.24 -10.65 -22.41
N ALA A 113 21.72 -9.85 -23.33
CA ALA A 113 22.30 -9.70 -24.66
C ALA A 113 23.26 -8.52 -24.64
N LEU A 114 24.50 -8.80 -24.26
CA LEU A 114 25.52 -7.77 -24.15
C LEU A 114 26.14 -7.46 -25.52
N ILE A 115 26.65 -6.24 -25.64
CA ILE A 115 27.27 -5.78 -26.88
C ILE A 115 28.32 -4.73 -26.54
N ASN A 116 29.47 -4.82 -27.20
CA ASN A 116 30.60 -3.91 -26.94
C ASN A 116 30.47 -2.72 -27.89
N LEU A 117 30.12 -1.57 -27.33
CA LEU A 117 29.95 -0.35 -28.11
C LEU A 117 31.23 0.47 -28.22
N ASP A 118 32.29 0.11 -27.49
CA ASP A 118 33.56 0.81 -27.62
C ASP A 118 34.19 0.49 -28.97
N PRO A 119 34.72 1.49 -29.67
CA PRO A 119 35.19 1.26 -31.05
C PRO A 119 36.32 0.25 -31.18
N ALA A 120 37.29 0.25 -30.28
CA ALA A 120 38.45 -0.63 -30.44
C ALA A 120 39.04 -0.99 -29.08
N ALA A 121 38.19 -1.41 -28.15
CA ALA A 121 38.67 -1.86 -26.85
C ALA A 121 37.88 -3.10 -26.41
N PRO A 122 38.53 -4.26 -26.34
CA PRO A 122 37.79 -5.48 -25.98
C PRO A 122 37.34 -5.46 -24.53
N ILE A 123 36.18 -6.06 -24.29
CA ILE A 123 35.58 -6.13 -22.95
C ILE A 123 35.64 -7.57 -22.48
N VAL A 124 36.03 -7.75 -21.21
CA VAL A 124 36.12 -9.07 -20.60
C VAL A 124 35.21 -9.09 -19.38
N VAL A 125 34.26 -10.02 -19.36
CA VAL A 125 33.33 -10.19 -18.27
C VAL A 125 33.68 -11.48 -17.55
N HIS A 126 33.94 -11.38 -16.25
CA HIS A 126 34.26 -12.54 -15.43
C HIS A 126 33.02 -13.06 -14.71
N ARG A 127 33.11 -14.31 -14.27
CA ARG A 127 32.01 -14.89 -13.50
C ARG A 127 31.82 -14.14 -12.19
N GLY A 128 30.55 -13.90 -11.84
CA GLY A 128 30.22 -13.13 -10.67
C GLY A 128 30.13 -11.64 -10.89
N ASP A 129 30.63 -11.14 -12.02
CA ASP A 129 30.54 -9.72 -12.30
C ASP A 129 29.08 -9.31 -12.47
N ARG A 130 28.72 -8.18 -11.87
CA ARG A 130 27.36 -7.64 -12.00
C ARG A 130 27.21 -7.02 -13.37
N ILE A 131 26.44 -7.67 -14.23
CA ILE A 131 26.28 -7.25 -15.62
C ILE A 131 25.17 -6.22 -15.75
N ALA A 132 23.98 -6.54 -15.25
CA ALA A 132 22.81 -5.71 -15.46
C ALA A 132 21.94 -5.78 -14.21
N GLN A 133 20.95 -4.89 -14.16
CA GLN A 133 19.96 -4.88 -13.09
C GLN A 133 18.60 -5.25 -13.63
N LEU A 134 17.74 -5.76 -12.74
CA LEU A 134 16.44 -6.32 -13.11
C LEU A 134 15.35 -5.53 -12.41
N LEU A 135 14.46 -4.93 -13.20
CA LEU A 135 13.34 -4.16 -12.69
C LEU A 135 12.03 -4.91 -12.93
N VAL A 136 11.06 -4.67 -12.05
CA VAL A 136 9.72 -5.24 -12.15
C VAL A 136 8.72 -4.10 -12.04
N GLN A 137 7.98 -3.84 -13.11
CA GLN A 137 7.00 -2.76 -13.12
C GLN A 137 5.64 -3.29 -13.53
N ARG A 138 4.60 -2.57 -13.11
CA ARG A 138 3.24 -2.93 -13.49
C ARG A 138 2.97 -2.45 -14.92
N VAL A 139 2.77 -3.40 -15.82
CA VAL A 139 2.39 -3.11 -17.19
C VAL A 139 0.88 -3.29 -17.31
N GLU A 140 0.25 -2.43 -18.10
CA GLU A 140 -1.20 -2.50 -18.32
C GLU A 140 -1.48 -3.41 -19.51
N LEU A 141 -2.06 -4.57 -19.23
CA LEU A 141 -2.45 -5.52 -20.27
C LEU A 141 -3.72 -5.01 -20.94
N VAL A 142 -3.54 -4.27 -22.03
CA VAL A 142 -4.66 -3.60 -22.69
C VAL A 142 -5.25 -4.51 -23.75
N GLU A 143 -6.49 -4.21 -24.15
CA GLU A 143 -7.21 -4.96 -25.17
C GLU A 143 -7.35 -4.07 -26.40
N LEU A 144 -6.74 -4.48 -27.50
CA LEU A 144 -6.78 -3.67 -28.71
C LEU A 144 -8.14 -3.78 -29.40
N VAL A 145 -8.70 -2.64 -29.75
CA VAL A 145 -9.97 -2.56 -30.47
C VAL A 145 -9.77 -1.60 -31.63
N GLU A 146 -10.03 -2.06 -32.85
CA GLU A 146 -9.78 -1.26 -34.04
C GLU A 146 -10.96 -0.34 -34.33
N VAL A 147 -10.65 0.89 -34.74
CA VAL A 147 -11.65 1.87 -35.13
C VAL A 147 -11.28 2.43 -36.49
N SER A 148 -12.28 3.01 -37.17
CA SER A 148 -12.05 3.60 -38.48
C SER A 148 -11.20 4.86 -38.38
N SER A 149 -11.56 5.75 -37.46
CA SER A 149 -10.79 6.97 -37.22
C SER A 149 -11.20 7.59 -35.88
N PHE A 150 -10.22 8.07 -35.11
CA PHE A 150 -10.49 8.76 -33.86
C PHE A 150 -11.47 9.91 -34.10
N ASP A 151 -12.37 10.11 -33.13
CA ASP A 151 -13.38 11.16 -33.24
C ASP A 151 -13.37 12.03 -31.98
N THR B 23 -9.52 -2.38 -19.36
CA THR B 23 -9.20 -1.21 -20.17
C THR B 23 -8.82 -1.63 -21.60
N THR B 24 -9.33 -0.90 -22.58
CA THR B 24 -9.04 -1.13 -23.99
C THR B 24 -8.20 0.00 -24.54
N LEU B 25 -7.81 -0.13 -25.81
CA LEU B 25 -6.95 0.84 -26.48
C LEU B 25 -7.28 0.83 -27.96
N ALA B 26 -7.63 2.01 -28.50
CA ALA B 26 -8.06 2.09 -29.89
C ALA B 26 -6.87 1.99 -30.84
N ILE B 27 -7.12 1.41 -32.01
CA ILE B 27 -6.10 1.24 -33.05
C ILE B 27 -6.73 1.58 -34.39
N VAL B 28 -5.97 2.22 -35.27
CA VAL B 28 -6.43 2.55 -36.62
C VAL B 28 -5.41 1.98 -37.60
N ARG B 29 -5.82 0.98 -38.38
CA ARG B 29 -4.94 0.34 -39.34
C ARG B 29 -4.83 1.22 -40.58
N LEU B 30 -3.81 2.09 -40.59
CA LEU B 30 -3.53 2.87 -41.79
C LEU B 30 -3.20 1.96 -42.98
N ASP B 31 -2.65 0.78 -42.70
CA ASP B 31 -2.35 -0.22 -43.73
C ASP B 31 -3.12 -1.50 -43.39
N PRO B 32 -4.26 -1.76 -44.03
CA PRO B 32 -5.03 -2.98 -43.74
C PRO B 32 -4.32 -4.26 -44.14
N GLY B 33 -3.28 -4.19 -44.97
CA GLY B 33 -2.57 -5.37 -45.40
C GLY B 33 -1.81 -6.10 -44.31
N LEU B 34 -1.62 -5.47 -43.15
CA LEU B 34 -0.93 -6.09 -42.03
C LEU B 34 -1.91 -6.46 -40.94
N PRO B 35 -1.73 -7.63 -40.30
CA PRO B 35 -2.69 -8.07 -39.29
C PRO B 35 -2.78 -7.08 -38.13
N LEU B 36 -3.89 -7.15 -37.41
CA LEU B 36 -4.01 -6.39 -36.18
C LEU B 36 -3.00 -6.93 -35.16
N PRO B 37 -2.34 -6.05 -34.41
CA PRO B 37 -1.44 -6.52 -33.36
C PRO B 37 -2.20 -7.34 -32.32
N SER B 38 -1.60 -8.46 -31.92
CA SER B 38 -2.27 -9.45 -31.09
C SER B 38 -1.46 -9.68 -29.82
N ARG B 39 -2.17 -9.75 -28.68
CA ARG B 39 -1.52 -10.09 -27.42
C ARG B 39 -1.06 -11.54 -27.39
N ALA B 40 -1.58 -12.40 -28.26
CA ALA B 40 -1.29 -13.83 -28.23
C ALA B 40 -1.56 -14.41 -26.86
N HIS B 41 -0.54 -15.05 -26.28
CA HIS B 41 -0.67 -15.61 -24.94
C HIS B 41 -0.89 -14.50 -23.94
N ASP B 42 -1.88 -14.69 -23.08
CA ASP B 42 -2.21 -13.67 -22.08
C ASP B 42 -1.10 -13.57 -21.05
N GLY B 43 -0.82 -12.34 -20.62
CA GLY B 43 0.23 -12.07 -19.67
C GLY B 43 1.51 -11.52 -20.26
N ASP B 44 1.71 -11.71 -21.57
CA ASP B 44 2.90 -11.17 -22.22
C ASP B 44 2.88 -9.64 -22.19
N ALA B 45 4.07 -9.05 -22.28
CA ALA B 45 4.21 -7.62 -22.03
C ALA B 45 3.42 -6.80 -23.05
N GLY B 46 3.61 -7.07 -24.33
CA GLY B 46 2.92 -6.25 -25.31
C GLY B 46 2.78 -6.93 -26.65
N VAL B 47 1.93 -6.34 -27.48
CA VAL B 47 1.73 -6.81 -28.85
C VAL B 47 2.95 -6.47 -29.69
N ASP B 48 3.24 -7.33 -30.66
CA ASP B 48 4.33 -7.10 -31.59
C ASP B 48 3.81 -6.33 -32.80
N LEU B 49 4.62 -5.41 -33.30
CA LEU B 49 4.25 -4.55 -34.41
C LEU B 49 4.89 -5.05 -35.70
N TYR B 50 4.12 -5.01 -36.79
CA TYR B 50 4.55 -5.51 -38.08
C TYR B 50 5.16 -4.38 -38.90
N SER B 51 6.00 -4.77 -39.86
CA SER B 51 6.62 -3.81 -40.76
C SER B 51 5.79 -3.67 -42.03
N ALA B 52 5.58 -2.43 -42.45
CA ALA B 52 4.87 -2.15 -43.68
C ALA B 52 5.80 -1.94 -44.86
N GLU B 53 7.11 -1.83 -44.63
CA GLU B 53 8.07 -1.57 -45.69
C GLU B 53 9.04 -2.74 -45.82
N ASP B 54 9.69 -2.82 -46.98
CA ASP B 54 10.78 -3.76 -47.23
C ASP B 54 12.07 -2.95 -47.23
N VAL B 55 12.83 -3.07 -46.16
CA VAL B 55 14.05 -2.29 -45.98
C VAL B 55 15.22 -3.22 -45.69
N GLU B 56 16.38 -2.86 -46.20
CA GLU B 56 17.63 -3.59 -45.94
C GLU B 56 18.60 -2.65 -45.25
N LEU B 57 19.05 -3.04 -44.06
CA LEU B 57 19.95 -2.23 -43.25
C LEU B 57 21.39 -2.70 -43.45
N ALA B 58 22.21 -1.85 -44.04
CA ALA B 58 23.63 -2.11 -44.10
C ALA B 58 24.24 -2.06 -42.69
N PRO B 59 25.34 -2.79 -42.46
CA PRO B 59 25.99 -2.75 -41.14
C PRO B 59 26.33 -1.33 -40.68
N GLY B 60 25.72 -0.91 -39.57
CA GLY B 60 25.89 0.42 -39.04
C GLY B 60 24.77 1.38 -39.40
N ARG B 61 24.14 1.18 -40.56
CA ARG B 61 23.10 2.09 -41.02
C ARG B 61 21.83 1.94 -40.18
N ARG B 62 20.86 2.82 -40.46
CA ARG B 62 19.60 2.84 -39.73
C ARG B 62 18.50 3.28 -40.68
N ALA B 63 17.26 3.06 -40.26
CA ALA B 63 16.10 3.45 -41.06
C ALA B 63 14.88 3.57 -40.17
N LEU B 64 13.93 4.40 -40.60
CA LEU B 64 12.70 4.65 -39.84
C LEU B 64 11.56 3.91 -40.52
N VAL B 65 11.31 2.69 -40.07
CA VAL B 65 10.32 1.83 -40.69
C VAL B 65 8.93 2.20 -40.18
N ARG B 66 7.96 2.24 -41.10
CA ARG B 66 6.57 2.51 -40.74
C ARG B 66 5.87 1.19 -40.43
N THR B 67 5.03 1.21 -39.39
CA THR B 67 4.32 0.02 -38.96
C THR B 67 2.90 -0.07 -39.51
N GLY B 68 2.41 0.98 -40.18
CA GLY B 68 1.09 0.92 -40.77
C GLY B 68 -0.06 0.93 -39.79
N VAL B 69 0.17 1.34 -38.54
CA VAL B 69 -0.87 1.44 -37.54
C VAL B 69 -0.71 2.75 -36.77
N ALA B 70 -1.81 3.21 -36.20
CA ALA B 70 -1.82 4.41 -35.37
C ALA B 70 -2.65 4.12 -34.12
N VAL B 71 -2.13 4.51 -32.97
CA VAL B 71 -2.76 4.22 -31.69
C VAL B 71 -3.07 5.52 -30.98
N ALA B 72 -4.02 5.42 -30.04
CA ALA B 72 -4.41 6.53 -29.18
C ALA B 72 -4.14 6.11 -27.75
N VAL B 73 -2.90 6.28 -27.31
CA VAL B 73 -2.53 5.95 -25.93
C VAL B 73 -3.40 6.75 -24.97
N PRO B 74 -3.97 6.14 -23.94
CA PRO B 74 -4.83 6.88 -23.02
C PRO B 74 -4.05 7.96 -22.27
N PHE B 75 -4.78 8.96 -21.81
CA PHE B 75 -4.16 10.05 -21.05
C PHE B 75 -3.62 9.53 -19.73
N GLY B 76 -2.43 10.00 -19.37
CA GLY B 76 -1.78 9.55 -18.16
C GLY B 76 -1.00 8.25 -18.30
N MET B 77 -0.88 7.73 -19.51
CA MET B 77 -0.11 6.53 -19.80
C MET B 77 0.85 6.84 -20.93
N VAL B 78 1.68 5.86 -21.30
CA VAL B 78 2.68 6.06 -22.34
C VAL B 78 2.85 4.76 -23.12
N GLY B 79 3.01 4.89 -24.44
CA GLY B 79 3.32 3.74 -25.28
C GLY B 79 4.82 3.59 -25.42
N LEU B 80 5.29 2.36 -25.25
CA LEU B 80 6.72 2.06 -25.24
C LEU B 80 7.03 1.00 -26.29
N VAL B 81 8.00 1.29 -27.15
CA VAL B 81 8.38 0.42 -28.26
C VAL B 81 9.71 -0.23 -27.91
N HIS B 82 9.69 -1.54 -27.63
CA HIS B 82 10.85 -2.31 -27.24
C HIS B 82 11.31 -3.21 -28.38
N PRO B 83 12.62 -3.40 -28.54
CA PRO B 83 13.09 -4.38 -29.53
C PRO B 83 12.76 -5.79 -29.11
N ARG B 84 12.82 -6.71 -30.09
CA ARG B 84 12.57 -8.12 -29.84
C ARG B 84 13.89 -8.85 -29.63
N SER B 85 13.94 -9.68 -28.58
CA SER B 85 15.18 -10.35 -28.22
C SER B 85 15.64 -11.31 -29.31
N GLY B 86 14.72 -11.84 -30.11
CA GLY B 86 15.08 -12.76 -31.17
C GLY B 86 16.02 -12.13 -32.18
N LEU B 87 15.59 -11.07 -32.84
CA LEU B 87 16.42 -10.41 -33.85
C LEU B 87 17.65 -9.77 -33.24
N ALA B 88 17.53 -9.21 -32.04
CA ALA B 88 18.66 -8.52 -31.41
C ALA B 88 19.81 -9.48 -31.13
N THR B 89 19.52 -10.67 -30.63
CA THR B 89 20.57 -11.63 -30.34
C THR B 89 21.14 -12.24 -31.62
N ARG B 90 20.27 -12.57 -32.58
CA ARG B 90 20.69 -13.33 -33.74
C ARG B 90 21.29 -12.44 -34.82
N VAL B 91 20.48 -11.56 -35.42
CA VAL B 91 20.97 -10.68 -36.47
C VAL B 91 21.50 -9.36 -35.95
N GLY B 92 21.28 -9.04 -34.68
CA GLY B 92 21.77 -7.81 -34.11
C GLY B 92 20.96 -6.58 -34.43
N LEU B 93 19.63 -6.70 -34.48
CA LEU B 93 18.76 -5.60 -34.82
C LEU B 93 18.20 -4.99 -33.54
N SER B 94 18.40 -3.69 -33.36
CA SER B 94 17.91 -2.98 -32.19
C SER B 94 17.28 -1.67 -32.65
N ILE B 95 16.88 -0.86 -31.67
CA ILE B 95 16.25 0.43 -31.91
C ILE B 95 17.17 1.52 -31.38
N VAL B 96 17.28 2.62 -32.15
CA VAL B 96 18.17 3.71 -31.76
C VAL B 96 17.68 4.35 -30.45
N ASN B 97 16.44 4.82 -30.44
CA ASN B 97 15.81 5.28 -29.21
C ASN B 97 15.13 4.09 -28.54
N SER B 98 15.98 3.24 -27.95
CA SER B 98 15.56 1.87 -27.63
C SER B 98 14.31 1.77 -26.77
N PRO B 99 14.11 2.59 -25.73
CA PRO B 99 12.78 2.58 -25.08
C PRO B 99 11.84 3.57 -25.75
N GLY B 100 11.45 3.26 -26.98
CA GLY B 100 10.67 4.13 -27.84
C GLY B 100 9.40 4.71 -27.23
N THR B 101 9.32 6.03 -27.16
CA THR B 101 8.22 6.70 -26.48
C THR B 101 7.10 7.01 -27.45
N ILE B 102 5.87 6.64 -27.07
CA ILE B 102 4.66 7.02 -27.79
C ILE B 102 3.85 7.88 -26.84
N ASP B 103 3.89 9.20 -27.05
CA ASP B 103 3.20 10.11 -26.15
C ASP B 103 1.69 9.90 -26.21
N ALA B 104 1.02 10.21 -25.10
CA ALA B 104 -0.41 9.97 -24.99
C ALA B 104 -1.21 10.74 -26.04
N GLY B 105 -0.75 11.94 -26.40
CA GLY B 105 -1.45 12.74 -27.39
C GLY B 105 -1.10 12.46 -28.82
N TYR B 106 -0.18 11.52 -29.08
CA TYR B 106 0.26 11.25 -30.44
C TYR B 106 -0.77 10.39 -31.16
N ARG B 107 -1.25 10.89 -32.31
CA ARG B 107 -2.24 10.20 -33.11
C ARG B 107 -1.72 9.82 -34.49
N GLY B 108 -0.44 10.02 -34.75
CA GLY B 108 0.14 9.71 -36.04
C GLY B 108 0.52 8.25 -36.17
N GLU B 109 1.02 7.91 -37.36
CA GLU B 109 1.47 6.55 -37.64
C GLU B 109 2.73 6.26 -36.85
N ILE B 110 2.72 5.17 -36.07
CA ILE B 110 3.88 4.81 -35.27
C ILE B 110 4.97 4.26 -36.18
N LYS B 111 6.18 4.77 -36.01
CA LYS B 111 7.34 4.33 -36.76
C LYS B 111 8.41 3.87 -35.77
N VAL B 112 9.29 2.98 -36.24
CA VAL B 112 10.32 2.38 -35.41
C VAL B 112 11.67 2.67 -36.04
N ALA B 113 12.61 3.16 -35.23
CA ALA B 113 13.95 3.50 -35.72
C ALA B 113 14.89 2.31 -35.48
N LEU B 114 14.90 1.38 -36.43
CA LEU B 114 15.79 0.24 -36.35
C LEU B 114 17.21 0.64 -36.71
N ILE B 115 18.16 -0.18 -36.28
CA ILE B 115 19.57 0.04 -36.58
C ILE B 115 20.28 -1.31 -36.59
N ASN B 116 21.06 -1.55 -37.64
CA ASN B 116 21.82 -2.79 -37.80
C ASN B 116 23.14 -2.65 -37.04
N LEU B 117 23.16 -3.18 -35.80
CA LEU B 117 24.36 -3.11 -34.98
C LEU B 117 25.38 -4.18 -35.33
N ASP B 118 25.04 -5.15 -36.18
CA ASP B 118 26.02 -6.15 -36.56
C ASP B 118 27.15 -5.50 -37.35
N PRO B 119 28.40 -5.84 -37.03
CA PRO B 119 29.53 -5.14 -37.70
C PRO B 119 29.59 -5.32 -39.20
N ALA B 120 29.22 -6.49 -39.72
CA ALA B 120 29.37 -6.74 -41.14
C ALA B 120 28.38 -7.81 -41.60
N ALA B 121 27.11 -7.66 -41.24
CA ALA B 121 26.08 -8.56 -41.73
C ALA B 121 24.82 -7.79 -42.07
N PRO B 122 24.41 -7.76 -43.33
CA PRO B 122 23.22 -7.00 -43.71
C PRO B 122 21.96 -7.62 -43.15
N ILE B 123 21.02 -6.76 -42.78
CA ILE B 123 19.72 -7.18 -42.25
C ILE B 123 18.65 -6.84 -43.29
N VAL B 124 17.81 -7.81 -43.60
CA VAL B 124 16.73 -7.63 -44.57
C VAL B 124 15.40 -7.83 -43.85
N VAL B 125 14.56 -6.80 -43.89
CA VAL B 125 13.25 -6.83 -43.27
C VAL B 125 12.20 -6.84 -44.36
N HIS B 126 11.37 -7.87 -44.36
CA HIS B 126 10.29 -7.99 -45.34
C HIS B 126 8.99 -7.43 -44.77
N ARG B 127 8.04 -7.18 -45.68
CA ARG B 127 6.73 -6.73 -45.26
C ARG B 127 6.07 -7.80 -44.39
N GLY B 128 5.53 -7.37 -43.26
CA GLY B 128 4.87 -8.25 -42.33
C GLY B 128 5.75 -8.81 -41.22
N ASP B 129 7.07 -8.72 -41.37
CA ASP B 129 7.97 -9.20 -40.33
C ASP B 129 7.79 -8.39 -39.06
N ARG B 130 7.68 -9.07 -37.93
CA ARG B 130 7.47 -8.40 -36.65
C ARG B 130 8.82 -7.89 -36.14
N ILE B 131 8.97 -6.58 -36.09
CA ILE B 131 10.27 -5.96 -35.80
C ILE B 131 10.38 -5.54 -34.34
N ALA B 132 9.30 -5.06 -33.74
CA ALA B 132 9.35 -4.63 -32.35
C ALA B 132 7.98 -4.86 -31.71
N GLN B 133 7.95 -4.75 -30.39
CA GLN B 133 6.74 -4.93 -29.61
C GLN B 133 6.38 -3.65 -28.89
N LEU B 134 5.08 -3.49 -28.58
CA LEU B 134 4.55 -2.25 -28.04
C LEU B 134 3.99 -2.51 -26.64
N LEU B 135 4.46 -1.73 -25.67
CA LEU B 135 3.97 -1.79 -24.30
C LEU B 135 3.22 -0.50 -23.95
N VAL B 136 2.35 -0.62 -22.96
CA VAL B 136 1.59 0.51 -22.44
C VAL B 136 1.66 0.45 -20.91
N GLN B 137 2.27 1.48 -20.31
CA GLN B 137 2.46 1.52 -18.87
C GLN B 137 1.98 2.85 -18.31
N ARG B 138 1.57 2.80 -17.05
CA ARG B 138 1.11 3.99 -16.34
C ARG B 138 2.30 4.80 -15.86
N VAL B 139 2.46 6.00 -16.40
CA VAL B 139 3.56 6.90 -16.04
C VAL B 139 3.04 7.93 -15.04
N GLU B 140 3.89 8.30 -14.08
CA GLU B 140 3.55 9.30 -13.07
C GLU B 140 3.81 10.68 -13.66
N LEU B 141 2.74 11.37 -14.05
CA LEU B 141 2.84 12.73 -14.58
C LEU B 141 3.06 13.68 -13.41
N VAL B 142 4.32 13.99 -13.15
CA VAL B 142 4.68 14.77 -11.98
C VAL B 142 4.79 16.24 -12.36
N GLU B 143 4.85 17.09 -11.33
CA GLU B 143 5.02 18.52 -11.49
C GLU B 143 6.34 18.91 -10.83
N LEU B 144 7.25 19.46 -11.64
CA LEU B 144 8.56 19.83 -11.12
C LEU B 144 8.45 21.07 -10.23
N VAL B 145 9.13 21.03 -9.09
CA VAL B 145 9.18 22.14 -8.15
C VAL B 145 10.63 22.40 -7.79
N GLU B 146 11.12 23.60 -8.07
CA GLU B 146 12.50 23.94 -7.77
C GLU B 146 12.64 24.35 -6.30
N VAL B 147 13.73 23.88 -5.68
CA VAL B 147 14.02 24.19 -4.29
C VAL B 147 15.46 24.69 -4.18
N SER B 148 15.73 25.43 -3.10
CA SER B 148 17.06 25.98 -2.89
C SER B 148 18.07 24.88 -2.63
N SER B 149 17.78 24.00 -1.68
CA SER B 149 18.68 22.91 -1.32
C SER B 149 17.90 21.86 -0.56
N PHE B 150 18.01 20.61 -0.99
CA PHE B 150 17.30 19.49 -0.39
C PHE B 150 17.42 19.46 1.13
N SER C 22 -0.71 14.79 -9.43
CA SER C 22 -0.75 15.46 -8.15
C SER C 22 0.46 15.11 -7.29
N THR C 23 1.61 14.94 -7.94
CA THR C 23 2.85 14.59 -7.25
C THR C 23 3.93 15.59 -7.65
N THR C 24 4.67 16.08 -6.66
CA THR C 24 5.71 17.09 -6.86
C THR C 24 7.08 16.44 -6.86
N LEU C 25 7.87 16.73 -7.88
CA LEU C 25 9.23 16.19 -8.02
C LEU C 25 10.21 17.33 -7.75
N ALA C 26 10.81 17.32 -6.56
CA ALA C 26 11.77 18.35 -6.20
C ALA C 26 12.98 18.30 -7.12
N ILE C 27 13.38 19.47 -7.62
CA ILE C 27 14.51 19.58 -8.54
C ILE C 27 15.35 20.77 -8.16
N VAL C 28 16.66 20.60 -8.14
CA VAL C 28 17.62 21.68 -7.91
C VAL C 28 18.37 21.93 -9.20
N ARG C 29 18.46 23.20 -9.60
CA ARG C 29 19.19 23.57 -10.81
C ARG C 29 20.63 23.89 -10.45
N LEU C 30 21.54 22.99 -10.81
CA LEU C 30 22.96 23.26 -10.59
C LEU C 30 23.51 24.26 -11.59
N ASP C 31 22.80 24.50 -12.69
CA ASP C 31 23.20 25.46 -13.72
C ASP C 31 22.05 26.44 -13.92
N PRO C 32 22.04 27.56 -13.21
CA PRO C 32 20.92 28.52 -13.36
C PRO C 32 20.83 29.16 -14.74
N GLY C 33 21.87 29.04 -15.56
CA GLY C 33 21.79 29.51 -16.93
C GLY C 33 20.89 28.69 -17.82
N LEU C 34 20.63 27.43 -17.44
CA LEU C 34 19.77 26.51 -18.19
C LEU C 34 18.33 26.61 -17.71
N PRO C 35 17.37 26.52 -18.63
CA PRO C 35 15.96 26.59 -18.24
C PRO C 35 15.54 25.38 -17.42
N LEU C 36 14.56 25.61 -16.55
CA LEU C 36 13.96 24.50 -15.83
C LEU C 36 13.28 23.57 -16.83
N PRO C 37 13.38 22.24 -16.64
CA PRO C 37 12.69 21.32 -17.55
C PRO C 37 11.18 21.46 -17.44
N SER C 38 10.54 21.75 -18.56
CA SER C 38 9.11 21.97 -18.63
C SER C 38 8.42 20.74 -19.23
N ARG C 39 7.21 20.47 -18.75
CA ARG C 39 6.42 19.36 -19.28
C ARG C 39 5.57 19.76 -20.48
N ALA C 40 5.41 21.05 -20.74
CA ALA C 40 4.71 21.55 -21.92
C ALA C 40 3.27 21.05 -21.87
N HIS C 41 2.76 20.38 -22.90
CA HIS C 41 1.39 19.92 -22.89
C HIS C 41 1.21 18.82 -21.85
N ASP C 42 0.11 18.91 -21.09
CA ASP C 42 -0.19 17.91 -20.09
C ASP C 42 -0.47 16.57 -20.75
N GLY C 43 0.03 15.50 -20.13
CA GLY C 43 -0.08 14.17 -20.68
C GLY C 43 1.17 13.71 -21.41
N ASP C 44 2.07 14.62 -21.74
CA ASP C 44 3.36 14.23 -22.31
C ASP C 44 4.09 13.29 -21.36
N ALA C 45 4.88 12.40 -21.93
CA ALA C 45 5.54 11.35 -21.14
C ALA C 45 6.42 11.95 -20.05
N GLY C 46 7.41 12.75 -20.45
CA GLY C 46 8.32 13.33 -19.48
C GLY C 46 8.92 14.62 -19.96
N VAL C 47 9.47 15.38 -19.00
CA VAL C 47 10.13 16.65 -19.29
C VAL C 47 11.47 16.38 -19.96
N ASP C 48 11.89 17.30 -20.82
CA ASP C 48 13.16 17.17 -21.51
C ASP C 48 14.26 17.86 -20.72
N LEU C 49 15.46 17.27 -20.75
CA LEU C 49 16.61 17.79 -20.02
C LEU C 49 17.55 18.50 -20.98
N TYR C 50 18.10 19.62 -20.52
CA TYR C 50 18.99 20.43 -21.33
C TYR C 50 20.43 20.06 -21.07
N SER C 51 21.27 20.29 -22.07
CA SER C 51 22.70 20.03 -21.96
C SER C 51 23.41 21.27 -21.43
N ALA C 52 24.29 21.06 -20.46
CA ALA C 52 25.11 22.14 -19.90
C ALA C 52 26.47 22.26 -20.56
N GLU C 53 26.89 21.25 -21.34
CA GLU C 53 28.21 21.24 -21.95
C GLU C 53 28.10 21.34 -23.47
N ASP C 54 29.19 21.77 -24.08
CA ASP C 54 29.38 21.73 -25.53
C ASP C 54 30.31 20.55 -25.83
N VAL C 55 29.75 19.46 -26.34
CA VAL C 55 30.53 18.29 -26.69
C VAL C 55 30.27 17.92 -28.13
N GLU C 56 31.31 17.41 -28.79
CA GLU C 56 31.22 16.90 -30.15
C GLU C 56 31.58 15.42 -30.13
N LEU C 57 30.64 14.60 -30.60
CA LEU C 57 30.80 13.15 -30.58
C LEU C 57 31.24 12.66 -31.96
N ALA C 58 32.46 12.12 -32.03
CA ALA C 58 32.92 11.53 -33.27
C ALA C 58 32.13 10.25 -33.56
N PRO C 59 32.08 9.83 -34.83
CA PRO C 59 31.38 8.56 -35.15
C PRO C 59 31.90 7.38 -34.33
N GLY C 60 31.02 6.82 -33.50
CA GLY C 60 31.36 5.68 -32.67
C GLY C 60 31.73 6.01 -31.24
N ARG C 61 31.96 7.28 -30.92
CA ARG C 61 32.40 7.67 -29.59
C ARG C 61 31.20 7.96 -28.69
N ARG C 62 31.51 8.19 -27.42
CA ARG C 62 30.49 8.46 -26.41
C ARG C 62 31.02 9.50 -25.44
N ALA C 63 30.10 10.05 -24.63
CA ALA C 63 30.46 11.04 -23.62
C ALA C 63 29.35 11.08 -22.57
N LEU C 64 29.74 11.49 -21.36
CA LEU C 64 28.81 11.61 -20.23
C LEU C 64 28.44 13.08 -20.08
N VAL C 65 27.34 13.47 -20.72
CA VAL C 65 26.91 14.85 -20.75
C VAL C 65 26.23 15.20 -19.44
N ARG C 66 26.55 16.38 -18.89
CA ARG C 66 25.89 16.87 -17.68
C ARG C 66 24.65 17.68 -18.06
N THR C 67 23.58 17.49 -17.29
CA THR C 67 22.33 18.20 -17.51
C THR C 67 22.18 19.43 -16.63
N GLY C 68 23.03 19.58 -15.61
CA GLY C 68 22.98 20.75 -14.75
C GLY C 68 21.78 20.82 -13.84
N VAL C 69 21.03 19.73 -13.68
CA VAL C 69 19.89 19.68 -12.79
C VAL C 69 19.95 18.39 -11.98
N ALA C 70 19.39 18.43 -10.77
CA ALA C 70 19.35 17.29 -9.88
C ALA C 70 17.94 17.14 -9.32
N VAL C 71 17.42 15.92 -9.36
CA VAL C 71 16.05 15.65 -8.95
C VAL C 71 16.06 14.68 -7.78
N ALA C 72 14.93 14.67 -7.06
CA ALA C 72 14.74 13.81 -5.89
C ALA C 72 13.58 12.88 -6.22
N VAL C 73 13.90 11.74 -6.85
CA VAL C 73 12.86 10.77 -7.22
C VAL C 73 12.17 10.26 -5.97
N PRO C 74 10.83 10.24 -5.91
CA PRO C 74 10.14 9.76 -4.72
C PRO C 74 10.38 8.27 -4.50
N PHE C 75 10.21 7.85 -3.25
CA PHE C 75 10.38 6.46 -2.89
C PHE C 75 9.34 5.60 -3.61
N GLY C 76 9.76 4.43 -4.09
CA GLY C 76 8.89 3.57 -4.85
C GLY C 76 8.72 3.95 -6.30
N MET C 77 9.48 4.92 -6.79
CA MET C 77 9.50 5.31 -8.19
C MET C 77 10.93 5.25 -8.69
N VAL C 78 11.11 5.53 -9.99
CA VAL C 78 12.44 5.56 -10.59
C VAL C 78 12.43 6.59 -11.71
N GLY C 79 13.54 7.32 -11.84
CA GLY C 79 13.71 8.26 -12.92
C GLY C 79 14.35 7.58 -14.11
N LEU C 80 13.77 7.79 -15.30
CA LEU C 80 14.19 7.12 -16.51
C LEU C 80 14.55 8.14 -17.58
N VAL C 81 15.74 7.99 -18.16
CA VAL C 81 16.25 8.91 -19.17
C VAL C 81 16.12 8.25 -20.53
N HIS C 82 15.18 8.73 -21.34
CA HIS C 82 14.92 8.23 -22.68
C HIS C 82 15.52 9.15 -23.73
N PRO C 83 16.11 8.59 -24.78
CA PRO C 83 16.57 9.42 -25.90
C PRO C 83 15.39 10.07 -26.61
N ARG C 84 15.69 11.13 -27.36
CA ARG C 84 14.67 11.83 -28.13
C ARG C 84 14.65 11.31 -29.56
N SER C 85 13.45 11.01 -30.05
CA SER C 85 13.31 10.37 -31.36
C SER C 85 13.85 11.24 -32.48
N GLY C 86 13.77 12.56 -32.34
CA GLY C 86 14.29 13.45 -33.36
C GLY C 86 15.79 13.30 -33.58
N LEU C 87 16.56 13.50 -32.51
CA LEU C 87 18.02 13.39 -32.63
C LEU C 87 18.44 11.96 -32.96
N ALA C 88 17.72 10.97 -32.41
CA ALA C 88 18.10 9.59 -32.67
C ALA C 88 17.87 9.20 -34.13
N THR C 89 16.78 9.67 -34.73
CA THR C 89 16.48 9.29 -36.10
C THR C 89 17.32 10.08 -37.09
N ARG C 90 17.56 11.36 -36.82
CA ARG C 90 18.19 12.25 -37.80
C ARG C 90 19.71 12.07 -37.81
N VAL C 91 20.36 12.44 -36.70
CA VAL C 91 21.83 12.33 -36.63
C VAL C 91 22.29 11.00 -36.05
N GLY C 92 21.42 10.23 -35.42
CA GLY C 92 21.81 8.94 -34.90
C GLY C 92 22.39 8.96 -33.51
N LEU C 93 21.87 9.82 -32.64
CA LEU C 93 22.38 9.96 -31.28
C LEU C 93 21.51 9.17 -30.32
N SER C 94 22.15 8.32 -29.51
CA SER C 94 21.47 7.45 -28.57
C SER C 94 22.16 7.52 -27.21
N ILE C 95 21.65 6.74 -26.26
CA ILE C 95 22.22 6.64 -24.92
C ILE C 95 22.72 5.21 -24.73
N VAL C 96 23.89 5.07 -24.10
CA VAL C 96 24.50 3.75 -23.95
C VAL C 96 23.67 2.88 -23.03
N ASN C 97 23.43 3.36 -21.80
CA ASN C 97 22.53 2.68 -20.88
C ASN C 97 21.09 3.15 -21.14
N SER C 98 20.57 2.71 -22.29
CA SER C 98 19.42 3.36 -22.91
C SER C 98 18.22 3.54 -21.98
N PRO C 99 17.84 2.58 -21.15
CA PRO C 99 16.81 2.90 -20.13
C PRO C 99 17.46 3.37 -18.83
N GLY C 100 18.10 4.54 -18.89
CA GLY C 100 18.86 5.07 -17.78
C GLY C 100 18.13 5.17 -16.46
N THR C 101 18.65 4.52 -15.44
CA THR C 101 18.00 4.48 -14.13
C THR C 101 18.51 5.59 -13.25
N ILE C 102 17.59 6.34 -12.66
CA ILE C 102 17.87 7.37 -11.67
C ILE C 102 17.22 6.90 -10.38
N ASP C 103 18.01 6.33 -9.48
CA ASP C 103 17.48 5.77 -8.24
C ASP C 103 16.82 6.86 -7.40
N ALA C 104 15.86 6.42 -6.56
CA ALA C 104 15.14 7.36 -5.71
C ALA C 104 16.05 8.06 -4.71
N GLY C 105 17.07 7.36 -4.22
CA GLY C 105 18.01 7.93 -3.28
C GLY C 105 19.12 8.76 -3.88
N TYR C 106 19.19 8.89 -5.20
CA TYR C 106 20.26 9.64 -5.84
C TYR C 106 19.93 11.13 -5.85
N ARG C 107 20.86 11.94 -5.34
CA ARG C 107 20.68 13.39 -5.24
C ARG C 107 21.72 14.17 -6.03
N GLY C 108 22.60 13.50 -6.77
CA GLY C 108 23.63 14.19 -7.52
C GLY C 108 23.14 14.72 -8.85
N GLU C 109 24.08 15.29 -9.60
CA GLU C 109 23.76 15.85 -10.91
C GLU C 109 23.39 14.76 -11.89
N ILE C 110 22.22 14.91 -12.52
CA ILE C 110 21.80 13.97 -13.55
C ILE C 110 22.70 14.12 -14.77
N LYS C 111 23.24 13.00 -15.24
CA LYS C 111 24.07 13.00 -16.44
C LYS C 111 23.50 12.02 -17.45
N VAL C 112 23.79 12.28 -18.72
CA VAL C 112 23.31 11.48 -19.84
C VAL C 112 24.50 10.98 -20.62
N ALA C 113 24.57 9.67 -20.83
CA ALA C 113 25.70 9.03 -21.52
C ALA C 113 25.33 8.86 -22.99
N LEU C 114 25.58 9.91 -23.77
CA LEU C 114 25.23 9.90 -25.19
C LEU C 114 26.29 9.16 -26.00
N ILE C 115 25.89 8.72 -27.20
CA ILE C 115 26.77 7.98 -28.08
C ILE C 115 26.35 8.22 -29.53
N ASN C 116 27.33 8.47 -30.38
CA ASN C 116 27.10 8.75 -31.80
C ASN C 116 27.14 7.43 -32.56
N LEU C 117 25.96 6.94 -32.96
CA LEU C 117 25.84 5.66 -33.65
C LEU C 117 26.03 5.77 -35.16
N ASP C 118 26.05 6.97 -35.72
CA ASP C 118 26.26 7.13 -37.15
C ASP C 118 27.66 6.64 -37.53
N PRO C 119 27.79 5.84 -38.59
CA PRO C 119 29.10 5.26 -38.92
C PRO C 119 30.19 6.29 -39.23
N ALA C 120 29.85 7.40 -39.90
CA ALA C 120 30.86 8.36 -40.33
C ALA C 120 30.28 9.77 -40.43
N ALA C 121 29.59 10.21 -39.38
CA ALA C 121 29.09 11.58 -39.31
C ALA C 121 29.16 12.10 -37.88
N PRO C 122 30.05 13.05 -37.60
CA PRO C 122 30.19 13.53 -36.21
C PRO C 122 28.99 14.36 -35.79
N ILE C 123 28.70 14.31 -34.49
CA ILE C 123 27.55 14.98 -33.90
C ILE C 123 28.06 16.06 -32.95
N VAL C 124 27.44 17.24 -33.01
CA VAL C 124 27.82 18.39 -32.20
C VAL C 124 26.66 18.75 -31.28
N VAL C 125 26.94 18.82 -29.98
CA VAL C 125 25.94 19.17 -28.98
C VAL C 125 26.31 20.53 -28.40
N HIS C 126 25.38 21.46 -28.46
CA HIS C 126 25.58 22.80 -27.93
C HIS C 126 24.98 22.93 -26.54
N ARG C 127 25.40 23.97 -25.83
CA ARG C 127 24.86 24.24 -24.50
C ARG C 127 23.39 24.63 -24.61
N GLY C 128 22.57 24.07 -23.72
CA GLY C 128 21.16 24.34 -23.68
C GLY C 128 20.30 23.42 -24.53
N ASP C 129 20.89 22.67 -25.44
CA ASP C 129 20.11 21.77 -26.27
C ASP C 129 19.47 20.68 -25.43
N ARG C 130 18.22 20.35 -25.74
CA ARG C 130 17.53 19.25 -25.07
C ARG C 130 17.97 17.94 -25.71
N ILE C 131 18.76 17.17 -24.96
CA ILE C 131 19.33 15.93 -25.50
C ILE C 131 18.42 14.74 -25.23
N ALA C 132 17.84 14.64 -24.05
CA ALA C 132 17.02 13.50 -23.67
C ALA C 132 15.84 13.97 -22.82
N GLN C 133 14.88 13.09 -22.61
CA GLN C 133 13.73 13.37 -21.77
C GLN C 133 13.73 12.43 -20.56
N LEU C 134 13.08 12.89 -19.49
CA LEU C 134 13.10 12.21 -18.21
C LEU C 134 11.69 11.76 -17.86
N LEU C 135 11.50 10.46 -17.68
CA LEU C 135 10.24 9.89 -17.26
C LEU C 135 10.36 9.37 -15.83
N VAL C 136 9.24 9.36 -15.12
CA VAL C 136 9.18 8.86 -13.75
C VAL C 136 8.02 7.87 -13.65
N GLN C 137 8.34 6.61 -13.40
CA GLN C 137 7.34 5.56 -13.26
C GLN C 137 7.48 4.88 -11.91
N ARG C 138 6.35 4.37 -11.41
CA ARG C 138 6.35 3.66 -10.14
C ARG C 138 6.83 2.23 -10.38
N VAL C 139 7.94 1.88 -9.74
CA VAL C 139 8.50 0.54 -9.83
C VAL C 139 8.09 -0.26 -8.59
N GLU C 140 7.81 -1.54 -8.78
CA GLU C 140 7.42 -2.43 -7.69
C GLU C 140 8.68 -2.99 -7.04
N LEU C 141 8.99 -2.52 -5.84
CA LEU C 141 10.12 -3.04 -5.06
C LEU C 141 9.76 -4.42 -4.54
N VAL C 142 10.11 -5.46 -5.30
CA VAL C 142 9.77 -6.82 -4.95
C VAL C 142 10.79 -7.37 -3.96
N GLU C 143 10.41 -8.44 -3.28
CA GLU C 143 11.25 -9.11 -2.29
C GLU C 143 11.58 -10.49 -2.84
N LEU C 144 12.86 -10.75 -3.09
CA LEU C 144 13.25 -12.01 -3.70
C LEU C 144 13.21 -13.14 -2.68
N VAL C 145 12.65 -14.28 -3.09
CA VAL C 145 12.54 -15.47 -2.26
C VAL C 145 13.05 -16.65 -3.07
N GLU C 146 14.02 -17.37 -2.52
CA GLU C 146 14.58 -18.51 -3.21
C GLU C 146 13.75 -19.76 -2.95
N VAL C 147 13.52 -20.54 -4.01
CA VAL C 147 12.74 -21.77 -3.94
C VAL C 147 13.49 -22.87 -4.67
N SER C 148 13.17 -24.12 -4.31
CA SER C 148 13.82 -25.26 -4.94
C SER C 148 13.46 -25.36 -6.42
N SER C 149 12.20 -25.14 -6.75
CA SER C 149 11.74 -25.13 -8.13
C SER C 149 10.43 -24.37 -8.17
N PHE C 150 10.02 -23.96 -9.37
CA PHE C 150 8.78 -23.20 -9.48
C PHE C 150 7.56 -24.08 -9.27
N ASP C 151 7.41 -24.65 -8.08
CA ASP C 151 6.15 -25.27 -7.71
C ASP C 151 5.10 -24.19 -7.53
N GLU C 152 3.82 -24.57 -7.72
CA GLU C 152 2.72 -23.62 -7.79
C GLU C 152 2.90 -22.62 -8.93
N ALA C 153 3.63 -23.04 -9.97
CA ALA C 153 3.81 -22.26 -11.17
C ALA C 153 4.14 -23.21 -12.32
N GLY C 154 3.86 -22.76 -13.54
CA GLY C 154 4.09 -23.58 -14.71
C GLY C 154 4.05 -22.82 -16.03
N SER D 22 -1.02 18.29 8.30
CA SER D 22 -0.91 17.16 7.38
C SER D 22 -2.28 16.74 6.86
N THR D 23 -2.82 15.67 7.43
CA THR D 23 -4.12 15.16 7.01
C THR D 23 -5.24 16.09 7.47
N THR D 24 -6.20 16.32 6.59
CA THR D 24 -7.32 17.21 6.86
C THR D 24 -8.64 16.48 6.63
N LEU D 25 -9.62 16.82 7.45
CA LEU D 25 -10.94 16.18 7.43
C LEU D 25 -11.99 17.23 7.10
N ALA D 26 -12.66 17.06 5.96
CA ALA D 26 -13.71 17.98 5.54
C ALA D 26 -14.97 17.77 6.37
N ILE D 27 -15.45 18.84 7.00
CA ILE D 27 -16.63 18.79 7.87
C ILE D 27 -17.56 19.92 7.48
N VAL D 28 -18.79 19.57 7.09
CA VAL D 28 -19.81 20.54 6.77
C VAL D 28 -20.70 20.74 7.99
N ARG D 29 -20.96 22.00 8.33
CA ARG D 29 -21.81 22.30 9.48
C ARG D 29 -23.27 22.30 9.06
N LEU D 30 -24.08 21.53 9.76
CA LEU D 30 -25.52 21.49 9.52
C LEU D 30 -26.31 22.28 10.55
N ASP D 31 -25.65 22.84 11.56
CA ASP D 31 -26.31 23.62 12.60
C ASP D 31 -25.39 24.79 12.97
N PRO D 32 -25.68 26.00 12.46
CA PRO D 32 -24.80 27.14 12.77
C PRO D 32 -24.81 27.57 14.23
N GLY D 33 -25.70 27.01 15.06
CA GLY D 33 -25.75 27.38 16.46
C GLY D 33 -24.73 26.70 17.35
N LEU D 34 -24.05 25.67 16.85
CA LEU D 34 -23.06 24.94 17.63
C LEU D 34 -21.65 25.26 17.16
N PRO D 35 -20.68 25.36 18.06
CA PRO D 35 -19.30 25.59 17.64
C PRO D 35 -18.73 24.40 16.88
N LEU D 36 -17.77 24.69 16.02
CA LEU D 36 -17.11 23.64 15.26
C LEU D 36 -16.24 22.80 16.20
N PRO D 37 -16.15 21.49 15.95
CA PRO D 37 -15.30 20.64 16.80
C PRO D 37 -13.84 21.08 16.72
N SER D 38 -13.26 21.34 17.88
CA SER D 38 -11.90 21.85 17.99
C SER D 38 -11.00 20.81 18.64
N ARG D 39 -9.77 20.72 18.16
CA ARG D 39 -8.80 19.78 18.71
C ARG D 39 -8.33 20.18 20.11
N ALA D 40 -8.58 21.43 20.52
CA ALA D 40 -8.10 21.95 21.79
C ALA D 40 -6.60 21.74 21.92
N HIS D 41 -6.18 21.04 22.97
CA HIS D 41 -4.78 20.77 23.18
C HIS D 41 -4.25 19.82 22.11
N ASP D 42 -3.12 20.17 21.52
CA ASP D 42 -2.53 19.33 20.47
C ASP D 42 -2.06 18.01 21.04
N GLY D 43 -2.30 16.93 20.30
CA GLY D 43 -2.00 15.60 20.76
C GLY D 43 -3.18 14.86 21.37
N ASP D 44 -4.26 15.57 21.70
CA ASP D 44 -5.47 14.91 22.18
C ASP D 44 -5.95 13.89 21.16
N ALA D 45 -6.66 12.87 21.67
CA ALA D 45 -7.05 11.75 20.81
C ALA D 45 -7.89 12.21 19.63
N GLY D 46 -8.99 12.91 19.90
CA GLY D 46 -9.84 13.39 18.83
C GLY D 46 -10.62 14.63 19.24
N VAL D 47 -11.20 15.27 18.22
CA VAL D 47 -12.06 16.42 18.47
C VAL D 47 -13.37 15.97 19.09
N ASP D 48 -13.91 16.81 19.97
CA ASP D 48 -15.16 16.51 20.66
C ASP D 48 -16.33 17.04 19.85
N LEU D 49 -17.44 16.30 19.89
CA LEU D 49 -18.63 16.65 19.13
C LEU D 49 -19.71 17.18 20.07
N TYR D 50 -20.39 18.23 19.63
CA TYR D 50 -21.45 18.85 20.41
C TYR D 50 -22.81 18.31 19.99
N SER D 51 -23.77 18.39 20.90
CA SER D 51 -25.12 17.90 20.65
C SER D 51 -26.01 19.02 20.14
N ALA D 52 -26.86 18.69 19.17
CA ALA D 52 -27.76 19.66 18.58
C ALA D 52 -29.18 19.57 19.12
N GLU D 53 -29.50 18.51 19.87
CA GLU D 53 -30.85 18.28 20.36
C GLU D 53 -30.88 18.31 21.88
N ASP D 54 -32.07 18.51 22.42
CA ASP D 54 -32.32 18.50 23.86
C ASP D 54 -33.09 17.23 24.19
N VAL D 55 -32.42 16.27 24.82
CA VAL D 55 -33.04 15.00 25.15
C VAL D 55 -32.82 14.72 26.63
N GLU D 56 -33.76 13.98 27.22
CA GLU D 56 -33.65 13.50 28.59
C GLU D 56 -33.83 12.00 28.56
N LEU D 57 -32.83 11.28 29.09
CA LEU D 57 -32.80 9.83 29.06
C LEU D 57 -33.18 9.28 30.43
N ALA D 58 -34.32 8.60 30.50
CA ALA D 58 -34.69 7.88 31.69
C ALA D 58 -33.78 6.66 31.86
N PRO D 59 -33.63 6.16 33.10
CA PRO D 59 -32.79 4.96 33.32
C PRO D 59 -33.16 3.81 32.41
N GLY D 60 -32.23 3.41 31.54
CA GLY D 60 -32.45 2.37 30.57
C GLY D 60 -32.85 2.87 29.19
N ARG D 61 -33.23 4.13 29.07
CA ARG D 61 -33.64 4.67 27.78
C ARG D 61 -32.42 5.08 26.96
N ARG D 62 -32.39 4.66 25.70
CA ARG D 62 -31.39 5.08 24.74
C ARG D 62 -32.00 6.02 23.73
N ALA D 63 -31.15 6.75 23.02
CA ALA D 63 -31.65 7.68 22.01
C ALA D 63 -30.55 7.95 20.99
N LEU D 64 -30.97 8.31 19.78
CA LEU D 64 -30.06 8.63 18.68
C LEU D 64 -29.95 10.15 18.61
N VAL D 65 -29.00 10.70 19.34
CA VAL D 65 -28.82 12.15 19.41
C VAL D 65 -28.10 12.64 18.16
N ARG D 66 -28.57 13.76 17.62
CA ARG D 66 -27.96 14.37 16.45
C ARG D 66 -26.84 15.31 16.87
N THR D 67 -25.73 15.25 16.14
CA THR D 67 -24.58 16.12 16.40
C THR D 67 -24.57 17.37 15.52
N GLY D 68 -25.37 17.40 14.46
CA GLY D 68 -25.42 18.58 13.62
C GLY D 68 -24.22 18.78 12.74
N VAL D 69 -23.35 17.78 12.62
CA VAL D 69 -22.17 17.87 11.77
C VAL D 69 -22.08 16.62 10.91
N ALA D 70 -21.45 16.76 9.75
CA ALA D 70 -21.19 15.66 8.84
C ALA D 70 -19.73 15.71 8.41
N VAL D 71 -19.07 14.57 8.45
CA VAL D 71 -17.64 14.48 8.13
C VAL D 71 -17.46 13.60 6.90
N ALA D 72 -16.40 13.87 6.16
CA ALA D 72 -16.00 13.10 4.99
C ALA D 72 -14.70 12.37 5.33
N VAL D 73 -14.83 11.19 5.93
CA VAL D 73 -13.65 10.43 6.37
C VAL D 73 -12.79 10.09 5.15
N PRO D 74 -11.49 10.36 5.17
CA PRO D 74 -10.65 10.03 4.02
C PRO D 74 -10.58 8.52 3.79
N PHE D 75 -10.24 8.17 2.56
CA PHE D 75 -10.11 6.75 2.22
C PHE D 75 -8.99 6.13 3.02
N GLY D 76 -9.24 4.92 3.53
CA GLY D 76 -8.25 4.22 4.33
C GLY D 76 -8.22 4.59 5.80
N MET D 77 -9.14 5.43 6.25
CA MET D 77 -9.28 5.78 7.65
C MET D 77 -10.72 5.50 8.09
N VAL D 78 -10.98 5.67 9.38
CA VAL D 78 -12.30 5.43 9.94
C VAL D 78 -12.53 6.39 11.09
N GLY D 79 -13.76 6.87 11.22
CA GLY D 79 -14.13 7.72 12.33
C GLY D 79 -14.70 6.91 13.47
N LEU D 80 -14.19 7.13 14.67
CA LEU D 80 -14.59 6.39 15.85
C LEU D 80 -15.15 7.35 16.89
N VAL D 81 -16.35 7.06 17.37
CA VAL D 81 -17.06 7.92 18.31
C VAL D 81 -16.97 7.29 19.69
N HIS D 82 -16.17 7.90 20.58
CA HIS D 82 -15.93 7.38 21.92
C HIS D 82 -16.70 8.19 22.95
N PRO D 83 -17.23 7.55 23.99
CA PRO D 83 -17.84 8.31 25.09
C PRO D 83 -16.78 9.09 25.86
N ARG D 84 -17.23 10.08 26.60
CA ARG D 84 -16.36 10.92 27.40
C ARG D 84 -16.34 10.42 28.83
N SER D 85 -15.13 10.28 29.39
CA SER D 85 -14.98 9.70 30.72
C SER D 85 -15.64 10.55 31.80
N GLY D 86 -15.74 11.85 31.57
CA GLY D 86 -16.37 12.74 32.52
C GLY D 86 -17.82 12.38 32.78
N LEU D 87 -18.64 12.40 31.73
CA LEU D 87 -20.05 12.06 31.89
C LEU D 87 -20.25 10.59 32.25
N ALA D 88 -19.40 9.71 31.73
CA ALA D 88 -19.58 8.27 31.97
C ALA D 88 -19.37 7.92 33.43
N THR D 89 -18.32 8.47 34.05
CA THR D 89 -18.04 8.14 35.45
C THR D 89 -19.06 8.80 36.39
N ARG D 90 -19.43 10.05 36.12
CA ARG D 90 -20.26 10.80 37.05
C ARG D 90 -21.75 10.47 36.89
N VAL D 91 -22.33 10.83 35.75
CA VAL D 91 -23.76 10.64 35.54
C VAL D 91 -24.10 9.32 34.86
N GLY D 92 -23.10 8.63 34.31
CA GLY D 92 -23.35 7.32 33.73
C GLY D 92 -23.86 7.34 32.31
N LEU D 93 -23.32 8.21 31.46
CA LEU D 93 -23.75 8.33 30.07
C LEU D 93 -22.73 7.61 29.18
N SER D 94 -23.20 6.65 28.39
CA SER D 94 -22.37 5.90 27.47
C SER D 94 -23.07 5.78 26.13
N ILE D 95 -22.42 5.09 25.20
CA ILE D 95 -22.92 4.89 23.84
C ILE D 95 -23.30 3.43 23.67
N VAL D 96 -24.44 3.19 23.00
CA VAL D 96 -24.89 1.82 22.76
C VAL D 96 -23.90 1.09 21.86
N ASN D 97 -23.67 1.62 20.67
CA ASN D 97 -22.63 1.10 19.78
C ASN D 97 -21.30 1.76 20.15
N SER D 98 -20.76 1.32 21.28
CA SER D 98 -19.72 2.07 21.97
C SER D 98 -18.50 2.42 21.11
N PRO D 99 -18.00 1.55 20.23
CA PRO D 99 -17.01 2.04 19.25
C PRO D 99 -17.70 2.49 17.96
N GLY D 100 -18.47 3.57 18.07
CA GLY D 100 -19.27 4.11 16.98
C GLY D 100 -18.51 4.36 15.69
N THR D 101 -18.92 3.67 14.63
CA THR D 101 -18.17 3.66 13.37
C THR D 101 -18.68 4.77 12.45
N ILE D 102 -17.74 5.53 11.89
CA ILE D 102 -18.04 6.54 10.88
C ILE D 102 -17.33 6.09 9.60
N ASP D 103 -18.10 5.51 8.67
CA ASP D 103 -17.52 4.94 7.47
C ASP D 103 -16.95 6.03 6.57
N ALA D 104 -15.97 5.63 5.74
CA ALA D 104 -15.31 6.58 4.86
C ALA D 104 -16.27 7.17 3.84
N GLY D 105 -17.23 6.38 3.38
CA GLY D 105 -18.19 6.84 2.39
C GLY D 105 -19.44 7.49 2.95
N TYR D 106 -19.56 7.59 4.27
CA TYR D 106 -20.74 8.19 4.88
C TYR D 106 -20.63 9.71 4.86
N ARG D 107 -21.66 10.36 4.31
CA ARG D 107 -21.68 11.82 4.19
C ARG D 107 -22.84 12.45 4.97
N GLY D 108 -23.61 11.65 5.70
CA GLY D 108 -24.76 12.16 6.42
C GLY D 108 -24.41 12.74 7.76
N GLU D 109 -25.45 13.22 8.45
CA GLU D 109 -25.28 13.82 9.76
C GLU D 109 -24.84 12.76 10.77
N ILE D 110 -23.72 13.03 11.45
CA ILE D 110 -23.23 12.13 12.48
C ILE D 110 -24.18 12.15 13.66
N LYS D 111 -24.58 10.96 14.11
CA LYS D 111 -25.45 10.81 15.27
C LYS D 111 -24.77 9.90 16.29
N VAL D 112 -25.12 10.10 17.56
CA VAL D 112 -24.55 9.34 18.66
C VAL D 112 -25.70 8.64 19.39
N ALA D 113 -25.55 7.34 19.59
CA ALA D 113 -26.58 6.52 20.24
C ALA D 113 -26.27 6.44 21.73
N LEU D 114 -26.75 7.42 22.48
CA LEU D 114 -26.54 7.46 23.91
C LEU D 114 -27.43 6.45 24.63
N ILE D 115 -27.00 6.06 25.83
CA ILE D 115 -27.79 5.20 26.70
C ILE D 115 -27.49 5.57 28.15
N ASN D 116 -28.54 5.69 28.96
CA ASN D 116 -28.39 6.05 30.36
C ASN D 116 -28.14 4.79 31.17
N LEU D 117 -26.88 4.55 31.54
CA LEU D 117 -26.50 3.38 32.33
C LEU D 117 -26.61 3.62 33.83
N ASP D 118 -26.94 4.84 34.25
CA ASP D 118 -27.18 5.10 35.66
C ASP D 118 -28.36 4.26 36.13
N PRO D 119 -28.23 3.58 37.28
CA PRO D 119 -29.29 2.63 37.70
C PRO D 119 -30.67 3.25 37.86
N ALA D 120 -30.78 4.42 38.48
CA ALA D 120 -32.08 5.04 38.68
C ALA D 120 -31.99 6.56 38.80
N ALA D 121 -31.27 7.19 37.88
CA ALA D 121 -31.16 8.65 37.87
C ALA D 121 -31.21 9.15 36.43
N PRO D 122 -32.26 9.88 36.05
CA PRO D 122 -32.37 10.32 34.65
C PRO D 122 -31.30 11.34 34.28
N ILE D 123 -30.88 11.30 33.02
CA ILE D 123 -29.86 12.19 32.49
C ILE D 123 -30.54 13.16 31.53
N VAL D 124 -30.17 14.44 31.63
CA VAL D 124 -30.71 15.49 30.78
C VAL D 124 -29.57 16.13 30.01
N VAL D 125 -29.71 16.19 28.68
CA VAL D 125 -28.70 16.76 27.80
C VAL D 125 -29.27 18.02 27.16
N HIS D 126 -28.54 19.12 27.28
CA HIS D 126 -28.92 20.38 26.67
C HIS D 126 -28.18 20.57 25.34
N ARG D 127 -28.72 21.47 24.53
CA ARG D 127 -28.08 21.78 23.25
C ARG D 127 -26.72 22.43 23.49
N GLY D 128 -25.73 22.01 22.70
CA GLY D 128 -24.39 22.53 22.81
C GLY D 128 -23.47 21.72 23.69
N ASP D 129 -24.01 20.85 24.54
CA ASP D 129 -23.17 20.04 25.41
C ASP D 129 -22.31 19.08 24.60
N ARG D 130 -21.05 18.95 25.01
CA ARG D 130 -20.14 18.01 24.37
C ARG D 130 -20.47 16.61 24.85
N ILE D 131 -21.02 15.78 23.95
CA ILE D 131 -21.53 14.47 24.32
C ILE D 131 -20.47 13.39 24.13
N ALA D 132 -19.81 13.39 22.98
CA ALA D 132 -18.80 12.39 22.67
C ALA D 132 -17.69 13.05 21.87
N GLN D 133 -16.58 12.34 21.74
CA GLN D 133 -15.45 12.79 20.95
C GLN D 133 -15.25 11.87 19.76
N LEU D 134 -14.70 12.43 18.67
CA LEU D 134 -14.54 11.73 17.41
C LEU D 134 -13.05 11.59 17.10
N LEU D 135 -12.60 10.35 16.96
CA LEU D 135 -11.23 10.03 16.57
C LEU D 135 -11.20 9.54 15.13
N VAL D 136 -10.06 9.73 14.49
CA VAL D 136 -9.83 9.27 13.12
C VAL D 136 -8.53 8.49 13.09
N GLN D 137 -8.63 7.19 12.82
CA GLN D 137 -7.48 6.30 12.74
C GLN D 137 -7.42 5.65 11.37
N ARG D 138 -6.19 5.34 10.94
CA ARG D 138 -5.99 4.62 9.69
C ARG D 138 -6.26 3.13 9.91
N VAL D 139 -7.28 2.61 9.25
CA VAL D 139 -7.61 1.19 9.28
C VAL D 139 -6.97 0.53 8.07
N GLU D 140 -6.46 -0.69 8.26
CA GLU D 140 -5.85 -1.44 7.18
C GLU D 140 -6.93 -2.24 6.46
N LEU D 141 -7.27 -1.81 5.24
CA LEU D 141 -8.28 -2.49 4.43
C LEU D 141 -7.70 -3.81 3.93
N VAL D 142 -8.08 -4.90 4.56
CA VAL D 142 -7.50 -6.21 4.26
C VAL D 142 -8.32 -6.89 3.17
N GLU D 143 -7.73 -7.90 2.54
CA GLU D 143 -8.38 -8.70 1.53
C GLU D 143 -8.61 -10.10 2.10
N LEU D 144 -9.87 -10.48 2.26
CA LEU D 144 -10.18 -11.79 2.80
C LEU D 144 -9.87 -12.88 1.78
N VAL D 145 -9.15 -13.90 2.21
CA VAL D 145 -8.77 -15.04 1.38
C VAL D 145 -9.11 -16.30 2.15
N GLU D 146 -9.90 -17.17 1.55
CA GLU D 146 -10.28 -18.43 2.17
C GLU D 146 -9.19 -19.48 1.96
N VAL D 147 -8.86 -20.21 3.02
CA VAL D 147 -7.91 -21.31 2.97
C VAL D 147 -8.53 -22.52 3.67
N SER D 148 -7.98 -23.70 3.37
CA SER D 148 -8.49 -24.93 3.97
C SER D 148 -8.24 -24.96 5.47
N SER D 149 -7.00 -24.64 5.88
CA SER D 149 -6.63 -24.62 7.28
C SER D 149 -5.35 -23.80 7.44
N PHE D 150 -5.33 -22.92 8.43
CA PHE D 150 -4.22 -21.99 8.66
C PHE D 150 -2.85 -22.66 8.53
N SER E 22 -2.58 -3.74 0.37
CA SER E 22 -3.43 -4.90 0.16
C SER E 22 -2.99 -6.06 1.03
N THR E 23 -2.88 -5.81 2.33
CA THR E 23 -2.50 -6.85 3.29
C THR E 23 -3.56 -7.94 3.33
N THR E 24 -3.18 -9.15 2.96
CA THR E 24 -4.14 -10.24 2.92
C THR E 24 -4.44 -10.75 4.33
N LEU E 25 -5.57 -11.43 4.46
CA LEU E 25 -6.05 -11.95 5.74
C LEU E 25 -6.67 -13.32 5.50
N ALA E 26 -6.09 -14.35 6.10
CA ALA E 26 -6.58 -15.71 5.91
C ALA E 26 -7.81 -15.96 6.78
N ILE E 27 -8.82 -16.59 6.19
CA ILE E 27 -10.06 -16.89 6.89
C ILE E 27 -10.46 -18.33 6.58
N VAL E 28 -10.77 -19.09 7.62
CA VAL E 28 -11.22 -20.48 7.48
C VAL E 28 -12.68 -20.52 7.92
N ARG E 29 -13.57 -20.80 6.97
CA ARG E 29 -14.98 -20.94 7.31
C ARG E 29 -15.21 -22.25 8.04
N LEU E 30 -15.80 -22.16 9.23
CA LEU E 30 -16.13 -23.35 10.01
C LEU E 30 -17.58 -23.75 9.83
N ASP E 31 -18.34 -23.00 9.02
CA ASP E 31 -19.72 -23.31 8.68
C ASP E 31 -19.92 -23.02 7.19
N PRO E 32 -20.04 -24.06 6.35
CA PRO E 32 -20.20 -23.83 4.91
C PRO E 32 -21.56 -23.24 4.54
N GLY E 33 -22.49 -23.13 5.48
CA GLY E 33 -23.79 -22.56 5.17
C GLY E 33 -23.84 -21.05 5.18
N LEU E 34 -22.88 -20.39 5.85
CA LEU E 34 -22.88 -18.95 5.92
C LEU E 34 -21.96 -18.35 4.87
N PRO E 35 -22.38 -17.32 4.17
CA PRO E 35 -21.56 -16.77 3.09
C PRO E 35 -20.27 -16.17 3.62
N LEU E 36 -19.23 -16.21 2.79
CA LEU E 36 -17.96 -15.61 3.17
C LEU E 36 -18.16 -14.12 3.45
N PRO E 37 -17.63 -13.60 4.55
CA PRO E 37 -17.71 -12.15 4.80
C PRO E 37 -17.09 -11.37 3.65
N SER E 38 -17.74 -10.26 3.30
CA SER E 38 -17.31 -9.44 2.17
C SER E 38 -17.33 -7.98 2.59
N ARG E 39 -16.35 -7.22 2.08
CA ARG E 39 -16.28 -5.80 2.41
C ARG E 39 -17.41 -4.99 1.76
N ALA E 40 -18.09 -5.57 0.77
CA ALA E 40 -19.19 -4.92 0.05
C ALA E 40 -18.61 -3.69 -0.64
N HIS E 41 -19.08 -2.48 -0.36
CA HIS E 41 -18.49 -1.28 -0.97
C HIS E 41 -17.04 -1.16 -0.53
N ASP E 42 -16.15 -0.97 -1.51
CA ASP E 42 -14.73 -0.83 -1.21
C ASP E 42 -14.47 0.42 -0.35
N GLY E 43 -13.55 0.29 0.59
CA GLY E 43 -13.25 1.36 1.51
C GLY E 43 -14.00 1.29 2.83
N ASP E 44 -15.00 0.43 2.94
CA ASP E 44 -15.73 0.27 4.20
C ASP E 44 -14.77 -0.18 5.29
N ALA E 45 -15.09 0.23 6.53
CA ALA E 45 -14.17 0.03 7.65
C ALA E 45 -13.83 -1.44 7.84
N GLY E 46 -14.85 -2.29 7.94
CA GLY E 46 -14.62 -3.70 8.15
C GLY E 46 -15.75 -4.54 7.57
N VAL E 47 -15.47 -5.83 7.43
CA VAL E 47 -16.45 -6.77 6.90
C VAL E 47 -17.45 -7.12 8.00
N ASP E 48 -18.67 -7.46 7.58
CA ASP E 48 -19.73 -7.82 8.51
C ASP E 48 -19.69 -9.32 8.79
N LEU E 49 -19.98 -9.69 10.03
CA LEU E 49 -19.98 -11.07 10.46
C LEU E 49 -21.41 -11.58 10.58
N TYR E 50 -21.65 -12.81 10.10
CA TYR E 50 -22.95 -13.45 10.19
C TYR E 50 -23.03 -14.30 11.45
N SER E 51 -24.25 -14.53 11.91
CA SER E 51 -24.51 -15.39 13.06
C SER E 51 -24.76 -16.82 12.59
N ALA E 52 -24.15 -17.78 13.27
CA ALA E 52 -24.37 -19.20 12.99
C ALA E 52 -25.39 -19.83 13.93
N GLU E 53 -25.79 -19.14 14.99
CA GLU E 53 -26.71 -19.67 15.99
C GLU E 53 -28.04 -18.93 15.94
N ASP E 54 -29.07 -19.61 16.43
CA ASP E 54 -30.39 -19.03 16.66
C ASP E 54 -30.57 -18.89 18.18
N VAL E 55 -30.36 -17.68 18.69
CA VAL E 55 -30.46 -17.41 20.11
C VAL E 55 -31.45 -16.27 20.33
N GLU E 56 -32.20 -16.36 21.43
CA GLU E 56 -33.09 -15.29 21.87
C GLU E 56 -32.55 -14.74 23.20
N LEU E 57 -32.28 -13.45 23.23
CA LEU E 57 -31.69 -12.81 24.40
C LEU E 57 -32.78 -12.10 25.20
N ALA E 58 -32.95 -12.52 26.45
CA ALA E 58 -33.90 -11.86 27.33
C ALA E 58 -33.38 -10.47 27.71
N PRO E 59 -34.27 -9.56 28.10
CA PRO E 59 -33.82 -8.24 28.55
C PRO E 59 -32.80 -8.31 29.68
N GLY E 60 -31.59 -7.81 29.41
CA GLY E 60 -30.51 -7.85 30.36
C GLY E 60 -29.59 -9.04 30.24
N ARG E 61 -30.03 -10.13 29.60
CA ARG E 61 -29.22 -11.32 29.48
C ARG E 61 -28.13 -11.12 28.43
N ARG E 62 -27.29 -12.15 28.28
CA ARG E 62 -26.21 -12.11 27.31
C ARG E 62 -25.89 -13.52 26.86
N ALA E 63 -25.22 -13.61 25.71
CA ALA E 63 -24.84 -14.90 25.14
C ALA E 63 -23.67 -14.70 24.19
N LEU E 64 -22.87 -15.75 24.02
CA LEU E 64 -21.66 -15.72 23.21
C LEU E 64 -21.97 -16.39 21.88
N VAL E 65 -22.42 -15.59 20.92
CA VAL E 65 -22.86 -16.11 19.61
C VAL E 65 -21.64 -16.41 18.75
N ARG E 66 -21.68 -17.55 18.08
CA ARG E 66 -20.60 -17.96 17.19
C ARG E 66 -20.83 -17.40 15.80
N THR E 67 -19.75 -16.98 15.14
CA THR E 67 -19.83 -16.40 13.81
C THR E 67 -19.55 -17.41 12.71
N GLY E 68 -19.10 -18.62 13.04
CA GLY E 68 -18.84 -19.62 12.03
C GLY E 68 -17.61 -19.39 11.18
N VAL E 69 -16.73 -18.47 11.57
CA VAL E 69 -15.49 -18.21 10.83
C VAL E 69 -14.35 -18.05 11.83
N ALA E 70 -13.13 -18.28 11.33
CA ALA E 70 -11.93 -18.10 12.12
C ALA E 70 -10.90 -17.37 11.26
N VAL E 71 -10.24 -16.38 11.86
CA VAL E 71 -9.29 -15.56 11.12
C VAL E 71 -7.92 -15.66 11.80
N ALA E 72 -6.89 -15.29 11.04
CA ALA E 72 -5.52 -15.24 11.52
C ALA E 72 -5.06 -13.79 11.41
N VAL E 73 -5.27 -13.03 12.48
CA VAL E 73 -4.88 -11.62 12.46
C VAL E 73 -3.38 -11.52 12.23
N PRO E 74 -2.90 -10.72 11.27
CA PRO E 74 -1.47 -10.65 11.01
C PRO E 74 -0.72 -10.06 12.19
N PHE E 75 0.57 -10.38 12.24
CA PHE E 75 1.42 -9.89 13.31
C PHE E 75 1.55 -8.38 13.24
N GLY E 76 1.45 -7.73 14.40
CA GLY E 76 1.48 -6.28 14.44
C GLY E 76 0.15 -5.61 14.21
N MET E 77 -0.91 -6.39 14.04
CA MET E 77 -2.27 -5.88 13.91
C MET E 77 -3.15 -6.53 14.98
N VAL E 78 -4.40 -6.11 15.04
CA VAL E 78 -5.35 -6.64 16.02
C VAL E 78 -6.73 -6.68 15.39
N GLY E 79 -7.49 -7.74 15.67
CA GLY E 79 -8.87 -7.84 15.22
C GLY E 79 -9.79 -7.19 16.23
N LEU E 80 -10.69 -6.35 15.73
CA LEU E 80 -11.61 -5.58 16.56
C LEU E 80 -13.03 -5.81 16.10
N VAL E 81 -13.90 -6.18 17.04
CA VAL E 81 -15.29 -6.51 16.75
C VAL E 81 -16.16 -5.36 17.27
N HIS E 82 -16.82 -4.66 16.35
CA HIS E 82 -17.67 -3.51 16.64
C HIS E 82 -19.14 -3.86 16.48
N PRO E 83 -20.01 -3.39 17.36
CA PRO E 83 -21.45 -3.55 17.15
C PRO E 83 -21.90 -2.75 15.95
N ARG E 84 -23.09 -3.10 15.46
CA ARG E 84 -23.67 -2.45 14.29
C ARG E 84 -24.67 -1.38 14.74
N SER E 85 -24.55 -0.19 14.14
CA SER E 85 -25.35 0.95 14.59
C SER E 85 -26.84 0.72 14.35
N GLY E 86 -27.20 -0.09 13.36
CA GLY E 86 -28.59 -0.40 13.11
C GLY E 86 -29.24 -1.09 14.28
N LEU E 87 -28.72 -2.26 14.65
CA LEU E 87 -29.30 -3.02 15.74
C LEU E 87 -29.11 -2.32 17.08
N ALA E 88 -28.03 -1.56 17.24
CA ALA E 88 -27.77 -0.91 18.52
C ALA E 88 -28.78 0.18 18.82
N THR E 89 -29.16 0.96 17.80
CA THR E 89 -30.08 2.07 18.05
C THR E 89 -31.50 1.58 18.27
N ARG E 90 -31.97 0.65 17.43
CA ARG E 90 -33.40 0.34 17.40
C ARG E 90 -33.78 -0.66 18.49
N VAL E 91 -33.26 -1.88 18.42
CA VAL E 91 -33.61 -2.91 19.40
C VAL E 91 -32.67 -2.95 20.60
N GLY E 92 -31.49 -2.32 20.50
CA GLY E 92 -30.62 -2.18 21.65
C GLY E 92 -29.66 -3.32 21.86
N LEU E 93 -29.05 -3.81 20.78
CA LEU E 93 -28.11 -4.91 20.83
C LEU E 93 -26.69 -4.35 20.78
N SER E 94 -25.88 -4.69 21.79
CA SER E 94 -24.50 -4.24 21.87
C SER E 94 -23.63 -5.42 22.29
N ILE E 95 -22.34 -5.14 22.50
CA ILE E 95 -21.37 -6.14 22.92
C ILE E 95 -20.90 -5.79 24.32
N VAL E 96 -20.75 -6.82 25.16
CA VAL E 96 -20.29 -6.60 26.53
C VAL E 96 -18.89 -6.02 26.53
N ASN E 97 -17.95 -6.72 25.90
CA ASN E 97 -16.61 -6.18 25.64
C ASN E 97 -16.61 -5.50 24.27
N SER E 98 -17.32 -4.37 24.21
CA SER E 98 -17.61 -3.72 22.94
C SER E 98 -16.38 -3.43 22.09
N PRO E 99 -15.20 -3.12 22.64
CA PRO E 99 -13.99 -3.16 21.77
C PRO E 99 -13.35 -4.54 21.79
N GLY E 100 -14.07 -5.52 21.24
CA GLY E 100 -13.66 -6.90 21.26
C GLY E 100 -12.31 -7.16 20.62
N THR E 101 -11.37 -7.68 21.42
CA THR E 101 -9.99 -7.90 20.97
C THR E 101 -9.85 -9.31 20.42
N ILE E 102 -9.29 -9.41 19.21
CA ILE E 102 -8.96 -10.68 18.58
C ILE E 102 -7.45 -10.70 18.41
N ASP E 103 -6.76 -11.42 19.29
CA ASP E 103 -5.29 -11.42 19.28
C ASP E 103 -4.77 -12.01 17.97
N ALA E 104 -3.57 -11.59 17.59
CA ALA E 104 -2.99 -12.03 16.33
C ALA E 104 -2.72 -13.53 16.32
N GLY E 105 -2.33 -14.09 17.46
CA GLY E 105 -2.05 -15.52 17.55
C GLY E 105 -3.25 -16.41 17.77
N TYR E 106 -4.44 -15.85 17.88
CA TYR E 106 -5.64 -16.65 18.08
C TYR E 106 -6.16 -17.17 16.75
N ARG E 107 -6.36 -18.49 16.68
CA ARG E 107 -6.80 -19.15 15.46
C ARG E 107 -8.16 -19.82 15.60
N GLY E 108 -8.83 -19.65 16.74
CA GLY E 108 -10.11 -20.29 16.97
C GLY E 108 -11.26 -19.53 16.34
N GLU E 109 -12.46 -20.07 16.55
CA GLU E 109 -13.66 -19.49 15.97
C GLU E 109 -13.98 -18.14 16.63
N ILE E 110 -14.21 -17.12 15.81
CA ILE E 110 -14.60 -15.82 16.33
C ILE E 110 -15.99 -15.91 16.92
N LYS E 111 -16.15 -15.44 18.15
CA LYS E 111 -17.44 -15.38 18.81
C LYS E 111 -17.71 -13.93 19.24
N VAL E 112 -18.99 -13.59 19.32
CA VAL E 112 -19.43 -12.24 19.67
C VAL E 112 -20.32 -12.35 20.90
N ALA E 113 -19.97 -11.60 21.94
CA ALA E 113 -20.72 -11.60 23.20
C ALA E 113 -21.78 -10.52 23.13
N LEU E 114 -22.94 -10.87 22.59
CA LEU E 114 -24.05 -9.92 22.48
C LEU E 114 -24.76 -9.78 23.82
N ILE E 115 -25.44 -8.65 23.98
CA ILE E 115 -26.15 -8.35 25.22
C ILE E 115 -27.34 -7.45 24.90
N ASN E 116 -28.49 -7.74 25.51
CA ASN E 116 -29.74 -7.04 25.24
C ASN E 116 -29.86 -5.87 26.21
N LEU E 117 -29.70 -4.65 25.68
CA LEU E 117 -29.75 -3.45 26.50
C LEU E 117 -31.15 -2.83 26.55
N ASP E 118 -32.09 -3.34 25.77
CA ASP E 118 -33.45 -2.87 25.84
C ASP E 118 -34.05 -3.23 27.20
N PRO E 119 -34.72 -2.29 27.87
CA PRO E 119 -35.21 -2.57 29.23
C PRO E 119 -36.20 -3.72 29.34
N ALA E 120 -37.12 -3.87 28.38
CA ALA E 120 -38.15 -4.90 28.52
C ALA E 120 -38.61 -5.37 27.14
N ALA E 121 -37.70 -5.94 26.36
CA ALA E 121 -38.05 -6.49 25.06
C ALA E 121 -37.05 -7.56 24.67
N PRO E 122 -37.46 -8.82 24.60
CA PRO E 122 -36.54 -9.88 24.16
C PRO E 122 -36.19 -9.72 22.70
N ILE E 123 -34.95 -10.06 22.37
CA ILE E 123 -34.43 -9.94 21.01
C ILE E 123 -34.20 -11.32 20.44
N VAL E 124 -34.59 -11.50 19.18
CA VAL E 124 -34.48 -12.79 18.49
C VAL E 124 -33.46 -12.64 17.36
N VAL E 125 -32.43 -13.47 17.39
CA VAL E 125 -31.37 -13.47 16.37
C VAL E 125 -31.51 -14.74 15.56
N HIS E 126 -31.64 -14.58 14.25
CA HIS E 126 -31.74 -15.70 13.34
C HIS E 126 -30.39 -16.01 12.69
N ARG E 127 -30.26 -17.23 12.18
CA ARG E 127 -29.05 -17.61 11.47
C ARG E 127 -28.89 -16.75 10.22
N GLY E 128 -27.67 -16.31 9.97
CA GLY E 128 -27.36 -15.48 8.82
C GLY E 128 -27.45 -13.99 9.06
N ASP E 129 -28.09 -13.57 10.15
CA ASP E 129 -28.17 -12.14 10.47
C ASP E 129 -26.78 -11.59 10.76
N ARG E 130 -26.48 -10.43 10.18
CA ARG E 130 -25.20 -9.77 10.41
C ARG E 130 -25.30 -8.99 11.71
N ILE E 131 -24.60 -9.48 12.74
CA ILE E 131 -24.72 -8.93 14.08
C ILE E 131 -23.68 -7.84 14.35
N ALA E 132 -22.44 -8.05 13.91
CA ALA E 132 -21.36 -7.13 14.18
C ALA E 132 -20.41 -7.10 12.98
N GLN E 133 -19.53 -6.11 12.97
CA GLN E 133 -18.52 -5.97 11.93
C GLN E 133 -17.14 -6.18 12.53
N LEU E 134 -16.20 -6.60 11.67
CA LEU E 134 -14.83 -6.91 12.09
C LEU E 134 -13.86 -5.97 11.41
N LEU E 135 -13.11 -5.21 12.21
CA LEU E 135 -12.07 -4.32 11.72
C LEU E 135 -10.69 -4.90 12.00
N VAL E 136 -9.71 -4.48 11.20
CA VAL E 136 -8.32 -4.87 11.35
C VAL E 136 -7.47 -3.61 11.32
N GLN E 137 -6.82 -3.31 12.44
CA GLN E 137 -5.98 -2.13 12.56
C GLN E 137 -4.59 -2.52 13.04
N ARG E 138 -3.61 -1.69 12.68
CA ARG E 138 -2.23 -1.91 13.12
C ARG E 138 -2.06 -1.36 14.52
N VAL E 139 -1.76 -2.24 15.48
CA VAL E 139 -1.54 -1.86 16.86
C VAL E 139 -0.03 -1.83 17.12
N GLU E 140 0.41 -0.88 17.92
CA GLU E 140 1.83 -0.70 18.22
C GLU E 140 2.21 -1.61 19.39
N LEU E 141 3.00 -2.64 19.09
CA LEU E 141 3.52 -3.53 20.14
C LEU E 141 4.62 -2.81 20.89
N VAL E 142 4.26 -2.20 22.01
CA VAL E 142 5.19 -1.35 22.75
C VAL E 142 5.96 -2.19 23.76
N GLU E 143 7.08 -1.63 24.23
CA GLU E 143 7.94 -2.25 25.23
C GLU E 143 7.89 -1.40 26.49
N LEU E 144 7.30 -1.95 27.55
CA LEU E 144 7.16 -1.20 28.79
C LEU E 144 8.50 -1.06 29.50
N VAL E 145 8.80 0.15 29.93
CA VAL E 145 10.04 0.46 30.64
C VAL E 145 9.67 1.27 31.89
N GLU E 146 10.09 0.78 33.05
CA GLU E 146 9.77 1.47 34.30
C GLU E 146 10.78 2.58 34.57
N VAL E 147 10.28 3.73 35.02
CA VAL E 147 11.12 4.87 35.35
C VAL E 147 10.74 5.37 36.74
N SER E 148 11.65 6.15 37.33
CA SER E 148 11.42 6.67 38.68
C SER E 148 10.28 7.68 38.69
N SER E 149 10.29 8.62 37.76
CA SER E 149 9.25 9.63 37.65
C SER E 149 9.37 10.27 36.28
N PHE E 150 8.22 10.42 35.59
CA PHE E 150 8.18 10.98 34.23
C PHE E 150 9.05 12.22 34.11
N ASP E 151 10.13 12.12 33.36
CA ASP E 151 11.03 13.26 33.19
C ASP E 151 11.15 13.62 31.72
N ALA E 153 7.61 14.59 30.01
CA ALA E 153 6.72 15.74 30.07
C ALA E 153 7.28 16.84 30.98
N GLY E 154 8.09 17.72 30.40
CA GLY E 154 8.61 18.89 31.07
C GLY E 154 9.16 18.66 32.47
N LEU E 155 10.10 17.73 32.60
CA LEU E 155 10.70 17.40 33.90
C LEU E 155 9.64 16.98 34.92
N SER F 22 11.61 0.64 17.28
CA SER F 22 10.77 0.22 18.39
C SER F 22 9.95 1.39 18.94
N THR F 23 8.96 1.08 19.77
CA THR F 23 8.08 2.08 20.37
C THR F 23 8.02 1.83 21.88
N THR F 24 9.10 2.16 22.57
CA THR F 24 9.15 1.96 24.01
C THR F 24 8.28 2.99 24.72
N LEU F 25 7.59 2.55 25.78
CA LEU F 25 6.66 3.39 26.53
C LEU F 25 7.03 3.36 28.00
N ALA F 26 7.18 4.55 28.60
CA ALA F 26 7.56 4.66 30.00
C ALA F 26 6.35 4.47 30.91
N ILE F 27 6.61 4.02 32.13
CA ILE F 27 5.55 3.77 33.10
C ILE F 27 6.10 3.87 34.52
N VAL F 28 5.37 4.56 35.40
CA VAL F 28 5.76 4.70 36.80
C VAL F 28 4.80 3.85 37.63
N ARG F 29 5.35 2.84 38.31
CA ARG F 29 4.53 1.97 39.14
C ARG F 29 4.13 2.71 40.41
N LEU F 30 3.01 3.45 40.36
CA LEU F 30 2.51 4.16 41.53
C LEU F 30 2.10 3.22 42.65
N ASP F 31 1.98 1.93 42.37
CA ASP F 31 1.67 0.91 43.39
C ASP F 31 2.72 -0.19 43.25
N PRO F 32 3.80 -0.13 44.02
CA PRO F 32 4.80 -1.22 43.95
C PRO F 32 4.26 -2.57 44.37
N GLY F 33 3.10 -2.62 45.04
CA GLY F 33 2.53 -3.89 45.45
C GLY F 33 2.00 -4.73 44.30
N LEU F 34 1.74 -4.12 43.15
CA LEU F 34 1.25 -4.83 41.99
C LEU F 34 2.37 -5.04 40.97
N PRO F 35 2.26 -6.07 40.14
CA PRO F 35 3.27 -6.27 39.09
C PRO F 35 3.08 -5.27 37.95
N LEU F 36 4.18 -4.95 37.28
CA LEU F 36 4.08 -4.12 36.09
C LEU F 36 3.43 -4.92 34.97
N PRO F 37 2.62 -4.27 34.12
CA PRO F 37 1.94 -5.01 33.05
C PRO F 37 2.93 -5.67 32.11
N SER F 38 2.57 -6.86 31.63
CA SER F 38 3.41 -7.64 30.75
C SER F 38 2.60 -8.10 29.54
N ARG F 39 3.19 -7.99 28.36
CA ARG F 39 2.52 -8.45 27.15
C ARG F 39 2.38 -9.97 27.08
N ALA F 40 3.23 -10.70 27.83
CA ALA F 40 3.25 -12.16 27.80
C ALA F 40 3.57 -12.71 26.41
N HIS F 41 2.65 -13.52 25.88
CA HIS F 41 2.81 -14.08 24.55
C HIS F 41 2.91 -12.96 23.53
N ASP F 42 3.97 -13.00 22.72
CA ASP F 42 4.22 -11.94 21.77
C ASP F 42 3.16 -11.94 20.67
N GLY F 43 2.83 -10.74 20.20
CA GLY F 43 1.79 -10.53 19.22
C GLY F 43 0.45 -10.20 19.81
N ASP F 44 0.26 -10.40 21.12
CA ASP F 44 -0.98 -10.02 21.76
C ASP F 44 -1.21 -8.52 21.66
N ALA F 45 -2.48 -8.13 21.67
CA ALA F 45 -2.84 -6.74 21.39
C ALA F 45 -2.22 -5.79 22.41
N GLY F 46 -2.45 -6.03 23.70
CA GLY F 46 -1.96 -5.11 24.71
C GLY F 46 -1.72 -5.78 26.05
N VAL F 47 -1.02 -5.05 26.90
CA VAL F 47 -0.73 -5.49 28.26
C VAL F 47 -1.97 -5.29 29.12
N ASP F 48 -2.13 -6.15 30.13
CA ASP F 48 -3.28 -6.06 31.03
C ASP F 48 -2.95 -5.18 32.23
N LEU F 49 -3.96 -4.47 32.72
CA LEU F 49 -3.82 -3.62 33.90
C LEU F 49 -4.36 -4.33 35.13
N TYR F 50 -3.65 -4.22 36.22
CA TYR F 50 -4.07 -4.80 37.49
C TYR F 50 -4.86 -3.80 38.32
N SER F 51 -5.68 -4.32 39.22
CA SER F 51 -6.49 -3.50 40.11
C SER F 51 -5.73 -3.21 41.40
N ALA F 52 -5.71 -1.93 41.79
CA ALA F 52 -5.11 -1.52 43.06
C ALA F 52 -6.12 -1.39 44.18
N GLU F 53 -7.42 -1.37 43.86
CA GLU F 53 -8.47 -1.19 44.85
C GLU F 53 -9.34 -2.43 44.94
N ASP F 54 -10.02 -2.57 46.07
CA ASP F 54 -10.98 -3.65 46.30
C ASP F 54 -12.37 -3.05 46.19
N VAL F 55 -13.07 -3.35 45.11
CA VAL F 55 -14.40 -2.80 44.87
C VAL F 55 -15.36 -3.95 44.63
N GLU F 56 -16.60 -3.76 45.05
CA GLU F 56 -17.70 -4.69 44.80
C GLU F 56 -18.78 -3.93 44.04
N LEU F 57 -19.08 -4.40 42.83
CA LEU F 57 -20.02 -3.72 41.94
C LEU F 57 -21.38 -4.40 42.05
N ALA F 58 -22.35 -3.70 42.63
CA ALA F 58 -23.72 -4.18 42.63
C ALA F 58 -24.29 -4.11 41.21
N PRO F 59 -25.30 -4.94 40.91
CA PRO F 59 -25.93 -4.90 39.58
C PRO F 59 -26.37 -3.49 39.19
N GLY F 60 -25.73 -2.94 38.15
CA GLY F 60 -25.98 -1.59 37.70
C GLY F 60 -25.01 -0.57 38.27
N ARG F 61 -24.51 -0.80 39.47
CA ARG F 61 -23.58 0.13 40.09
C ARG F 61 -22.28 0.21 39.29
N ARG F 62 -21.53 1.29 39.51
CA ARG F 62 -20.27 1.52 38.83
C ARG F 62 -19.29 2.17 39.80
N ALA F 63 -18.01 2.09 39.45
CA ALA F 63 -16.96 2.69 40.26
C ALA F 63 -15.74 2.93 39.39
N LEU F 64 -14.95 3.94 39.76
CA LEU F 64 -13.74 4.29 39.04
C LEU F 64 -12.56 3.65 39.77
N VAL F 65 -12.25 2.41 39.38
CA VAL F 65 -11.21 1.65 40.05
C VAL F 65 -9.84 2.16 39.62
N ARG F 66 -8.94 2.31 40.59
CA ARG F 66 -7.59 2.76 40.29
C ARG F 66 -6.71 1.59 39.89
N THR F 67 -5.87 1.81 38.87
CA THR F 67 -4.97 0.78 38.39
C THR F 67 -3.56 0.87 38.95
N GLY F 68 -3.23 1.96 39.66
CA GLY F 68 -1.95 2.07 40.31
C GLY F 68 -0.76 2.21 39.39
N VAL F 69 -0.98 2.52 38.10
CA VAL F 69 0.11 2.75 37.16
C VAL F 69 -0.21 3.98 36.33
N ALA F 70 0.85 4.59 35.81
CA ALA F 70 0.75 5.75 34.93
C ALA F 70 1.68 5.53 33.75
N VAL F 71 1.17 5.79 32.54
CA VAL F 71 1.92 5.56 31.32
C VAL F 71 2.08 6.89 30.59
N ALA F 72 3.14 6.99 29.79
CA ALA F 72 3.42 8.15 28.95
C ALA F 72 3.20 7.72 27.50
N VAL F 73 1.98 7.89 27.02
CA VAL F 73 1.67 7.55 25.62
C VAL F 73 2.44 8.50 24.70
N PRO F 74 3.16 7.98 23.70
CA PRO F 74 3.92 8.86 22.81
C PRO F 74 2.99 9.73 21.97
N PHE F 75 3.56 10.81 21.44
CA PHE F 75 2.79 11.72 20.61
C PHE F 75 2.38 11.03 19.31
N GLY F 76 1.17 11.34 18.84
CA GLY F 76 0.66 10.70 17.65
C GLY F 76 0.01 9.36 17.89
N MET F 77 -0.06 8.89 19.14
CA MET F 77 -0.72 7.65 19.49
C MET F 77 -1.77 7.91 20.57
N VAL F 78 -2.53 6.87 20.90
CA VAL F 78 -3.56 6.97 21.93
C VAL F 78 -3.56 5.68 22.74
N GLY F 79 -3.74 5.81 24.05
CA GLY F 79 -3.89 4.65 24.91
C GLY F 79 -5.35 4.26 25.00
N LEU F 80 -5.63 2.98 24.75
CA LEU F 80 -6.98 2.46 24.71
C LEU F 80 -7.13 1.34 25.72
N VAL F 81 -8.11 1.48 26.61
CA VAL F 81 -8.38 0.50 27.66
C VAL F 81 -9.63 -0.28 27.26
N HIS F 82 -9.46 -1.56 26.93
CA HIS F 82 -10.50 -2.49 26.50
C HIS F 82 -10.89 -3.42 27.64
N PRO F 83 -12.17 -3.76 27.76
CA PRO F 83 -12.57 -4.79 28.72
C PRO F 83 -12.01 -6.15 28.32
N ARG F 84 -11.91 -7.03 29.31
CA ARG F 84 -11.42 -8.39 29.09
C ARG F 84 -12.60 -9.32 28.84
N SER F 85 -12.50 -10.11 27.77
CA SER F 85 -13.61 -10.96 27.37
C SER F 85 -13.94 -12.01 28.43
N GLY F 86 -12.94 -12.45 29.19
CA GLY F 86 -13.17 -13.43 30.23
C GLY F 86 -14.15 -12.95 31.28
N LEU F 87 -13.84 -11.83 31.92
CA LEU F 87 -14.73 -11.30 32.95
C LEU F 87 -16.01 -10.74 32.34
N ALA F 88 -15.96 -10.33 31.08
CA ALA F 88 -17.16 -9.78 30.44
C ALA F 88 -18.21 -10.86 30.22
N THR F 89 -17.78 -12.07 29.84
CA THR F 89 -18.75 -13.11 29.50
C THR F 89 -19.32 -13.77 30.74
N ARG F 90 -18.47 -14.03 31.74
CA ARG F 90 -18.88 -14.82 32.90
C ARG F 90 -19.70 -14.00 33.89
N VAL F 91 -19.07 -13.00 34.52
CA VAL F 91 -19.76 -12.19 35.51
C VAL F 91 -20.43 -10.95 34.91
N GLY F 92 -20.13 -10.63 33.65
CA GLY F 92 -20.73 -9.46 33.03
C GLY F 92 -20.08 -8.14 33.40
N LEU F 93 -18.76 -8.11 33.46
CA LEU F 93 -18.02 -6.90 33.85
C LEU F 93 -17.56 -6.16 32.60
N SER F 94 -17.96 -4.90 32.46
CA SER F 94 -17.58 -4.09 31.32
C SER F 94 -17.18 -2.71 31.82
N ILE F 95 -16.87 -1.82 30.87
CA ILE F 95 -16.46 -0.46 31.14
C ILE F 95 -17.52 0.47 30.56
N VAL F 96 -17.85 1.53 31.30
CA VAL F 96 -18.87 2.47 30.83
C VAL F 96 -18.38 3.17 29.57
N ASN F 97 -17.24 3.86 29.66
CA ASN F 97 -16.59 4.45 28.49
C ASN F 97 -15.66 3.41 27.86
N SER F 98 -16.30 2.35 27.33
CA SER F 98 -15.59 1.11 27.06
C SER F 98 -14.37 1.26 26.13
N PRO F 99 -14.35 2.13 25.11
CA PRO F 99 -13.05 2.37 24.45
C PRO F 99 -12.28 3.48 25.13
N GLY F 100 -11.88 3.23 26.38
CA GLY F 100 -11.25 4.21 27.23
C GLY F 100 -10.04 4.90 26.65
N THR F 101 -10.11 6.23 26.51
CA THR F 101 -9.07 7.00 25.85
C THR F 101 -8.06 7.49 26.86
N ILE F 102 -6.78 7.26 26.56
CA ILE F 102 -5.66 7.74 27.38
C ILE F 102 -4.85 8.67 26.50
N ASP F 103 -4.99 9.98 26.73
CA ASP F 103 -4.34 10.96 25.90
C ASP F 103 -2.82 10.89 26.04
N ALA F 104 -2.12 11.32 24.99
CA ALA F 104 -0.67 11.25 24.98
C ALA F 104 -0.05 12.11 26.07
N GLY F 105 -0.68 13.23 26.42
CA GLY F 105 -0.15 14.11 27.43
C GLY F 105 -0.54 13.82 28.85
N TYR F 106 -1.30 12.75 29.09
CA TYR F 106 -1.75 12.41 30.43
C TYR F 106 -0.67 11.66 31.18
N ARG F 107 -0.33 12.13 32.38
CA ARG F 107 0.71 11.54 33.20
C ARG F 107 0.18 10.99 34.52
N GLY F 108 -1.13 11.03 34.75
CA GLY F 108 -1.70 10.62 36.00
C GLY F 108 -1.97 9.12 36.07
N GLU F 109 -2.45 8.70 37.24
CA GLU F 109 -2.78 7.30 37.45
C GLU F 109 -3.96 6.90 36.59
N ILE F 110 -3.78 5.86 35.76
CA ILE F 110 -4.86 5.39 34.92
C ILE F 110 -5.92 4.71 35.80
N LYS F 111 -7.17 5.08 35.60
CA LYS F 111 -8.30 4.47 36.29
C LYS F 111 -9.26 3.87 35.27
N VAL F 112 -10.04 2.90 35.71
CA VAL F 112 -10.98 2.19 34.85
C VAL F 112 -12.39 2.35 35.41
N ALA F 113 -13.31 2.76 34.55
CA ALA F 113 -14.71 2.99 34.95
C ALA F 113 -15.51 1.73 34.69
N LEU F 114 -15.47 0.80 35.63
CA LEU F 114 -16.20 -0.45 35.48
C LEU F 114 -17.68 -0.27 35.79
N ILE F 115 -18.49 -1.18 35.25
CA ILE F 115 -19.91 -1.22 35.55
C ILE F 115 -20.36 -2.67 35.51
N ASN F 116 -21.18 -3.05 36.49
CA ASN F 116 -21.72 -4.41 36.59
C ASN F 116 -22.98 -4.48 35.73
N LEU F 117 -22.85 -5.06 34.53
CA LEU F 117 -23.99 -5.17 33.62
C LEU F 117 -24.88 -6.38 33.91
N ASP F 118 -24.47 -7.26 34.82
CA ASP F 118 -25.28 -8.43 35.13
C ASP F 118 -26.61 -8.00 35.74
N PRO F 119 -27.73 -8.61 35.31
CA PRO F 119 -29.05 -8.17 35.82
C PRO F 119 -29.20 -8.25 37.32
N ALA F 120 -28.70 -9.32 37.95
CA ALA F 120 -28.88 -9.47 39.39
C ALA F 120 -27.81 -10.36 40.03
N ALA F 121 -26.55 -10.10 39.71
CA ALA F 121 -25.47 -10.88 40.31
C ALA F 121 -24.29 -9.96 40.65
N PRO F 122 -23.97 -9.80 41.94
CA PRO F 122 -22.89 -8.88 42.31
C PRO F 122 -21.53 -9.38 41.87
N ILE F 123 -20.65 -8.44 41.54
CA ILE F 123 -19.27 -8.72 41.16
C ILE F 123 -18.35 -8.18 42.24
N VAL F 124 -17.35 -8.97 42.60
CA VAL F 124 -16.35 -8.58 43.60
C VAL F 124 -14.99 -8.60 42.94
N VAL F 125 -14.30 -7.46 43.00
CA VAL F 125 -12.97 -7.30 42.42
C VAL F 125 -11.97 -7.20 43.56
N HIS F 126 -10.98 -8.08 43.56
CA HIS F 126 -9.93 -8.08 44.57
C HIS F 126 -8.68 -7.39 44.02
N ARG F 127 -7.79 -7.03 44.94
CA ARG F 127 -6.56 -6.38 44.56
C ARG F 127 -5.69 -7.32 43.74
N GLY F 128 -5.08 -6.79 42.68
CA GLY F 128 -4.27 -7.58 41.79
C GLY F 128 -5.01 -8.23 40.64
N ASP F 129 -6.35 -8.29 40.70
CA ASP F 129 -7.11 -8.89 39.62
C ASP F 129 -6.92 -8.11 38.33
N ARG F 130 -6.72 -8.83 37.23
CA ARG F 130 -6.56 -8.21 35.92
C ARG F 130 -7.93 -7.75 35.44
N ILE F 131 -8.12 -6.43 35.40
CA ILE F 131 -9.43 -5.85 35.10
C ILE F 131 -9.57 -5.56 33.61
N ALA F 132 -8.56 -4.94 33.00
CA ALA F 132 -8.64 -4.56 31.60
C ALA F 132 -7.26 -4.65 30.98
N GLN F 133 -7.22 -4.60 29.66
CA GLN F 133 -5.98 -4.57 28.90
C GLN F 133 -5.80 -3.21 28.24
N LEU F 134 -4.54 -2.83 28.03
CA LEU F 134 -4.20 -1.50 27.54
C LEU F 134 -3.55 -1.63 26.16
N LEU F 135 -4.14 -0.97 25.18
CA LEU F 135 -3.61 -0.94 23.83
C LEU F 135 -3.09 0.45 23.49
N VAL F 136 -2.13 0.50 22.56
CA VAL F 136 -1.55 1.75 22.09
C VAL F 136 -1.53 1.70 20.57
N GLN F 137 -2.26 2.61 19.94
CA GLN F 137 -2.35 2.69 18.49
C GLN F 137 -2.02 4.10 18.02
N ARG F 138 -1.44 4.19 16.83
CA ARG F 138 -1.15 5.47 16.21
C ARG F 138 -2.44 6.06 15.65
N VAL F 139 -2.84 7.22 16.18
CA VAL F 139 -4.03 7.93 15.73
C VAL F 139 -3.61 9.05 14.78
N GLU F 140 -4.39 9.28 13.74
CA GLU F 140 -4.12 10.31 12.76
C GLU F 140 -4.73 11.62 13.23
N LEU F 141 -3.88 12.57 13.63
CA LEU F 141 -4.34 13.87 14.10
C LEU F 141 -4.74 14.71 12.90
N VAL F 142 -6.04 14.80 12.63
CA VAL F 142 -6.53 15.45 11.43
C VAL F 142 -6.83 16.92 11.72
N GLU F 143 -6.97 17.70 10.65
CA GLU F 143 -7.25 19.13 10.72
C GLU F 143 -8.63 19.39 10.14
N LEU F 144 -9.54 19.86 10.99
CA LEU F 144 -10.91 20.10 10.55
C LEU F 144 -11.00 21.36 9.70
N VAL F 145 -11.64 21.24 8.54
CA VAL F 145 -11.86 22.35 7.63
C VAL F 145 -13.33 22.36 7.23
N GLU F 146 -14.00 23.50 7.40
CA GLU F 146 -15.40 23.59 7.03
C GLU F 146 -15.54 23.82 5.54
N VAL F 147 -16.53 23.15 4.93
CA VAL F 147 -16.75 23.20 3.49
C VAL F 147 -18.23 23.43 3.22
N SER F 148 -18.51 23.84 1.98
CA SER F 148 -19.89 24.19 1.62
C SER F 148 -20.78 22.96 1.51
N SER F 149 -20.33 21.95 0.74
CA SER F 149 -21.15 20.77 0.52
C SER F 149 -20.34 19.60 -0.04
N PHE F 150 -19.17 19.34 0.55
CA PHE F 150 -18.29 18.25 0.15
C PHE F 150 -18.06 18.25 -1.37
N ASP F 151 -17.59 19.40 -1.86
CA ASP F 151 -17.39 19.55 -3.30
C ASP F 151 -16.32 18.59 -3.81
N GLU F 152 -15.16 18.56 -3.15
CA GLU F 152 -14.06 17.67 -3.49
C GLU F 152 -13.64 17.82 -4.95
N PRO G 17 -29.44 -29.95 -5.29
CA PRO G 17 -30.40 -28.84 -5.30
C PRO G 17 -29.70 -27.49 -5.20
N THR G 18 -28.50 -27.40 -5.80
CA THR G 18 -27.74 -26.16 -5.75
C THR G 18 -28.45 -25.03 -6.49
N HIS G 19 -28.81 -25.26 -7.74
CA HIS G 19 -29.43 -24.29 -8.64
C HIS G 19 -28.51 -23.12 -8.97
N TYR G 20 -27.25 -23.16 -8.54
CA TYR G 20 -26.34 -22.05 -8.80
C TYR G 20 -25.99 -21.92 -10.27
N GLY G 21 -25.97 -23.04 -11.00
CA GLY G 21 -25.67 -22.96 -12.43
C GLY G 21 -26.65 -22.08 -13.17
N THR G 22 -27.95 -22.26 -12.88
CA THR G 22 -28.96 -21.39 -13.47
C THR G 22 -28.81 -19.96 -12.99
N ILE G 23 -28.40 -19.77 -11.74
CA ILE G 23 -28.23 -18.41 -11.19
C ILE G 23 -27.10 -17.68 -11.92
N ILE G 24 -26.00 -18.37 -12.21
CA ILE G 24 -24.87 -17.72 -12.86
C ILE G 24 -25.21 -17.39 -14.31
N LYS G 25 -25.80 -18.34 -15.03
CA LYS G 25 -26.11 -18.14 -16.45
C LYS G 25 -27.05 -16.97 -16.65
N THR G 26 -28.08 -16.87 -15.81
CA THR G 26 -29.02 -15.75 -15.91
C THR G 26 -28.35 -14.43 -15.60
N LEU G 27 -27.55 -14.40 -14.53
CA LEU G 27 -26.84 -13.17 -14.17
C LEU G 27 -25.80 -12.79 -15.21
N ARG G 28 -25.05 -13.79 -15.72
CA ARG G 28 -24.03 -13.51 -16.72
C ARG G 28 -24.62 -12.82 -17.95
N LYS G 29 -25.79 -13.27 -18.39
CA LYS G 29 -26.44 -12.61 -19.53
C LYS G 29 -26.92 -11.21 -19.17
N TYR G 30 -27.27 -10.98 -17.90
CA TYR G 30 -27.70 -9.65 -17.47
C TYR G 30 -26.59 -8.63 -17.66
N MET G 31 -25.35 -9.01 -17.35
CA MET G 31 -24.20 -8.13 -17.47
C MET G 31 -23.62 -8.05 -18.87
N LYS G 32 -24.22 -8.75 -19.83
CA LYS G 32 -23.69 -8.83 -21.20
C LYS G 32 -22.24 -9.31 -21.20
N LEU G 33 -21.96 -10.31 -20.38
CA LEU G 33 -20.65 -10.94 -20.32
C LEU G 33 -20.66 -12.22 -21.13
N THR G 34 -19.64 -12.40 -21.97
CA THR G 34 -19.48 -13.63 -22.72
C THR G 34 -18.67 -14.63 -21.90
N GLN G 35 -18.82 -15.92 -22.23
CA GLN G 35 -18.12 -16.97 -21.50
C GLN G 35 -16.62 -16.83 -21.60
N SER G 36 -16.11 -16.18 -22.65
CA SER G 36 -14.69 -15.88 -22.74
C SER G 36 -14.31 -14.74 -21.81
N LYS G 37 -15.13 -13.68 -21.75
CA LYS G 37 -14.83 -12.56 -20.86
C LYS G 37 -14.93 -12.96 -19.40
N LEU G 38 -15.92 -13.79 -19.05
CA LEU G 38 -15.99 -14.30 -17.68
C LEU G 38 -14.88 -15.30 -17.41
N SER G 39 -14.40 -15.99 -18.45
CA SER G 39 -13.23 -16.83 -18.32
C SER G 39 -12.00 -16.01 -17.95
N GLU G 40 -11.95 -14.75 -18.42
CA GLU G 40 -10.80 -13.90 -18.11
C GLU G 40 -10.82 -13.44 -16.66
N ARG G 41 -11.99 -13.09 -16.14
CA ARG G 41 -12.08 -12.48 -14.81
C ARG G 41 -12.04 -13.50 -13.69
N THR G 42 -12.33 -14.77 -13.95
CA THR G 42 -12.31 -15.80 -12.92
C THR G 42 -11.17 -16.79 -13.07
N GLY G 43 -10.49 -16.81 -14.22
CA GLY G 43 -9.46 -17.79 -14.47
C GLY G 43 -9.96 -19.14 -14.93
N PHE G 44 -11.25 -19.42 -14.76
CA PHE G 44 -11.83 -20.66 -15.26
C PHE G 44 -11.80 -20.68 -16.79
N SER G 45 -11.84 -21.88 -17.35
CA SER G 45 -11.91 -22.01 -18.79
C SER G 45 -13.35 -21.78 -19.27
N GLN G 46 -13.48 -21.43 -20.55
CA GLN G 46 -14.80 -21.32 -21.15
C GLN G 46 -15.55 -22.64 -21.07
N ASN G 47 -14.83 -23.75 -20.90
CA ASN G 47 -15.44 -25.07 -20.75
C ASN G 47 -15.78 -25.39 -19.30
N THR G 48 -15.03 -24.83 -18.34
CA THR G 48 -15.38 -24.99 -16.94
C THR G 48 -16.64 -24.20 -16.61
N ILE G 49 -16.78 -23.01 -17.20
CA ILE G 49 -17.99 -22.22 -17.03
C ILE G 49 -19.16 -22.90 -17.75
N SER G 50 -18.88 -23.61 -18.84
CA SER G 50 -19.95 -24.30 -19.56
C SER G 50 -20.55 -25.42 -18.72
N ASN G 51 -19.71 -26.22 -18.06
CA ASN G 51 -20.22 -27.31 -17.24
C ASN G 51 -20.93 -26.80 -15.99
N HIS G 52 -20.52 -25.65 -15.47
CA HIS G 52 -21.19 -25.09 -14.30
C HIS G 52 -22.55 -24.52 -14.67
N GLU G 53 -22.62 -23.75 -15.76
CA GLU G 53 -23.87 -23.14 -16.18
C GLU G 53 -24.82 -24.17 -16.79
N ASN G 54 -24.33 -25.33 -17.20
CA ASN G 54 -25.17 -26.41 -17.69
C ASN G 54 -25.38 -27.50 -16.65
N GLY G 55 -24.91 -27.30 -15.43
CA GLY G 55 -25.16 -28.25 -14.36
C GLY G 55 -24.37 -29.53 -14.45
N ASN G 56 -23.28 -29.55 -15.20
CA ASN G 56 -22.42 -30.73 -15.30
C ASN G 56 -21.32 -30.76 -14.25
N ARG G 57 -21.39 -29.86 -13.26
CA ARG G 57 -20.45 -29.86 -12.14
C ARG G 57 -21.03 -28.99 -11.05
N ASN G 58 -21.18 -29.55 -9.85
CA ASN G 58 -21.69 -28.76 -8.73
C ASN G 58 -20.69 -27.69 -8.36
N ILE G 59 -21.16 -26.43 -8.35
CA ILE G 59 -20.27 -25.31 -8.03
C ILE G 59 -19.92 -25.36 -6.55
N GLY G 60 -18.62 -25.34 -6.26
CA GLY G 60 -18.16 -25.41 -4.88
C GLY G 60 -18.51 -24.16 -4.08
N VAL G 61 -18.26 -24.26 -2.78
CA VAL G 61 -18.60 -23.16 -1.88
C VAL G 61 -17.65 -21.98 -2.06
N ASN G 62 -16.42 -22.24 -2.47
CA ASN G 62 -15.45 -21.18 -2.74
C ASN G 62 -15.53 -20.65 -4.16
N GLU G 63 -16.08 -21.43 -5.09
CA GLU G 63 -16.17 -20.97 -6.47
C GLU G 63 -17.23 -19.89 -6.65
N ILE G 64 -18.29 -19.93 -5.82
CA ILE G 64 -19.33 -18.90 -5.90
C ILE G 64 -18.75 -17.53 -5.64
N GLU G 65 -17.83 -17.42 -4.68
CA GLU G 65 -17.19 -16.14 -4.41
C GLU G 65 -16.41 -15.66 -5.63
N ILE G 66 -15.75 -16.57 -6.33
CA ILE G 66 -14.97 -16.20 -7.52
C ILE G 66 -15.88 -15.57 -8.56
N TYR G 67 -16.91 -16.30 -8.99
CA TYR G 67 -17.89 -15.78 -9.94
C TYR G 67 -18.45 -14.44 -9.49
N GLY G 68 -18.80 -14.34 -8.20
CA GLY G 68 -19.31 -13.10 -7.67
C GLY G 68 -18.40 -11.93 -7.96
N LYS G 69 -17.10 -12.10 -7.73
CA LYS G 69 -16.12 -11.08 -8.06
C LYS G 69 -15.94 -10.90 -9.57
N GLY G 70 -16.40 -11.85 -10.37
CA GLY G 70 -16.32 -11.72 -11.81
C GLY G 70 -17.57 -11.10 -12.41
N LEU G 71 -18.71 -11.37 -11.77
CA LEU G 71 -19.99 -10.82 -12.19
C LEU G 71 -20.30 -9.47 -11.56
N GLY G 72 -19.38 -8.90 -10.79
CA GLY G 72 -19.61 -7.60 -10.18
C GLY G 72 -20.76 -7.57 -9.21
N ILE G 73 -21.08 -8.70 -8.59
CA ILE G 73 -22.21 -8.84 -7.68
C ILE G 73 -21.69 -9.39 -6.36
N PRO G 74 -22.04 -8.79 -5.22
CA PRO G 74 -21.59 -9.32 -3.93
C PRO G 74 -22.02 -10.76 -3.75
N SER G 75 -21.09 -11.59 -3.28
CA SER G 75 -21.37 -13.01 -3.12
C SER G 75 -22.43 -13.28 -2.05
N TYR G 76 -22.69 -12.30 -1.17
CA TYR G 76 -23.76 -12.46 -0.21
C TYR G 76 -25.13 -12.45 -0.88
N ILE G 77 -25.26 -11.75 -2.00
CA ILE G 77 -26.53 -11.73 -2.72
C ILE G 77 -26.80 -13.10 -3.36
N LEU G 78 -25.74 -13.79 -3.77
CA LEU G 78 -25.92 -15.05 -4.48
C LEU G 78 -26.51 -16.12 -3.57
N HIS G 79 -26.13 -16.12 -2.29
CA HIS G 79 -26.75 -17.05 -1.34
C HIS G 79 -28.22 -16.74 -1.12
N ARG G 80 -28.57 -15.44 -1.13
CA ARG G 80 -29.97 -15.07 -0.94
C ARG G 80 -30.83 -15.53 -2.11
N ILE G 81 -30.29 -15.48 -3.33
CA ILE G 81 -31.03 -15.96 -4.50
C ILE G 81 -31.27 -17.46 -4.39
N SER G 82 -30.25 -18.21 -4.00
CA SER G 82 -30.41 -19.65 -3.81
C SER G 82 -31.35 -19.97 -2.65
N ASP G 83 -31.47 -19.06 -1.67
CA ASP G 83 -32.44 -19.26 -0.60
C ASP G 83 -33.86 -19.32 -1.13
N GLU G 84 -34.16 -18.56 -2.19
CA GLU G 84 -35.49 -18.59 -2.77
C GLU G 84 -35.72 -19.88 -3.55
N PHE G 85 -34.67 -20.45 -4.15
CA PHE G 85 -34.82 -21.73 -4.85
C PHE G 85 -35.11 -22.86 -3.88
N LYS G 86 -34.38 -22.91 -2.75
CA LYS G 86 -34.65 -23.93 -1.74
C LYS G 86 -35.99 -23.72 -1.04
N GLU G 87 -36.60 -22.54 -1.17
CA GLU G 87 -37.88 -22.26 -0.55
C GLU G 87 -39.04 -22.44 -1.52
N LYS G 88 -39.14 -21.56 -2.51
CA LYS G 88 -40.25 -21.55 -3.45
C LYS G 88 -39.94 -22.24 -4.77
N GLY G 89 -38.79 -22.89 -4.89
CA GLY G 89 -38.40 -23.60 -6.09
C GLY G 89 -37.80 -22.71 -7.16
N TYR G 90 -38.12 -21.43 -7.16
CA TYR G 90 -37.57 -20.45 -8.10
C TYR G 90 -37.14 -19.22 -7.30
N SER G 91 -36.63 -18.22 -8.02
CA SER G 91 -36.21 -16.97 -7.38
C SER G 91 -37.01 -15.80 -7.95
N PRO G 92 -37.95 -15.24 -7.19
CA PRO G 92 -38.66 -14.04 -7.68
C PRO G 92 -37.75 -12.86 -7.89
N THR G 93 -36.65 -12.77 -7.13
CA THR G 93 -35.69 -11.69 -7.32
C THR G 93 -34.89 -11.87 -8.60
N LEU G 94 -34.52 -13.12 -8.92
CA LEU G 94 -33.73 -13.36 -10.14
C LEU G 94 -34.56 -13.13 -11.40
N ASN G 95 -35.87 -13.40 -11.34
CA ASN G 95 -36.71 -13.20 -12.52
C ASN G 95 -36.80 -11.72 -12.88
N ASP G 96 -37.01 -10.86 -11.89
CA ASP G 96 -37.10 -9.43 -12.12
C ASP G 96 -35.85 -8.72 -11.62
N PHE G 97 -34.68 -9.24 -11.99
CA PHE G 97 -33.41 -8.68 -11.50
C PHE G 97 -33.14 -7.29 -12.05
N GLY G 98 -33.74 -6.93 -13.20
CA GLY G 98 -33.54 -5.59 -13.72
C GLY G 98 -34.05 -4.52 -12.79
N LYS G 99 -35.20 -4.76 -12.15
CA LYS G 99 -35.72 -3.81 -11.18
C LYS G 99 -34.93 -3.83 -9.88
N PHE G 100 -34.31 -4.97 -9.56
CA PHE G 100 -33.54 -5.07 -8.32
C PHE G 100 -32.26 -4.25 -8.40
N ASP G 101 -31.51 -4.41 -9.50
CA ASP G 101 -30.26 -3.67 -9.66
C ASP G 101 -30.49 -2.17 -9.64
N LYS G 102 -31.54 -1.71 -10.32
CA LYS G 102 -31.86 -0.28 -10.29
C LYS G 102 -32.32 0.16 -8.91
N MET G 103 -33.00 -0.73 -8.16
CA MET G 103 -33.47 -0.38 -6.83
C MET G 103 -32.38 -0.49 -5.78
N TYR G 104 -31.47 -1.45 -5.93
CA TYR G 104 -30.39 -1.60 -4.96
C TYR G 104 -29.47 -0.40 -4.92
N SER G 105 -29.34 0.32 -6.04
CA SER G 105 -28.50 1.50 -6.07
C SER G 105 -29.12 2.66 -5.31
N TYR G 106 -30.45 2.67 -5.17
CA TYR G 106 -31.12 3.73 -4.42
C TYR G 106 -30.94 3.54 -2.92
N VAL G 107 -31.19 2.33 -2.42
CA VAL G 107 -30.96 2.04 -1.01
C VAL G 107 -29.49 2.20 -0.66
N ASN G 108 -28.61 1.97 -1.64
CA ASN G 108 -27.18 2.18 -1.43
C ASN G 108 -26.89 3.67 -1.19
N LYS G 109 -27.43 4.54 -2.05
CA LYS G 109 -27.21 5.97 -1.89
C LYS G 109 -27.84 6.49 -0.61
N ALA G 110 -28.98 5.92 -0.20
CA ALA G 110 -29.64 6.38 1.01
C ALA G 110 -28.87 5.98 2.26
N TYR G 111 -28.13 4.87 2.22
CA TYR G 111 -27.44 4.41 3.42
C TYR G 111 -26.22 5.26 3.72
N TYR G 112 -25.60 5.85 2.70
CA TYR G 112 -24.38 6.63 2.88
C TYR G 112 -24.61 8.13 2.81
N ASN G 113 -25.86 8.58 2.62
CA ASN G 113 -26.16 10.00 2.50
C ASN G 113 -27.34 10.44 3.35
N ASP G 114 -27.82 9.61 4.27
CA ASP G 114 -28.95 9.96 5.12
C ASP G 114 -28.70 9.44 6.52
N GLY G 115 -28.73 10.35 7.50
CA GLY G 115 -28.49 9.93 8.88
C GLY G 115 -29.55 9.01 9.41
N ASP G 116 -30.81 9.22 9.02
CA ASP G 116 -31.90 8.37 9.50
C ASP G 116 -31.79 6.95 8.98
N ILE G 117 -31.06 6.73 7.89
CA ILE G 117 -30.92 5.39 7.32
C ILE G 117 -29.68 4.68 7.87
N TYR G 118 -28.55 5.40 7.88
CA TYR G 118 -27.27 4.78 8.23
C TYR G 118 -27.28 4.24 9.65
N TYR G 119 -27.92 4.94 10.57
CA TYR G 119 -27.96 4.56 11.97
C TYR G 119 -29.19 3.72 12.34
N SER G 120 -29.96 3.24 11.35
CA SER G 120 -31.18 2.49 11.66
C SER G 120 -31.50 1.52 10.53
N SER G 121 -30.50 0.79 10.05
CA SER G 121 -30.67 -0.19 8.98
C SER G 121 -30.07 -1.51 9.41
N TYR G 122 -30.72 -2.61 9.01
CA TYR G 122 -30.28 -3.95 9.36
C TYR G 122 -29.60 -4.64 8.17
N ASP G 123 -30.35 -4.86 7.09
CA ASP G 123 -29.85 -5.58 5.94
C ASP G 123 -30.29 -4.88 4.67
N LEU G 124 -29.33 -4.45 3.85
CA LEU G 124 -29.66 -3.69 2.66
C LEU G 124 -30.42 -4.54 1.64
N TYR G 125 -30.10 -5.84 1.57
CA TYR G 125 -30.83 -6.71 0.65
C TYR G 125 -32.27 -6.87 1.07
N ASP G 126 -32.50 -7.24 2.33
CA ASP G 126 -33.87 -7.48 2.81
C ASP G 126 -34.75 -6.26 2.61
N GLU G 127 -34.22 -5.06 2.92
CA GLU G 127 -35.00 -3.84 2.73
C GLU G 127 -35.25 -3.57 1.25
N THR G 128 -34.30 -3.93 0.38
CA THR G 128 -34.51 -3.75 -1.05
C THR G 128 -35.64 -4.62 -1.57
N ILE G 129 -35.78 -5.83 -1.01
CA ILE G 129 -36.89 -6.70 -1.38
C ILE G 129 -38.21 -6.12 -0.86
N LYS G 130 -38.21 -5.64 0.39
CA LYS G 130 -39.44 -5.09 0.97
C LYS G 130 -39.93 -3.88 0.19
N LEU G 131 -39.01 -3.06 -0.30
CA LEU G 131 -39.43 -1.86 -1.04
C LEU G 131 -40.02 -2.23 -2.40
N LEU G 132 -39.58 -3.33 -3.00
CA LEU G 132 -40.07 -3.70 -4.32
C LEU G 132 -41.50 -4.24 -4.27
N GLU G 133 -41.88 -4.87 -3.16
CA GLU G 133 -43.26 -5.32 -2.99
C GLU G 133 -44.21 -4.15 -2.82
N LEU G 134 -43.77 -3.08 -2.17
CA LEU G 134 -44.61 -1.90 -2.02
C LEU G 134 -44.82 -1.19 -3.36
N LEU G 135 -43.80 -1.18 -4.23
CA LEU G 135 -43.98 -0.59 -5.54
C LEU G 135 -44.93 -1.41 -6.41
N LYS G 136 -44.93 -2.73 -6.22
CA LYS G 136 -45.87 -3.57 -6.96
C LYS G 136 -47.30 -3.35 -6.49
N GLU G 137 -47.49 -3.11 -5.18
CA GLU G 137 -48.83 -2.90 -4.66
C GLU G 137 -49.38 -1.54 -5.06
N SER G 138 -48.55 -0.50 -5.00
CA SER G 138 -48.94 0.83 -5.48
C SER G 138 -48.83 0.96 -7.00
N LYS G 139 -48.47 -0.12 -7.69
CA LYS G 139 -48.48 -0.17 -9.16
C LYS G 139 -47.55 0.88 -9.76
N ILE G 140 -46.40 1.10 -9.12
CA ILE G 140 -45.38 2.02 -9.63
C ILE G 140 -44.26 1.21 -10.26
N ASN G 141 -43.82 1.64 -11.43
CA ASN G 141 -42.68 1.04 -12.11
C ASN G 141 -41.39 1.67 -11.59
N VAL G 142 -40.31 0.90 -11.64
CA VAL G 142 -39.04 1.35 -11.05
C VAL G 142 -38.35 2.38 -11.94
N ASN G 143 -38.47 2.25 -13.26
CA ASN G 143 -37.81 3.17 -14.18
C ASN G 143 -38.41 4.58 -14.17
N ASP G 144 -39.42 4.84 -13.34
CA ASP G 144 -40.11 6.13 -13.37
C ASP G 144 -40.21 6.77 -11.99
N ILE G 145 -39.29 6.45 -11.07
CA ILE G 145 -39.32 7.00 -9.73
C ILE G 145 -38.10 7.88 -9.51
N ASP G 146 -38.27 8.91 -8.69
CA ASP G 146 -37.18 9.80 -8.29
C ASP G 146 -36.65 9.38 -6.92
N TYR G 147 -35.35 9.63 -6.71
CA TYR G 147 -34.71 9.24 -5.46
C TYR G 147 -35.40 9.86 -4.25
N ASP G 148 -35.92 11.07 -4.40
CA ASP G 148 -36.60 11.73 -3.29
C ASP G 148 -37.81 10.93 -2.81
N TYR G 149 -38.57 10.36 -3.75
CA TYR G 149 -39.76 9.61 -3.37
C TYR G 149 -39.39 8.31 -2.65
N VAL G 150 -38.35 7.62 -3.14
CA VAL G 150 -37.96 6.35 -2.51
C VAL G 150 -37.42 6.58 -1.11
N LEU G 151 -36.66 7.67 -0.93
CA LEU G 151 -36.09 7.95 0.40
C LEU G 151 -37.19 8.20 1.42
N LYS G 152 -38.29 8.84 1.01
CA LYS G 152 -39.41 9.05 1.92
C LYS G 152 -40.03 7.71 2.32
N LEU G 153 -40.09 6.77 1.39
CA LEU G 153 -40.61 5.44 1.71
C LEU G 153 -39.66 4.67 2.61
N TYR G 154 -38.34 4.89 2.46
CA TYR G 154 -37.36 4.20 3.28
C TYR G 154 -37.49 4.58 4.74
N LYS G 155 -37.54 5.90 5.02
CA LYS G 155 -37.73 6.34 6.40
C LYS G 155 -39.04 5.83 6.98
N GLN G 156 -40.07 5.72 6.13
CA GLN G 156 -41.32 5.13 6.58
C GLN G 156 -41.16 3.64 6.88
N ILE G 157 -40.19 2.99 6.23
CA ILE G 157 -39.93 1.57 6.50
C ILE G 157 -39.15 1.40 7.80
N LEU G 158 -38.05 2.14 7.94
CA LEU G 158 -37.23 2.04 9.14
C LEU G 158 -37.98 2.51 10.39
N SER G 159 -39.00 3.33 10.22
CA SER G 159 -39.81 3.84 11.34
C SER G 159 -38.96 4.55 12.39
N PRO H 17 15.06 -6.59 45.49
CA PRO H 17 14.22 -7.71 45.96
C PRO H 17 15.00 -9.01 46.07
N THR H 18 14.40 -10.01 46.70
CA THR H 18 15.00 -11.32 46.89
C THR H 18 14.11 -12.39 46.24
N HIS H 19 14.45 -13.64 46.52
CA HIS H 19 13.74 -14.82 46.00
C HIS H 19 13.94 -14.99 44.49
N TYR H 20 13.94 -13.88 43.74
CA TYR H 20 14.07 -13.97 42.29
C TYR H 20 15.40 -14.58 41.87
N GLY H 21 16.43 -14.44 42.70
CA GLY H 21 17.74 -14.99 42.33
C GLY H 21 17.71 -16.50 42.17
N THR H 22 17.15 -17.20 43.15
CA THR H 22 17.06 -18.65 43.07
C THR H 22 16.10 -19.08 41.97
N ILE H 23 15.04 -18.30 41.72
CA ILE H 23 14.06 -18.67 40.70
C ILE H 23 14.71 -18.70 39.32
N ILE H 24 15.60 -17.73 39.03
CA ILE H 24 16.26 -17.72 37.73
C ILE H 24 17.22 -18.90 37.62
N LYS H 25 18.03 -19.13 38.66
CA LYS H 25 19.03 -20.20 38.61
C LYS H 25 18.37 -21.57 38.47
N THR H 26 17.30 -21.81 39.24
CA THR H 26 16.60 -23.09 39.15
C THR H 26 15.98 -23.28 37.78
N LEU H 27 15.38 -22.22 37.23
CA LEU H 27 14.82 -22.31 35.88
C LEU H 27 15.92 -22.44 34.84
N ARG H 28 17.06 -21.76 35.06
CA ARG H 28 18.17 -21.86 34.13
C ARG H 28 18.65 -23.29 33.99
N LYS H 29 18.82 -23.99 35.12
CA LYS H 29 19.17 -25.40 35.07
C LYS H 29 18.06 -26.24 34.46
N TYR H 30 16.80 -25.81 34.60
CA TYR H 30 15.70 -26.54 33.99
C TYR H 30 15.79 -26.52 32.48
N MET H 31 16.16 -25.38 31.90
CA MET H 31 16.36 -25.30 30.46
C MET H 31 17.71 -25.85 30.02
N LYS H 32 18.52 -26.38 30.94
CA LYS H 32 19.84 -26.91 30.62
C LYS H 32 20.72 -25.86 29.96
N LEU H 33 20.58 -24.61 30.43
CA LEU H 33 21.37 -23.50 29.92
C LEU H 33 22.52 -23.19 30.88
N THR H 34 23.69 -22.94 30.31
CA THR H 34 24.87 -22.63 31.10
C THR H 34 24.85 -21.15 31.46
N GLN H 35 25.18 -20.84 32.72
CA GLN H 35 25.22 -19.46 33.18
C GLN H 35 26.04 -18.57 32.25
N SER H 36 26.99 -19.16 31.52
CA SER H 36 27.72 -18.41 30.50
C SER H 36 26.95 -18.34 29.19
N LYS H 37 26.15 -19.37 28.86
CA LYS H 37 25.36 -19.33 27.64
C LYS H 37 24.16 -18.40 27.78
N LEU H 38 23.49 -18.43 28.94
CA LEU H 38 22.38 -17.52 29.18
C LEU H 38 22.85 -16.07 29.24
N SER H 39 24.10 -15.84 29.65
CA SER H 39 24.62 -14.48 29.72
C SER H 39 24.70 -13.84 28.34
N GLU H 40 24.94 -14.63 27.29
CA GLU H 40 25.00 -14.08 25.95
C GLU H 40 23.63 -13.80 25.38
N ARG H 41 22.60 -14.52 25.84
CA ARG H 41 21.24 -14.26 25.38
C ARG H 41 20.64 -13.05 26.07
N THR H 42 20.71 -12.99 27.39
CA THR H 42 20.16 -11.86 28.14
C THR H 42 20.97 -10.59 27.94
N GLY H 43 22.24 -10.69 27.57
CA GLY H 43 23.10 -9.53 27.48
C GLY H 43 23.74 -9.13 28.79
N PHE H 44 23.55 -9.91 29.85
CA PHE H 44 24.20 -9.65 31.12
C PHE H 44 25.55 -10.33 31.18
N SER H 45 26.47 -9.75 31.93
CA SER H 45 27.77 -10.37 32.15
C SER H 45 27.62 -11.58 33.08
N GLN H 46 28.52 -12.54 32.90
CA GLN H 46 28.45 -13.77 33.68
C GLN H 46 28.63 -13.49 35.17
N ASN H 47 29.39 -12.44 35.51
CA ASN H 47 29.56 -12.09 36.93
C ASN H 47 28.28 -11.50 37.51
N THR H 48 27.48 -10.82 36.68
CA THR H 48 26.24 -10.25 37.17
C THR H 48 25.22 -11.34 37.50
N ILE H 49 25.23 -12.44 36.73
CA ILE H 49 24.29 -13.53 37.00
C ILE H 49 24.61 -14.18 38.34
N SER H 50 25.90 -14.36 38.65
CA SER H 50 26.28 -14.98 39.92
C SER H 50 25.87 -14.11 41.09
N ASN H 51 26.17 -12.80 41.02
CA ASN H 51 25.75 -11.90 42.09
C ASN H 51 24.24 -11.87 42.25
N HIS H 52 23.50 -12.08 41.15
CA HIS H 52 22.05 -12.10 41.21
C HIS H 52 21.53 -13.44 41.74
N GLU H 53 22.07 -14.55 41.23
CA GLU H 53 21.59 -15.86 41.65
C GLU H 53 21.91 -16.13 43.11
N ASN H 54 23.07 -15.69 43.59
CA ASN H 54 23.46 -15.93 44.97
C ASN H 54 22.85 -14.94 45.95
N GLY H 55 22.23 -13.87 45.47
CA GLY H 55 21.60 -12.90 46.33
C GLY H 55 22.49 -11.77 46.78
N ASN H 56 23.58 -11.50 46.07
CA ASN H 56 24.45 -10.38 46.43
C ASN H 56 23.82 -9.06 46.02
N ARG H 57 23.72 -8.83 44.72
CA ARG H 57 23.01 -7.67 44.20
C ARG H 57 21.57 -8.04 43.89
N ASN H 58 20.64 -7.21 44.34
CA ASN H 58 19.22 -7.48 44.11
C ASN H 58 18.90 -7.32 42.63
N ILE H 59 18.19 -8.30 42.08
CA ILE H 59 17.82 -8.25 40.66
C ILE H 59 16.87 -7.08 40.45
N GLY H 60 17.24 -6.17 39.54
CA GLY H 60 16.41 -5.03 39.27
C GLY H 60 15.11 -5.40 38.60
N VAL H 61 14.11 -4.54 38.80
CA VAL H 61 12.77 -4.81 38.25
C VAL H 61 12.79 -4.75 36.73
N ASN H 62 13.64 -3.90 36.15
CA ASN H 62 13.84 -3.93 34.70
C ASN H 62 14.60 -5.16 34.26
N GLU H 63 15.50 -5.65 35.11
CA GLU H 63 16.29 -6.82 34.77
C GLU H 63 15.43 -8.08 34.68
N ILE H 64 14.38 -8.15 35.51
CA ILE H 64 13.51 -9.32 35.52
C ILE H 64 12.92 -9.56 34.14
N GLU H 65 12.43 -8.51 33.50
CA GLU H 65 11.85 -8.65 32.17
C GLU H 65 12.88 -9.09 31.14
N ILE H 66 14.16 -8.78 31.37
CA ILE H 66 15.19 -9.16 30.42
C ILE H 66 15.52 -10.64 30.54
N TYR H 67 15.67 -11.14 31.77
CA TYR H 67 15.91 -12.57 31.96
C TYR H 67 14.77 -13.40 31.40
N GLY H 68 13.54 -12.89 31.44
CA GLY H 68 12.40 -13.63 30.93
C GLY H 68 12.47 -13.87 29.43
N LYS H 69 13.02 -12.92 28.68
CA LYS H 69 13.16 -13.11 27.24
C LYS H 69 14.17 -14.20 26.91
N GLY H 70 15.19 -14.38 27.75
CA GLY H 70 16.16 -15.43 27.56
C GLY H 70 15.64 -16.78 28.01
N LEU H 71 15.15 -16.84 29.26
CA LEU H 71 14.62 -18.10 29.79
C LEU H 71 13.44 -18.61 29.00
N GLY H 72 12.69 -17.71 28.36
CA GLY H 72 11.50 -18.08 27.64
C GLY H 72 10.26 -18.18 28.50
N ILE H 73 10.20 -17.46 29.62
CA ILE H 73 9.09 -17.54 30.56
C ILE H 73 8.47 -16.14 30.66
N PRO H 74 7.15 -16.00 30.52
CA PRO H 74 6.53 -14.69 30.65
C PRO H 74 6.80 -14.06 32.01
N SER H 75 6.89 -12.74 32.02
CA SER H 75 7.31 -12.01 33.23
C SER H 75 6.33 -12.23 34.38
N TYR H 76 5.03 -12.28 34.07
CA TYR H 76 4.04 -12.39 35.14
C TYR H 76 4.04 -13.78 35.79
N ILE H 77 4.65 -14.77 35.13
CA ILE H 77 4.80 -16.08 35.77
C ILE H 77 5.87 -16.02 36.85
N LEU H 78 6.97 -15.31 36.58
CA LEU H 78 8.03 -15.17 37.57
C LEU H 78 7.53 -14.43 38.81
N HIS H 79 6.64 -13.45 38.62
CA HIS H 79 6.09 -12.73 39.77
C HIS H 79 5.13 -13.60 40.56
N ARG H 80 4.45 -14.55 39.90
CA ARG H 80 3.55 -15.44 40.62
C ARG H 80 4.32 -16.43 41.47
N ILE H 81 5.49 -16.85 41.00
CA ILE H 81 6.33 -17.75 41.80
C ILE H 81 6.84 -17.03 43.04
N SER H 82 7.33 -15.80 42.87
CA SER H 82 7.83 -15.05 44.02
C SER H 82 6.70 -14.69 44.99
N ASP H 83 5.46 -14.63 44.50
CA ASP H 83 4.33 -14.45 45.40
C ASP H 83 4.13 -15.67 46.29
N GLU H 84 4.52 -16.85 45.83
CA GLU H 84 4.37 -18.06 46.65
C GLU H 84 5.36 -18.08 47.79
N PHE H 85 6.58 -17.56 47.57
CA PHE H 85 7.54 -17.46 48.67
C PHE H 85 7.04 -16.49 49.74
N LYS H 86 6.47 -15.35 49.32
CA LYS H 86 5.88 -14.41 50.28
C LYS H 86 4.63 -14.94 50.93
N GLU H 87 4.08 -16.05 50.43
CA GLU H 87 2.86 -16.62 50.99
C GLU H 87 3.17 -17.86 51.83
N LYS H 88 3.61 -18.94 51.18
CA LYS H 88 3.82 -20.22 51.84
C LYS H 88 5.27 -20.47 52.22
N GLY H 89 6.15 -19.49 52.05
CA GLY H 89 7.56 -19.62 52.40
C GLY H 89 8.41 -20.28 51.33
N TYR H 90 7.81 -21.11 50.49
CA TYR H 90 8.48 -21.76 49.36
C TYR H 90 7.59 -21.65 48.14
N SER H 91 7.99 -22.29 47.05
CA SER H 91 7.22 -22.27 45.82
C SER H 91 6.83 -23.68 45.40
N PRO H 92 5.58 -24.08 45.55
CA PRO H 92 5.17 -25.41 45.06
C PRO H 92 5.25 -25.54 43.55
N THR H 93 5.25 -24.41 42.82
CA THR H 93 5.35 -24.49 41.37
C THR H 93 6.80 -24.58 40.91
N LEU H 94 7.73 -23.99 41.68
CA LEU H 94 9.11 -23.91 41.21
C LEU H 94 9.82 -25.27 41.30
N ASN H 95 9.54 -26.04 42.34
CA ASN H 95 10.22 -27.32 42.50
C ASN H 95 9.70 -28.36 41.51
N ASP H 96 8.38 -28.40 41.28
CA ASP H 96 7.78 -29.32 40.32
C ASP H 96 7.41 -28.62 39.02
N PHE H 97 8.35 -27.82 38.50
CA PHE H 97 8.11 -27.02 37.30
C PHE H 97 8.00 -27.87 36.05
N GLY H 98 8.59 -29.06 36.04
CA GLY H 98 8.47 -29.93 34.88
C GLY H 98 7.04 -30.32 34.59
N LYS H 99 6.27 -30.62 35.65
CA LYS H 99 4.85 -30.89 35.46
C LYS H 99 4.09 -29.62 35.13
N PHE H 100 4.56 -28.47 35.60
CA PHE H 100 3.90 -27.21 35.28
C PHE H 100 4.13 -26.83 33.83
N ASP H 101 5.39 -26.85 33.38
CA ASP H 101 5.70 -26.46 32.01
C ASP H 101 4.98 -27.34 31.00
N LYS H 102 4.92 -28.65 31.25
CA LYS H 102 4.15 -29.53 30.38
C LYS H 102 2.67 -29.21 30.46
N MET H 103 2.17 -28.81 31.63
CA MET H 103 0.76 -28.45 31.77
C MET H 103 0.49 -27.05 31.24
N TYR H 104 1.43 -26.12 31.43
CA TYR H 104 1.21 -24.76 30.96
C TYR H 104 1.26 -24.68 29.43
N SER H 105 2.00 -25.59 28.78
CA SER H 105 2.01 -25.60 27.33
C SER H 105 0.67 -26.07 26.77
N TYR H 106 -0.06 -26.90 27.52
CA TYR H 106 -1.39 -27.32 27.10
C TYR H 106 -2.38 -26.16 27.21
N VAL H 107 -2.38 -25.45 28.35
CA VAL H 107 -3.31 -24.35 28.52
C VAL H 107 -2.98 -23.20 27.59
N ASN H 108 -1.71 -23.08 27.18
CA ASN H 108 -1.34 -22.01 26.27
C ASN H 108 -1.89 -22.28 24.87
N LYS H 109 -1.73 -23.52 24.38
CA LYS H 109 -2.28 -23.88 23.08
C LYS H 109 -3.80 -23.81 23.09
N ALA H 110 -4.42 -24.23 24.19
CA ALA H 110 -5.88 -24.19 24.30
C ALA H 110 -6.40 -22.76 24.35
N TYR H 111 -5.63 -21.83 24.91
CA TYR H 111 -6.08 -20.44 24.96
C TYR H 111 -6.03 -19.79 23.59
N TYR H 112 -5.14 -20.25 22.71
CA TYR H 112 -4.98 -19.66 21.39
C TYR H 112 -5.56 -20.53 20.27
N ASN H 113 -6.13 -21.69 20.60
CA ASN H 113 -6.70 -22.57 19.58
C ASN H 113 -8.08 -23.07 19.95
N ASP H 114 -8.75 -22.48 20.94
CA ASP H 114 -10.07 -22.94 21.35
C ASP H 114 -10.92 -21.73 21.69
N GLY H 115 -12.09 -21.62 21.06
CA GLY H 115 -12.94 -20.47 21.28
C GLY H 115 -13.52 -20.43 22.68
N ASP H 116 -13.83 -21.61 23.24
CA ASP H 116 -14.44 -21.65 24.57
C ASP H 116 -13.47 -21.20 25.65
N ILE H 117 -12.17 -21.25 25.41
CA ILE H 117 -11.17 -20.82 26.39
C ILE H 117 -10.83 -19.36 26.21
N TYR H 118 -10.61 -18.94 24.97
CA TYR H 118 -10.16 -17.58 24.69
C TYR H 118 -11.17 -16.55 25.15
N TYR H 119 -12.46 -16.87 25.08
CA TYR H 119 -13.53 -15.95 25.45
C TYR H 119 -14.06 -16.18 26.87
N SER H 120 -13.37 -17.00 27.67
CA SER H 120 -13.87 -17.31 29.00
C SER H 120 -12.76 -17.63 29.99
N SER H 121 -11.57 -17.09 29.78
CA SER H 121 -10.42 -17.35 30.66
C SER H 121 -10.05 -16.08 31.41
N TYR H 122 -9.62 -16.26 32.66
CA TYR H 122 -9.24 -15.14 33.53
C TYR H 122 -7.74 -15.04 33.72
N ASP H 123 -7.10 -16.10 34.23
CA ASP H 123 -5.65 -16.10 34.46
C ASP H 123 -5.13 -17.49 34.14
N LEU H 124 -4.25 -17.57 33.14
CA LEU H 124 -3.74 -18.88 32.73
C LEU H 124 -2.94 -19.54 33.84
N TYR H 125 -2.20 -18.75 34.62
CA TYR H 125 -1.39 -19.32 35.69
C TYR H 125 -2.27 -20.03 36.72
N ASP H 126 -3.33 -19.37 37.19
CA ASP H 126 -4.22 -19.99 38.15
C ASP H 126 -4.90 -21.22 37.57
N GLU H 127 -5.26 -21.18 36.29
CA GLU H 127 -5.95 -22.30 35.67
C GLU H 127 -5.01 -23.49 35.45
N THR H 128 -3.73 -23.24 35.22
CA THR H 128 -2.76 -24.33 35.13
C THR H 128 -2.57 -24.99 36.49
N ILE H 129 -2.54 -24.20 37.56
CA ILE H 129 -2.38 -24.76 38.90
C ILE H 129 -3.61 -25.54 39.31
N LYS H 130 -4.81 -25.02 39.00
CA LYS H 130 -6.03 -25.76 39.28
C LYS H 130 -6.06 -27.08 38.53
N LEU H 131 -5.59 -27.07 37.27
CA LEU H 131 -5.52 -28.32 36.51
C LEU H 131 -4.50 -29.28 37.12
N LEU H 132 -3.35 -28.76 37.56
CA LEU H 132 -2.38 -29.60 38.23
C LEU H 132 -2.90 -30.12 39.57
N GLU H 133 -3.74 -29.34 40.24
CA GLU H 133 -4.34 -29.82 41.49
C GLU H 133 -5.38 -30.90 41.25
N LEU H 134 -6.05 -30.86 40.10
CA LEU H 134 -7.05 -31.89 39.79
C LEU H 134 -6.38 -33.20 39.36
N LEU H 135 -5.26 -33.11 38.64
CA LEU H 135 -4.54 -34.30 38.24
C LEU H 135 -3.86 -34.96 39.44
N LYS H 136 -3.35 -34.16 40.37
CA LYS H 136 -2.82 -34.70 41.61
C LYS H 136 -3.91 -35.32 42.47
N GLU H 137 -5.12 -34.75 42.43
CA GLU H 137 -6.22 -35.28 43.23
C GLU H 137 -6.77 -36.56 42.63
N SER H 138 -6.87 -36.63 41.30
CA SER H 138 -7.34 -37.82 40.62
C SER H 138 -6.21 -38.84 40.38
N LYS H 139 -5.03 -38.60 40.94
CA LYS H 139 -3.89 -39.51 40.83
C LYS H 139 -3.49 -39.75 39.37
N ILE H 140 -3.64 -38.73 38.54
CA ILE H 140 -3.22 -38.76 37.14
C ILE H 140 -1.91 -37.99 37.01
N ASN H 141 -0.99 -38.52 36.21
CA ASN H 141 0.31 -37.88 36.04
C ASN H 141 0.23 -36.78 34.98
N VAL H 142 1.08 -35.78 35.14
CA VAL H 142 1.07 -34.64 34.21
C VAL H 142 1.68 -35.02 32.87
N ASN H 143 2.71 -35.86 32.88
CA ASN H 143 3.35 -36.29 31.64
C ASN H 143 2.63 -37.48 31.00
N ASP H 144 1.62 -38.03 31.67
CA ASP H 144 0.80 -39.11 31.14
C ASP H 144 -0.57 -38.63 30.70
N ILE H 145 -0.75 -37.32 30.54
CA ILE H 145 -2.01 -36.71 30.16
C ILE H 145 -1.88 -36.16 28.75
N ASP H 146 -2.96 -36.25 27.98
CA ASP H 146 -2.99 -35.82 26.59
C ASP H 146 -3.76 -34.51 26.47
N TYR H 147 -3.40 -33.71 25.46
CA TYR H 147 -4.00 -32.38 25.31
C TYR H 147 -5.52 -32.47 25.18
N ASP H 148 -6.02 -33.47 24.46
CA ASP H 148 -7.45 -33.63 24.31
C ASP H 148 -8.14 -33.84 25.64
N TYR H 149 -7.53 -34.63 26.54
CA TYR H 149 -8.15 -34.90 27.83
C TYR H 149 -8.09 -33.69 28.75
N VAL H 150 -6.94 -32.99 28.77
CA VAL H 150 -6.82 -31.83 29.64
C VAL H 150 -7.73 -30.71 29.16
N LEU H 151 -7.96 -30.62 27.85
CA LEU H 151 -8.87 -29.62 27.32
C LEU H 151 -10.30 -29.88 27.77
N LYS H 152 -10.68 -31.15 27.84
CA LYS H 152 -11.97 -31.51 28.45
C LYS H 152 -12.01 -31.11 29.91
N LEU H 153 -10.91 -31.30 30.64
CA LEU H 153 -10.84 -30.80 32.01
C LEU H 153 -10.74 -29.29 32.04
N TYR H 154 -10.14 -28.68 31.02
CA TYR H 154 -10.05 -27.23 30.96
C TYR H 154 -11.43 -26.60 30.87
N LYS H 155 -12.23 -27.05 29.89
CA LYS H 155 -13.58 -26.51 29.74
C LYS H 155 -14.45 -26.82 30.94
N GLN H 156 -14.19 -27.95 31.61
CA GLN H 156 -14.93 -28.27 32.83
C GLN H 156 -14.61 -27.26 33.93
N ILE H 157 -13.35 -26.86 34.04
CA ILE H 157 -12.99 -25.78 34.96
C ILE H 157 -13.70 -24.49 34.57
N LEU H 158 -13.74 -24.19 33.27
CA LEU H 158 -14.35 -22.96 32.76
C LEU H 158 -15.82 -23.21 32.40
N SER H 159 -16.58 -23.56 33.43
CA SER H 159 -18.00 -23.85 33.29
C SER H 159 -18.82 -22.57 33.34
N PRO I 17 -11.08 -12.09 -50.84
CA PRO I 17 -10.83 -13.52 -50.61
C PRO I 17 -10.45 -13.82 -49.16
N THR I 18 -11.33 -13.49 -48.23
CA THR I 18 -11.13 -13.80 -46.81
C THR I 18 -11.81 -15.14 -46.53
N HIS I 19 -11.01 -16.21 -46.47
CA HIS I 19 -11.52 -17.55 -46.20
C HIS I 19 -11.73 -17.83 -44.72
N TYR I 20 -11.93 -16.79 -43.91
CA TYR I 20 -12.02 -16.98 -42.47
C TYR I 20 -13.26 -17.80 -42.08
N GLY I 21 -14.34 -17.68 -42.85
CA GLY I 21 -15.54 -18.46 -42.52
C GLY I 21 -15.28 -19.95 -42.55
N THR I 22 -14.59 -20.42 -43.59
CA THR I 22 -14.20 -21.82 -43.65
C THR I 22 -13.26 -22.19 -42.50
N ILE I 23 -12.37 -21.27 -42.14
CA ILE I 23 -11.36 -21.56 -41.12
C ILE I 23 -12.01 -21.70 -39.74
N ILE I 24 -13.03 -20.90 -39.46
CA ILE I 24 -13.68 -20.95 -38.16
C ILE I 24 -14.47 -22.24 -38.00
N LYS I 25 -15.28 -22.59 -39.01
CA LYS I 25 -16.06 -23.81 -38.93
C LYS I 25 -15.17 -25.05 -38.83
N THR I 26 -14.11 -25.09 -39.64
CA THR I 26 -13.18 -26.22 -39.56
C THR I 26 -12.56 -26.33 -38.18
N LEU I 27 -12.15 -25.20 -37.61
CA LEU I 27 -11.55 -25.22 -36.28
C LEU I 27 -12.61 -25.42 -35.20
N ARG I 28 -13.80 -24.84 -35.39
CA ARG I 28 -14.88 -25.06 -34.43
C ARG I 28 -15.22 -26.54 -34.31
N LYS I 29 -15.30 -27.23 -35.45
CA LYS I 29 -15.52 -28.67 -35.42
C LYS I 29 -14.32 -29.41 -34.86
N TYR I 30 -13.11 -28.89 -35.06
CA TYR I 30 -11.93 -29.49 -34.45
C TYR I 30 -12.02 -29.45 -32.93
N MET I 31 -12.41 -28.30 -32.38
CA MET I 31 -12.52 -28.12 -30.94
C MET I 31 -13.77 -28.76 -30.35
N LYS I 32 -14.56 -29.48 -31.16
CA LYS I 32 -15.85 -30.05 -30.74
C LYS I 32 -16.71 -29.01 -30.06
N LEU I 33 -16.77 -27.82 -30.66
CA LEU I 33 -17.60 -26.73 -30.16
C LEU I 33 -18.93 -26.70 -30.89
N THR I 34 -20.00 -26.52 -30.13
CA THR I 34 -21.33 -26.36 -30.69
C THR I 34 -21.53 -24.92 -31.12
N GLN I 35 -22.17 -24.74 -32.28
CA GLN I 35 -22.53 -23.40 -32.73
C GLN I 35 -23.18 -22.58 -31.62
N SER I 36 -24.02 -23.22 -30.81
CA SER I 36 -24.62 -22.52 -29.68
C SER I 36 -23.62 -22.36 -28.54
N LYS I 37 -22.76 -23.36 -28.34
CA LYS I 37 -21.72 -23.24 -27.33
C LYS I 37 -20.70 -22.16 -27.71
N LEU I 38 -20.30 -22.12 -28.98
CA LEU I 38 -19.46 -21.02 -29.45
C LEU I 38 -20.21 -19.70 -29.37
N SER I 39 -21.54 -19.73 -29.50
CA SER I 39 -22.32 -18.51 -29.43
C SER I 39 -22.24 -17.87 -28.05
N GLU I 40 -22.27 -18.68 -27.00
CA GLU I 40 -22.16 -18.14 -25.65
C GLU I 40 -20.77 -17.59 -25.38
N ARG I 41 -19.73 -18.19 -25.96
CA ARG I 41 -18.37 -17.73 -25.70
C ARG I 41 -18.08 -16.41 -26.41
N THR I 42 -18.53 -16.26 -27.65
CA THR I 42 -18.25 -15.06 -28.42
C THR I 42 -19.31 -13.98 -28.26
N GLY I 43 -20.51 -14.35 -27.80
CA GLY I 43 -21.62 -13.44 -27.75
C GLY I 43 -22.36 -13.27 -29.06
N PHE I 44 -21.86 -13.84 -30.15
CA PHE I 44 -22.53 -13.75 -31.45
C PHE I 44 -23.73 -14.69 -31.48
N SER I 45 -24.80 -14.24 -32.13
CA SER I 45 -25.95 -15.10 -32.34
C SER I 45 -25.61 -16.24 -33.27
N GLN I 46 -26.38 -17.33 -33.17
CA GLN I 46 -26.18 -18.47 -34.06
C GLN I 46 -26.22 -18.06 -35.52
N ASN I 47 -27.18 -17.19 -35.88
CA ASN I 47 -27.28 -16.74 -37.26
C ASN I 47 -26.07 -15.92 -37.66
N THR I 48 -25.61 -15.03 -36.78
CA THR I 48 -24.39 -14.26 -37.06
C THR I 48 -23.22 -15.20 -37.30
N ILE I 49 -23.09 -16.25 -36.48
CA ILE I 49 -22.06 -17.24 -36.71
C ILE I 49 -22.29 -17.96 -38.03
N SER I 50 -23.56 -18.24 -38.35
CA SER I 50 -23.88 -19.00 -39.56
C SER I 50 -23.55 -18.19 -40.80
N ASN I 51 -23.99 -16.93 -40.86
CA ASN I 51 -23.70 -16.10 -42.02
C ASN I 51 -22.20 -15.90 -42.20
N HIS I 52 -21.46 -15.80 -41.09
CA HIS I 52 -20.00 -15.70 -41.18
C HIS I 52 -19.41 -16.98 -41.74
N GLU I 53 -19.86 -18.14 -41.24
CA GLU I 53 -19.37 -19.41 -41.76
C GLU I 53 -19.76 -19.62 -43.21
N ASN I 54 -20.93 -19.13 -43.61
CA ASN I 54 -21.43 -19.31 -44.97
C ASN I 54 -20.88 -18.29 -45.95
N GLY I 55 -20.17 -17.27 -45.46
CA GLY I 55 -19.63 -16.25 -46.34
C GLY I 55 -20.63 -15.22 -46.81
N ASN I 56 -21.90 -15.31 -46.39
CA ASN I 56 -22.88 -14.32 -46.77
C ASN I 56 -22.63 -12.96 -46.12
N ARG I 57 -21.88 -12.94 -45.03
CA ARG I 57 -21.44 -11.70 -44.39
C ARG I 57 -19.96 -11.82 -44.07
N ASN I 58 -19.18 -10.85 -44.55
CA ASN I 58 -17.75 -10.86 -44.30
C ASN I 58 -17.46 -10.67 -42.81
N ILE I 59 -16.42 -11.33 -42.34
CA ILE I 59 -16.06 -11.31 -40.93
C ILE I 59 -15.12 -10.13 -40.68
N GLY I 60 -15.54 -9.22 -39.81
CA GLY I 60 -14.76 -8.03 -39.53
C GLY I 60 -13.41 -8.35 -38.91
N VAL I 61 -12.56 -7.32 -38.91
CA VAL I 61 -11.21 -7.47 -38.37
C VAL I 61 -11.18 -7.46 -36.85
N ASN I 62 -12.19 -6.85 -36.21
CA ASN I 62 -12.31 -6.96 -34.76
C ASN I 62 -13.03 -8.24 -34.36
N GLU I 63 -13.87 -8.78 -35.25
CA GLU I 63 -14.61 -10.00 -34.93
C GLU I 63 -13.68 -11.21 -34.87
N ILE I 64 -12.65 -11.22 -35.72
CA ILE I 64 -11.68 -12.33 -35.70
C ILE I 64 -11.02 -12.42 -34.33
N GLU I 65 -10.78 -11.27 -33.69
CA GLU I 65 -10.18 -11.27 -32.36
C GLU I 65 -11.07 -11.98 -31.34
N ILE I 66 -12.38 -12.02 -31.58
CA ILE I 66 -13.31 -12.66 -30.65
C ILE I 66 -13.47 -14.14 -30.96
N TYR I 67 -13.49 -14.52 -32.24
CA TYR I 67 -13.47 -15.94 -32.57
C TYR I 67 -12.16 -16.59 -32.15
N GLY I 68 -11.07 -15.83 -32.13
CA GLY I 68 -9.83 -16.34 -31.59
C GLY I 68 -9.94 -16.63 -30.10
N LYS I 69 -10.57 -15.74 -29.35
CA LYS I 69 -10.77 -15.97 -27.93
C LYS I 69 -11.91 -16.93 -27.64
N GLY I 70 -12.71 -17.28 -28.65
CA GLY I 70 -13.77 -18.25 -28.48
C GLY I 70 -13.33 -19.65 -28.84
N LEU I 71 -12.57 -19.76 -29.95
CA LEU I 71 -12.02 -21.05 -30.33
C LEU I 71 -10.85 -21.45 -29.44
N GLY I 72 -10.19 -20.49 -28.79
CA GLY I 72 -9.01 -20.77 -28.00
C GLY I 72 -7.71 -20.77 -28.77
N ILE I 73 -7.69 -20.16 -29.95
CA ILE I 73 -6.50 -20.10 -30.79
C ILE I 73 -6.05 -18.64 -30.87
N PRO I 74 -4.76 -18.35 -30.65
CA PRO I 74 -4.28 -16.98 -30.83
C PRO I 74 -4.63 -16.45 -32.22
N SER I 75 -5.14 -15.21 -32.25
CA SER I 75 -5.60 -14.61 -33.51
C SER I 75 -4.51 -14.60 -34.57
N TYR I 76 -3.25 -14.53 -34.16
CA TYR I 76 -2.16 -14.51 -35.14
C TYR I 76 -2.11 -15.78 -35.96
N ILE I 77 -2.49 -16.92 -35.37
CA ILE I 77 -2.52 -18.16 -36.14
C ILE I 77 -3.58 -18.09 -37.22
N LEU I 78 -4.72 -17.47 -36.93
CA LEU I 78 -5.79 -17.36 -37.92
C LEU I 78 -5.34 -16.53 -39.12
N HIS I 79 -4.55 -15.48 -38.88
CA HIS I 79 -4.01 -14.69 -39.98
C HIS I 79 -3.01 -15.48 -40.79
N ARG I 80 -2.22 -16.35 -40.14
CA ARG I 80 -1.26 -17.17 -40.88
C ARG I 80 -1.97 -18.19 -41.74
N ILE I 81 -3.08 -18.74 -41.25
CA ILE I 81 -3.83 -19.73 -42.03
C ILE I 81 -4.49 -19.06 -43.23
N SER I 82 -5.11 -17.89 -43.00
CA SER I 82 -5.71 -17.16 -44.10
C SER I 82 -4.66 -16.68 -45.10
N ASP I 83 -3.43 -16.48 -44.64
CA ASP I 83 -2.34 -16.14 -45.56
C ASP I 83 -1.96 -17.34 -46.42
N GLU I 84 -2.19 -18.57 -45.92
CA GLU I 84 -1.96 -19.74 -46.74
C GLU I 84 -2.99 -19.85 -47.86
N PHE I 85 -4.22 -19.40 -47.62
CA PHE I 85 -5.26 -19.48 -48.66
C PHE I 85 -4.97 -18.52 -49.79
N LYS I 86 -4.59 -17.28 -49.48
CA LYS I 86 -4.23 -16.32 -50.51
C LYS I 86 -2.96 -16.72 -51.26
N GLU I 87 -2.20 -17.69 -50.77
CA GLU I 87 -0.97 -18.10 -51.42
C GLU I 87 -1.15 -19.36 -52.24
N LYS I 88 -1.47 -20.47 -51.58
CA LYS I 88 -1.57 -21.77 -52.23
C LYS I 88 -3.00 -22.19 -52.55
N GLY I 89 -3.98 -21.34 -52.28
CA GLY I 89 -5.36 -21.65 -52.63
C GLY I 89 -6.10 -22.41 -51.56
N TYR I 90 -5.37 -23.24 -50.82
CA TYR I 90 -5.91 -24.00 -49.69
C TYR I 90 -4.97 -23.81 -48.50
N SER I 91 -5.29 -24.48 -47.40
CA SER I 91 -4.46 -24.42 -46.20
C SER I 91 -3.96 -25.81 -45.84
N PRO I 92 -2.69 -26.13 -46.12
CA PRO I 92 -2.15 -27.43 -45.69
C PRO I 92 -2.13 -27.58 -44.17
N THR I 93 -2.06 -26.46 -43.45
CA THR I 93 -2.06 -26.51 -41.98
C THR I 93 -3.46 -26.81 -41.45
N LEU I 94 -4.49 -26.24 -42.05
CA LEU I 94 -5.86 -26.49 -41.60
C LEU I 94 -6.28 -27.94 -41.81
N ASN I 95 -5.73 -28.59 -42.85
CA ASN I 95 -6.12 -29.97 -43.12
C ASN I 95 -5.55 -30.93 -42.09
N ASP I 96 -4.29 -30.72 -41.70
CA ASP I 96 -3.62 -31.53 -40.68
C ASP I 96 -3.46 -30.76 -39.37
N PHE I 97 -4.51 -30.05 -38.96
CA PHE I 97 -4.40 -29.18 -37.80
C PHE I 97 -4.19 -29.94 -36.49
N GLY I 98 -4.57 -31.21 -36.45
CA GLY I 98 -4.33 -31.99 -35.23
C GLY I 98 -2.85 -32.15 -34.93
N LYS I 99 -2.05 -32.41 -35.97
CA LYS I 99 -0.61 -32.51 -35.79
C LYS I 99 0.01 -31.17 -35.44
N PHE I 100 -0.56 -30.08 -35.93
CA PHE I 100 -0.01 -28.76 -35.63
C PHE I 100 -0.18 -28.42 -34.16
N ASP I 101 -1.40 -28.58 -33.63
CA ASP I 101 -1.65 -28.27 -32.22
C ASP I 101 -0.73 -29.10 -31.32
N LYS I 102 -0.51 -30.37 -31.66
CA LYS I 102 0.39 -31.21 -30.88
C LYS I 102 1.83 -30.71 -30.97
N MET I 103 2.24 -30.21 -32.14
CA MET I 103 3.58 -29.68 -32.29
C MET I 103 3.69 -28.26 -31.73
N TYR I 104 2.65 -27.45 -31.91
CA TYR I 104 2.70 -26.08 -31.39
C TYR I 104 2.67 -26.06 -29.86
N SER I 105 2.00 -27.03 -29.24
CA SER I 105 2.03 -27.12 -27.79
C SER I 105 3.45 -27.36 -27.28
N TYR I 106 4.29 -28.02 -28.08
CA TYR I 106 5.68 -28.25 -27.70
C TYR I 106 6.51 -26.99 -27.84
N VAL I 107 6.40 -26.30 -29.00
CA VAL I 107 7.18 -25.09 -29.21
C VAL I 107 6.80 -24.01 -28.20
N ASN I 108 5.56 -24.04 -27.72
CA ASN I 108 5.13 -23.08 -26.72
C ASN I 108 5.78 -23.37 -25.37
N LYS I 109 5.78 -24.64 -24.97
CA LYS I 109 6.45 -25.05 -23.73
C LYS I 109 7.93 -24.73 -23.79
N ALA I 110 8.55 -24.89 -24.95
CA ALA I 110 9.99 -24.60 -25.09
C ALA I 110 10.26 -23.11 -25.12
N TYR I 111 9.33 -22.32 -25.67
CA TYR I 111 9.55 -20.88 -25.73
C TYR I 111 9.49 -20.23 -24.36
N TYR I 112 8.74 -20.80 -23.42
CA TYR I 112 8.56 -20.21 -22.12
C TYR I 112 9.34 -20.90 -21.02
N ASN I 113 10.06 -21.98 -21.34
CA ASN I 113 10.79 -22.74 -20.33
C ASN I 113 12.23 -23.04 -20.72
N ASP I 114 12.74 -22.43 -21.79
CA ASP I 114 14.09 -22.71 -22.27
C ASP I 114 14.74 -21.41 -22.69
N GLY I 115 15.90 -21.10 -22.10
CA GLY I 115 16.58 -19.87 -22.44
C GLY I 115 17.05 -19.82 -23.88
N ASP I 116 17.49 -20.97 -24.41
CA ASP I 116 17.98 -21.02 -25.78
C ASP I 116 16.89 -20.73 -26.80
N ILE I 117 15.62 -20.97 -26.45
CA ILE I 117 14.52 -20.74 -27.38
C ILE I 117 13.93 -19.35 -27.21
N TYR I 118 13.76 -18.93 -25.95
CA TYR I 118 13.08 -17.67 -25.66
C TYR I 118 13.87 -16.48 -26.19
N TYR I 119 15.20 -16.57 -26.20
CA TYR I 119 16.05 -15.49 -26.63
C TYR I 119 16.53 -15.63 -28.07
N SER I 120 15.94 -16.54 -28.84
CA SER I 120 16.38 -16.73 -30.22
C SER I 120 15.25 -17.17 -31.14
N SER I 121 14.03 -16.71 -30.87
CA SER I 121 12.87 -17.10 -31.67
C SER I 121 12.33 -15.89 -32.41
N TYR I 122 11.82 -16.15 -33.63
CA TYR I 122 11.22 -15.11 -34.46
C TYR I 122 9.71 -15.26 -34.53
N ASP I 123 9.22 -16.40 -35.03
CA ASP I 123 7.79 -16.63 -35.21
C ASP I 123 7.51 -18.08 -34.84
N LEU I 124 6.68 -18.30 -33.82
CA LEU I 124 6.43 -19.65 -33.34
C LEU I 124 5.72 -20.50 -34.39
N TYR I 125 4.83 -19.87 -35.16
CA TYR I 125 4.16 -20.59 -36.25
C TYR I 125 5.17 -21.12 -37.26
N ASP I 126 6.07 -20.25 -37.74
CA ASP I 126 7.02 -20.67 -38.76
C ASP I 126 7.91 -21.81 -38.29
N GLU I 127 8.35 -21.75 -37.03
CA GLU I 127 9.22 -22.80 -36.50
C GLU I 127 8.44 -24.09 -36.25
N THR I 128 7.14 -23.98 -35.93
CA THR I 128 6.33 -25.18 -35.76
C THR I 128 6.11 -25.88 -37.10
N ILE I 129 5.99 -25.13 -38.19
CA ILE I 129 5.94 -25.75 -39.51
C ILE I 129 7.27 -26.41 -39.84
N LYS I 130 8.37 -25.73 -39.52
CA LYS I 130 9.70 -26.28 -39.80
C LYS I 130 9.94 -27.57 -39.02
N LEU I 131 9.43 -27.62 -37.78
CA LEU I 131 9.59 -28.83 -36.97
C LEU I 131 8.75 -29.98 -37.51
N LEU I 132 7.53 -29.70 -37.98
CA LEU I 132 6.73 -30.74 -38.60
C LEU I 132 7.31 -31.18 -39.94
N GLU I 133 7.94 -30.27 -40.69
CA GLU I 133 8.58 -30.67 -41.93
C GLU I 133 9.83 -31.49 -41.68
N LEU I 134 10.49 -31.29 -40.54
CA LEU I 134 11.66 -32.08 -40.21
C LEU I 134 11.27 -33.49 -39.76
N LEU I 135 10.13 -33.62 -39.05
CA LEU I 135 9.66 -34.93 -38.63
C LEU I 135 9.14 -35.74 -39.81
N LYS I 136 8.49 -35.07 -40.77
CA LYS I 136 8.04 -35.78 -41.97
C LYS I 136 9.23 -36.29 -42.77
N GLU I 137 10.38 -35.63 -42.69
CA GLU I 137 11.56 -36.09 -43.39
C GLU I 137 12.12 -37.36 -42.77
N SER I 138 12.14 -37.44 -41.44
CA SER I 138 12.62 -38.62 -40.73
C SER I 138 11.52 -39.66 -40.52
N LYS I 139 10.33 -39.44 -41.06
CA LYS I 139 9.24 -40.41 -41.08
C LYS I 139 8.85 -40.88 -39.68
N ILE I 140 8.90 -39.97 -38.70
CA ILE I 140 8.44 -40.26 -37.35
C ILE I 140 7.16 -39.47 -37.11
N ASN I 141 6.25 -40.05 -36.33
CA ASN I 141 4.95 -39.42 -36.09
C ASN I 141 5.04 -38.42 -34.96
N VAL I 142 4.20 -37.40 -35.03
CA VAL I 142 4.22 -36.30 -34.06
C VAL I 142 3.58 -36.67 -32.73
N ASN I 143 3.04 -37.89 -32.60
CA ASN I 143 2.42 -38.30 -31.35
C ASN I 143 3.23 -39.34 -30.59
N ASP I 144 4.10 -40.10 -31.26
CA ASP I 144 5.05 -40.97 -30.60
C ASP I 144 6.37 -40.27 -30.32
N ILE I 145 6.36 -38.95 -30.23
CA ILE I 145 7.55 -38.15 -30.04
C ILE I 145 7.49 -37.49 -28.68
N ASP I 146 8.66 -37.29 -28.07
CA ASP I 146 8.76 -36.74 -26.73
C ASP I 146 9.11 -35.26 -26.78
N TYR I 147 8.66 -34.53 -25.76
CA TYR I 147 8.96 -33.10 -25.70
C TYR I 147 10.46 -32.85 -25.68
N ASP I 148 11.23 -33.73 -25.02
CA ASP I 148 12.67 -33.54 -24.96
C ASP I 148 13.29 -33.64 -26.36
N TYR I 149 12.78 -34.55 -27.19
CA TYR I 149 13.36 -34.72 -28.52
C TYR I 149 13.05 -33.52 -29.42
N VAL I 150 11.87 -32.93 -29.29
CA VAL I 150 11.55 -31.77 -30.12
C VAL I 150 12.36 -30.56 -29.69
N LEU I 151 12.69 -30.48 -28.39
CA LEU I 151 13.46 -29.35 -27.89
C LEU I 151 14.88 -29.38 -28.44
N LYS I 152 15.48 -30.57 -28.52
CA LYS I 152 16.79 -30.69 -29.14
C LYS I 152 16.75 -30.30 -30.61
N LEU I 153 15.69 -30.71 -31.31
CA LEU I 153 15.50 -30.28 -32.70
C LEU I 153 15.24 -28.78 -32.79
N TYR I 154 14.52 -28.23 -31.81
CA TYR I 154 14.22 -26.80 -31.82
C TYR I 154 15.50 -25.99 -31.69
N LYS I 155 16.37 -26.36 -30.74
CA LYS I 155 17.62 -25.65 -30.57
C LYS I 155 18.47 -25.70 -31.83
N GLN I 156 18.40 -26.81 -32.57
CA GLN I 156 19.17 -26.94 -33.80
C GLN I 156 18.73 -25.93 -34.84
N ILE I 157 17.43 -25.60 -34.89
CA ILE I 157 16.95 -24.58 -35.82
C ILE I 157 17.47 -23.19 -35.48
N LEU I 158 17.99 -23.00 -34.28
CA LEU I 158 18.44 -21.68 -33.84
C LEU I 158 19.89 -21.69 -33.36
N THR J 18 30.90 -22.22 4.44
CA THR J 18 29.69 -22.37 5.23
C THR J 18 29.93 -21.91 6.66
N HIS J 19 31.00 -21.12 6.85
CA HIS J 19 31.33 -20.56 8.14
C HIS J 19 30.47 -19.35 8.49
N TYR J 20 29.28 -19.24 7.89
CA TYR J 20 28.38 -18.13 8.17
C TYR J 20 28.06 -18.01 9.65
N GLY J 21 28.08 -19.13 10.38
CA GLY J 21 27.74 -19.09 11.80
C GLY J 21 28.62 -18.11 12.58
N THR J 22 29.93 -18.16 12.33
CA THR J 22 30.84 -17.20 12.94
C THR J 22 30.54 -15.78 12.47
N ILE J 23 30.08 -15.63 11.22
CA ILE J 23 29.83 -14.30 10.69
C ILE J 23 28.67 -13.63 11.41
N ILE J 24 27.67 -14.40 11.82
CA ILE J 24 26.50 -13.80 12.48
C ILE J 24 26.85 -13.37 13.89
N LYS J 25 27.50 -14.25 14.67
CA LYS J 25 27.80 -13.93 16.06
C LYS J 25 28.77 -12.76 16.16
N THR J 26 29.75 -12.71 15.25
CA THR J 26 30.69 -11.59 15.24
C THR J 26 29.97 -10.28 14.98
N LEU J 27 29.13 -10.25 13.94
CA LEU J 27 28.42 -9.02 13.61
C LEU J 27 27.30 -8.72 14.60
N ARG J 28 26.72 -9.76 15.22
CA ARG J 28 25.71 -9.55 16.24
C ARG J 28 26.26 -8.72 17.40
N LYS J 29 27.49 -9.02 17.82
CA LYS J 29 28.11 -8.25 18.89
C LYS J 29 28.43 -6.83 18.42
N TYR J 30 28.78 -6.66 17.15
CA TYR J 30 29.07 -5.33 16.63
C TYR J 30 27.85 -4.42 16.71
N MET J 31 26.66 -4.97 16.40
CA MET J 31 25.43 -4.21 16.48
C MET J 31 24.91 -4.07 17.91
N LYS J 32 25.61 -4.65 18.90
CA LYS J 32 25.18 -4.60 20.29
C LYS J 32 23.78 -5.19 20.45
N LEU J 33 23.49 -6.22 19.67
CA LEU J 33 22.23 -6.93 19.74
C LEU J 33 22.41 -8.21 20.55
N THR J 34 21.49 -8.45 21.48
CA THR J 34 21.52 -9.66 22.28
C THR J 34 20.88 -10.81 21.51
N GLN J 35 21.24 -12.03 21.91
CA GLN J 35 20.71 -13.22 21.24
C GLN J 35 19.19 -13.28 21.33
N SER J 36 18.60 -12.69 22.38
CA SER J 36 17.15 -12.67 22.49
C SER J 36 16.54 -11.50 21.71
N LYS J 37 17.23 -10.36 21.69
CA LYS J 37 16.73 -9.22 20.91
C LYS J 37 16.78 -9.52 19.41
N LEU J 38 17.79 -10.25 18.96
CA LEU J 38 17.82 -10.66 17.56
C LEU J 38 16.77 -11.71 17.27
N SER J 39 16.43 -12.53 18.27
CA SER J 39 15.38 -13.53 18.07
C SER J 39 14.03 -12.88 17.81
N GLU J 40 13.82 -11.67 18.35
CA GLU J 40 12.56 -10.98 18.11
C GLU J 40 12.47 -10.44 16.69
N ARG J 41 13.60 -10.06 16.10
CA ARG J 41 13.63 -9.51 14.75
C ARG J 41 13.65 -10.59 13.68
N THR J 42 14.38 -11.68 13.91
CA THR J 42 14.50 -12.76 12.92
C THR J 42 13.45 -13.84 13.10
N GLY J 43 12.79 -13.91 14.25
CA GLY J 43 11.77 -14.92 14.46
C GLY J 43 12.27 -16.32 14.67
N PHE J 44 13.57 -16.51 14.86
CA PHE J 44 14.14 -17.81 15.15
C PHE J 44 14.31 -17.98 16.66
N SER J 45 14.05 -19.19 17.14
CA SER J 45 14.25 -19.46 18.56
C SER J 45 15.70 -19.24 18.94
N GLN J 46 15.92 -18.84 20.20
CA GLN J 46 17.28 -18.63 20.68
C GLN J 46 18.10 -19.91 20.58
N ASN J 47 17.46 -21.08 20.66
CA ASN J 47 18.17 -22.33 20.49
C ASN J 47 18.57 -22.55 19.03
N THR J 48 17.72 -22.13 18.09
CA THR J 48 18.11 -22.17 16.68
C THR J 48 19.21 -21.15 16.40
N ILE J 49 19.23 -20.04 17.12
CA ILE J 49 20.28 -19.04 16.95
C ILE J 49 21.60 -19.55 17.53
N SER J 50 21.55 -20.12 18.74
CA SER J 50 22.76 -20.65 19.35
C SER J 50 23.27 -21.91 18.66
N ASN J 51 22.40 -22.60 17.90
CA ASN J 51 22.88 -23.70 17.08
C ASN J 51 23.59 -23.19 15.82
N HIS J 52 23.09 -22.08 15.25
CA HIS J 52 23.71 -21.51 14.07
C HIS J 52 25.01 -20.79 14.41
N GLU J 53 24.98 -19.97 15.47
CA GLU J 53 26.19 -19.25 15.88
C GLU J 53 27.29 -20.18 16.34
N ASN J 54 26.96 -21.43 16.68
CA ASN J 54 27.96 -22.41 17.09
C ASN J 54 28.35 -23.39 15.99
N GLY J 55 27.49 -23.58 15.00
CA GLY J 55 27.80 -24.44 13.89
C GLY J 55 27.26 -25.86 13.98
N ASN J 56 26.17 -26.07 14.73
CA ASN J 56 25.54 -27.38 14.79
C ASN J 56 24.56 -27.60 13.64
N ARG J 57 23.83 -26.56 13.26
CA ARG J 57 22.95 -26.60 12.09
C ARG J 57 23.42 -25.52 11.12
N ASN J 58 23.60 -25.93 9.86
CA ASN J 58 24.05 -24.99 8.83
C ASN J 58 22.92 -24.03 8.48
N ILE J 59 23.18 -22.73 8.63
CA ILE J 59 22.18 -21.74 8.27
C ILE J 59 21.92 -21.82 6.77
N GLY J 60 20.64 -21.97 6.41
CA GLY J 60 20.26 -22.14 5.03
C GLY J 60 20.36 -20.84 4.24
N VAL J 61 19.93 -20.93 2.98
CA VAL J 61 20.09 -19.80 2.06
C VAL J 61 19.11 -18.69 2.42
N ASN J 62 17.84 -19.04 2.69
CA ASN J 62 16.86 -18.04 3.07
C ASN J 62 17.17 -17.43 4.44
N GLU J 63 17.81 -18.20 5.32
CA GLU J 63 18.21 -17.66 6.61
C GLU J 63 19.17 -16.49 6.45
N ILE J 64 20.14 -16.62 5.53
CA ILE J 64 21.13 -15.57 5.33
C ILE J 64 20.45 -14.26 4.93
N GLU J 65 19.41 -14.33 4.10
CA GLU J 65 18.65 -13.14 3.78
C GLU J 65 17.94 -12.60 5.01
N ILE J 66 17.37 -13.48 5.84
CA ILE J 66 16.66 -13.06 7.04
C ILE J 66 17.61 -12.35 8.00
N TYR J 67 18.64 -13.06 8.47
CA TYR J 67 19.67 -12.49 9.34
C TYR J 67 20.16 -11.15 8.82
N GLY J 68 20.51 -11.09 7.54
CA GLY J 68 20.91 -9.86 6.88
C GLY J 68 19.99 -8.69 7.17
N LYS J 69 18.69 -8.87 6.91
CA LYS J 69 17.71 -7.85 7.26
C LYS J 69 17.69 -7.58 8.76
N GLY J 70 17.98 -8.61 9.58
CA GLY J 70 17.92 -8.42 11.02
C GLY J 70 19.04 -7.55 11.55
N LEU J 71 20.28 -7.81 11.12
CA LEU J 71 21.46 -7.10 11.61
C LEU J 71 21.73 -5.81 10.84
N GLY J 72 20.83 -5.39 9.96
CA GLY J 72 21.00 -4.14 9.26
C GLY J 72 22.17 -4.13 8.30
N ILE J 73 22.53 -5.27 7.75
CA ILE J 73 23.65 -5.40 6.81
C ILE J 73 23.10 -5.96 5.52
N PRO J 74 23.43 -5.38 4.36
CA PRO J 74 22.96 -5.92 3.09
C PRO J 74 23.33 -7.39 2.95
N SER J 75 22.51 -8.12 2.18
CA SER J 75 22.67 -9.57 2.09
C SER J 75 23.93 -9.96 1.34
N TYR J 76 24.32 -9.17 0.33
CA TYR J 76 25.47 -9.55 -0.48
C TYR J 76 26.79 -9.37 0.26
N ILE J 77 26.83 -8.49 1.29
CA ILE J 77 28.04 -8.33 2.08
C ILE J 77 28.35 -9.60 2.86
N LEU J 78 27.32 -10.26 3.39
CA LEU J 78 27.54 -11.50 4.12
C LEU J 78 28.06 -12.60 3.21
N HIS J 79 27.63 -12.60 1.94
CA HIS J 79 28.18 -13.56 0.98
C HIS J 79 29.62 -13.24 0.64
N ARG J 80 29.99 -11.95 0.66
CA ARG J 80 31.37 -11.58 0.39
C ARG J 80 32.29 -11.96 1.54
N ILE J 81 31.80 -11.86 2.78
CA ILE J 81 32.60 -12.23 3.94
C ILE J 81 32.89 -13.73 3.94
N SER J 82 31.88 -14.53 3.58
CA SER J 82 32.09 -15.98 3.54
C SER J 82 33.03 -16.37 2.41
N ASP J 83 33.10 -15.56 1.36
CA ASP J 83 34.04 -15.84 0.27
C ASP J 83 35.48 -15.68 0.72
N GLU J 84 35.75 -14.78 1.67
CA GLU J 84 37.10 -14.59 2.16
C GLU J 84 37.58 -15.76 3.00
N PHE J 85 36.66 -16.45 3.70
CA PHE J 85 37.06 -17.61 4.48
C PHE J 85 37.51 -18.75 3.58
N LYS J 86 36.80 -18.97 2.48
CA LYS J 86 37.21 -20.02 1.54
C LYS J 86 38.48 -19.67 0.78
N GLU J 87 38.94 -18.42 0.86
CA GLU J 87 40.10 -17.99 0.09
C GLU J 87 41.35 -17.92 0.97
N LYS J 88 41.37 -16.97 1.90
CA LYS J 88 42.53 -16.72 2.75
C LYS J 88 42.46 -17.46 4.08
N GLY J 89 41.46 -18.29 4.29
CA GLY J 89 41.33 -19.03 5.54
C GLY J 89 40.60 -18.25 6.62
N TYR J 90 40.74 -16.93 6.58
CA TYR J 90 40.06 -16.04 7.51
C TYR J 90 39.40 -14.91 6.71
N SER J 91 38.79 -13.98 7.42
CA SER J 91 38.15 -12.82 6.78
C SER J 91 38.81 -11.54 7.25
N PRO J 92 39.64 -10.88 6.45
CA PRO J 92 40.22 -9.60 6.87
C PRO J 92 39.17 -8.52 7.07
N THR J 93 38.06 -8.59 6.33
CA THR J 93 37.01 -7.58 6.45
C THR J 93 36.22 -7.75 7.74
N LEU J 94 35.95 -8.99 8.14
CA LEU J 94 35.20 -9.23 9.37
C LEU J 94 36.02 -8.87 10.60
N ASN J 95 37.35 -9.03 10.54
CA ASN J 95 38.18 -8.72 11.70
C ASN J 95 38.24 -7.21 11.94
N ASP J 96 38.45 -6.43 10.88
CA ASP J 96 38.46 -4.97 10.96
C ASP J 96 37.13 -4.38 10.53
N PHE J 97 36.01 -4.97 10.96
CA PHE J 97 34.70 -4.52 10.50
C PHE J 97 34.37 -3.11 11.00
N GLY J 98 34.95 -2.68 12.11
CA GLY J 98 34.75 -1.31 12.55
C GLY J 98 35.25 -0.30 11.53
N LYS J 99 36.42 -0.57 10.94
CA LYS J 99 36.92 0.28 9.87
C LYS J 99 36.09 0.14 8.60
N PHE J 100 35.49 -1.03 8.38
CA PHE J 100 34.67 -1.22 7.19
C PHE J 100 33.41 -0.40 7.25
N ASP J 101 32.70 -0.43 8.39
CA ASP J 101 31.43 0.27 8.51
C ASP J 101 31.62 1.78 8.35
N LYS J 102 32.68 2.34 8.94
CA LYS J 102 32.98 3.75 8.74
C LYS J 102 33.34 4.04 7.29
N MET J 103 34.05 3.11 6.64
CA MET J 103 34.40 3.29 5.24
C MET J 103 33.21 3.04 4.32
N TYR J 104 32.40 2.03 4.63
CA TYR J 104 31.25 1.74 3.78
C TYR J 104 30.20 2.84 3.86
N SER J 105 30.14 3.57 4.98
CA SER J 105 29.22 4.68 5.08
C SER J 105 29.63 5.84 4.19
N TYR J 106 30.94 5.97 3.90
CA TYR J 106 31.40 7.07 3.07
C TYR J 106 31.17 6.81 1.59
N VAL J 107 31.44 5.58 1.12
CA VAL J 107 31.20 5.25 -0.28
C VAL J 107 29.72 5.32 -0.61
N ASN J 108 28.84 5.04 0.38
CA ASN J 108 27.41 5.15 0.14
C ASN J 108 27.00 6.59 -0.16
N LYS J 109 27.45 7.54 0.66
CA LYS J 109 27.13 8.94 0.43
C LYS J 109 27.70 9.42 -0.90
N ALA J 110 28.89 8.93 -1.26
CA ALA J 110 29.50 9.36 -2.52
C ALA J 110 28.79 8.75 -3.72
N TYR J 111 28.26 7.53 -3.58
CA TYR J 111 27.59 6.89 -4.71
C TYR J 111 26.23 7.51 -4.99
N TYR J 112 25.56 8.03 -3.96
CA TYR J 112 24.22 8.57 -4.11
C TYR J 112 24.18 10.10 -4.17
N ASN J 113 25.33 10.77 -4.07
CA ASN J 113 25.33 12.23 -4.02
C ASN J 113 26.41 12.85 -4.91
N ASP J 114 27.06 12.08 -5.77
CA ASP J 114 28.12 12.59 -6.63
C ASP J 114 27.97 11.95 -8.00
N GLY J 115 27.76 12.78 -9.03
CA GLY J 115 27.59 12.26 -10.37
C GLY J 115 28.81 11.52 -10.87
N ASP J 116 30.00 11.97 -10.47
CA ASP J 116 31.23 11.32 -10.92
C ASP J 116 31.39 9.91 -10.36
N ILE J 117 30.65 9.59 -9.29
CA ILE J 117 30.67 8.25 -8.71
C ILE J 117 29.50 7.42 -9.20
N TYR J 118 28.29 7.97 -9.14
CA TYR J 118 27.09 7.21 -9.44
C TYR J 118 27.08 6.70 -10.88
N TYR J 119 27.67 7.46 -11.80
CA TYR J 119 27.65 7.12 -13.21
C TYR J 119 28.93 6.42 -13.68
N SER J 120 29.80 6.01 -12.76
CA SER J 120 31.03 5.34 -13.16
C SER J 120 31.56 4.39 -12.09
N SER J 121 30.68 3.75 -11.33
CA SER J 121 31.09 2.82 -10.29
C SER J 121 30.61 1.42 -10.63
N TYR J 122 31.41 0.42 -10.22
CA TYR J 122 31.11 -0.98 -10.47
C TYR J 122 30.53 -1.67 -9.23
N ASP J 123 31.31 -1.74 -8.16
CA ASP J 123 30.89 -2.44 -6.94
C ASP J 123 31.31 -1.61 -5.74
N LEU J 124 30.32 -1.18 -4.95
CA LEU J 124 30.62 -0.41 -3.75
C LEU J 124 31.44 -1.22 -2.76
N TYR J 125 31.19 -2.53 -2.67
CA TYR J 125 31.93 -3.36 -1.73
C TYR J 125 33.41 -3.44 -2.12
N ASP J 126 33.69 -3.74 -3.39
CA ASP J 126 35.08 -3.82 -3.84
C ASP J 126 35.80 -2.48 -3.66
N GLU J 127 35.14 -1.39 -4.03
CA GLU J 127 35.74 -0.07 -3.85
C GLU J 127 35.90 0.27 -2.38
N THR J 128 35.03 -0.27 -1.51
CA THR J 128 35.18 -0.02 -0.09
C THR J 128 36.41 -0.71 0.47
N ILE J 129 36.70 -1.92 -0.01
CA ILE J 129 37.91 -2.62 0.43
C ILE J 129 39.15 -1.98 -0.17
N LYS J 130 39.06 -1.57 -1.44
CA LYS J 130 40.20 -0.92 -2.09
C LYS J 130 40.63 0.34 -1.35
N LEU J 131 39.66 1.17 -0.94
CA LEU J 131 40.00 2.38 -0.21
C LEU J 131 40.62 2.06 1.14
N LEU J 132 40.17 1.00 1.79
CA LEU J 132 40.75 0.60 3.06
C LEU J 132 42.19 0.11 2.89
N GLU J 133 42.50 -0.49 1.75
CA GLU J 133 43.87 -0.95 1.51
C GLU J 133 44.82 0.20 1.20
N LEU J 134 44.30 1.27 0.59
CA LEU J 134 45.12 2.45 0.32
C LEU J 134 45.48 3.18 1.61
N LEU J 135 44.53 3.28 2.54
CA LEU J 135 44.81 3.93 3.81
C LEU J 135 45.75 3.09 4.67
N LYS J 136 45.65 1.75 4.57
CA LYS J 136 46.58 0.89 5.30
C LYS J 136 48.00 1.04 4.78
N GLU J 137 48.15 1.30 3.48
CA GLU J 137 49.49 1.49 2.92
C GLU J 137 50.09 2.82 3.34
N SER J 138 49.29 3.90 3.31
CA SER J 138 49.75 5.21 3.71
C SER J 138 49.58 5.47 5.21
N LYS J 139 49.19 4.44 5.97
CA LYS J 139 49.12 4.50 7.42
C LYS J 139 48.16 5.58 7.91
N ILE J 140 47.03 5.72 7.22
CA ILE J 140 45.97 6.65 7.60
C ILE J 140 44.84 5.86 8.23
N ASN J 141 44.29 6.37 9.33
CA ASN J 141 43.20 5.72 10.03
C ASN J 141 41.86 6.10 9.42
N VAL J 142 40.91 5.17 9.50
CA VAL J 142 39.59 5.41 8.93
C VAL J 142 38.71 6.28 9.83
N ASN J 143 39.07 6.40 11.11
CA ASN J 143 38.28 7.23 12.03
C ASN J 143 38.71 8.68 12.01
N ASP J 144 40.01 8.95 11.83
CA ASP J 144 40.52 10.31 11.76
C ASP J 144 40.62 10.84 10.34
N ILE J 145 39.89 10.25 9.40
CA ILE J 145 39.89 10.68 8.01
C ILE J 145 38.54 11.31 7.69
N ASP J 146 38.56 12.31 6.81
CA ASP J 146 37.37 13.06 6.45
C ASP J 146 36.82 12.58 5.11
N TYR J 147 35.50 12.75 4.94
CA TYR J 147 34.85 12.30 3.72
C TYR J 147 35.39 13.02 2.49
N ASP J 148 35.77 14.28 2.65
CA ASP J 148 36.25 15.06 1.49
C ASP J 148 37.50 14.44 0.88
N TYR J 149 38.42 13.96 1.72
CA TYR J 149 39.63 13.35 1.20
C TYR J 149 39.34 12.00 0.56
N VAL J 150 38.47 11.19 1.20
CA VAL J 150 38.20 9.87 0.64
C VAL J 150 37.39 10.00 -0.65
N LEU J 151 36.56 11.03 -0.78
CA LEU J 151 35.85 11.25 -2.03
C LEU J 151 36.84 11.57 -3.15
N LYS J 152 37.89 12.33 -2.83
CA LYS J 152 38.93 12.60 -3.81
C LYS J 152 39.62 11.31 -4.26
N LEU J 153 39.89 10.41 -3.32
CA LEU J 153 40.49 9.12 -3.66
C LEU J 153 39.52 8.25 -4.43
N TYR J 154 38.23 8.33 -4.10
CA TYR J 154 37.22 7.57 -4.82
C TYR J 154 37.22 7.93 -6.31
N LYS J 155 37.32 9.23 -6.61
CA LYS J 155 37.40 9.65 -8.00
C LYS J 155 38.62 9.08 -8.70
N GLN J 156 39.71 8.86 -7.96
CA GLN J 156 40.94 8.38 -8.56
C GLN J 156 40.79 6.94 -9.04
N ILE J 157 40.40 6.04 -8.13
CA ILE J 157 40.25 4.63 -8.48
C ILE J 157 39.18 4.41 -9.54
N LEU J 158 38.30 5.40 -9.75
CA LEU J 158 37.27 5.29 -10.78
C LEU J 158 37.71 5.84 -12.12
N SER J 159 38.52 6.89 -12.13
CA SER J 159 39.22 7.29 -13.34
C SER J 159 40.19 6.18 -13.76
N THR J 160 40.78 6.36 -14.95
CA THR J 160 41.79 5.45 -15.53
C THR J 160 41.40 3.97 -15.48
N HIS K 19 14.59 42.14 -20.30
CA HIS K 19 13.21 42.46 -20.67
C HIS K 19 12.22 41.66 -19.82
N TYR K 20 12.49 41.57 -18.51
CA TYR K 20 11.64 40.78 -17.61
C TYR K 20 10.28 41.43 -17.41
N GLY K 21 10.24 42.75 -17.29
CA GLY K 21 8.97 43.44 -17.17
C GLY K 21 8.08 43.24 -18.39
N THR K 22 8.68 43.28 -19.58
CA THR K 22 7.89 43.14 -20.80
C THR K 22 7.39 41.71 -20.98
N ILE K 23 7.88 40.76 -20.19
CA ILE K 23 7.61 39.34 -20.45
C ILE K 23 6.17 39.01 -20.13
N ILE K 24 5.66 39.45 -18.99
CA ILE K 24 4.35 39.03 -18.52
C ILE K 24 3.26 40.03 -18.90
N LYS K 25 3.55 41.32 -18.80
CA LYS K 25 2.51 42.33 -19.03
C LYS K 25 1.97 42.27 -20.45
N THR K 26 2.87 42.11 -21.43
CA THR K 26 2.43 42.09 -22.83
C THR K 26 1.55 40.88 -23.12
N LEU K 27 1.88 39.72 -22.53
CA LEU K 27 1.09 38.52 -22.77
C LEU K 27 -0.33 38.67 -22.25
N ARG K 28 -0.53 39.43 -21.17
CA ARG K 28 -1.88 39.69 -20.70
C ARG K 28 -2.67 40.49 -21.72
N LYS K 29 -2.02 41.48 -22.35
CA LYS K 29 -2.70 42.31 -23.33
C LYS K 29 -3.14 41.51 -24.55
N TYR K 30 -2.39 40.47 -24.91
CA TYR K 30 -2.80 39.62 -26.02
C TYR K 30 -4.16 38.99 -25.77
N MET K 31 -4.41 38.55 -24.54
CA MET K 31 -5.70 37.99 -24.15
C MET K 31 -6.58 38.99 -23.42
N LYS K 32 -6.14 40.24 -23.29
CA LYS K 32 -6.88 41.29 -22.59
C LYS K 32 -7.22 40.86 -21.17
N LEU K 33 -6.22 40.32 -20.48
CA LEU K 33 -6.40 39.84 -19.11
C LEU K 33 -5.99 40.91 -18.11
N THR K 34 -6.82 41.14 -17.11
CA THR K 34 -6.52 42.13 -16.08
C THR K 34 -6.74 41.56 -14.68
N PRO K 74 3.44 28.02 -21.51
CA PRO K 74 4.76 27.38 -21.69
C PRO K 74 5.89 28.23 -21.13
N SER K 75 6.48 27.79 -20.02
CA SER K 75 7.56 28.54 -19.40
C SER K 75 8.84 28.49 -20.21
N TYR K 76 9.02 27.44 -21.00
CA TYR K 76 10.19 27.37 -21.89
C TYR K 76 10.10 28.42 -22.98
N ILE K 77 8.89 28.70 -23.47
CA ILE K 77 8.73 29.75 -24.47
C ILE K 77 9.00 31.11 -23.86
N LEU K 78 8.61 31.31 -22.60
CA LEU K 78 8.87 32.60 -21.94
C LEU K 78 10.36 32.81 -21.72
N HIS K 79 11.10 31.74 -21.41
CA HIS K 79 12.54 31.88 -21.23
C HIS K 79 13.25 32.12 -22.57
N ARG K 80 12.70 31.57 -23.66
CA ARG K 80 13.32 31.79 -24.97
C ARG K 80 13.19 33.24 -25.42
N ILE K 81 12.10 33.90 -25.07
CA ILE K 81 11.95 35.31 -25.41
C ILE K 81 12.97 36.15 -24.64
N SER K 82 13.21 35.79 -23.38
CA SER K 82 14.21 36.50 -22.58
C SER K 82 15.62 36.31 -23.14
N ASP K 83 15.85 35.18 -23.82
CA ASP K 83 17.14 34.98 -24.49
C ASP K 83 17.31 35.96 -25.65
N GLU K 84 16.22 36.40 -26.26
CA GLU K 84 16.33 37.37 -27.35
C GLU K 84 16.69 38.75 -26.84
N PHE K 85 16.21 39.11 -25.64
CA PHE K 85 16.56 40.41 -25.08
C PHE K 85 18.04 40.49 -24.74
N LYS K 86 18.59 39.43 -24.13
CA LYS K 86 20.01 39.40 -23.81
C LYS K 86 20.89 39.24 -25.04
N GLU K 87 20.31 38.87 -26.19
CA GLU K 87 21.09 38.66 -27.40
C GLU K 87 20.93 39.83 -28.36
N LYS K 88 19.73 40.02 -28.91
CA LYS K 88 19.49 41.04 -29.93
C LYS K 88 18.95 42.34 -29.35
N GLY K 89 18.86 42.47 -28.03
CA GLY K 89 18.44 43.72 -27.43
C GLY K 89 16.94 43.87 -27.30
N TYR K 90 16.19 43.28 -28.25
CA TYR K 90 14.74 43.32 -28.26
C TYR K 90 14.22 41.92 -28.58
N SER K 91 12.89 41.81 -28.67
CA SER K 91 12.24 40.53 -28.96
C SER K 91 11.44 40.67 -30.25
N PRO K 92 11.92 40.13 -31.38
CA PRO K 92 11.11 40.17 -32.60
C PRO K 92 9.84 39.35 -32.49
N THR K 93 9.81 38.36 -31.60
CA THR K 93 8.62 37.52 -31.47
C THR K 93 7.53 38.19 -30.64
N LEU K 94 7.92 39.02 -29.67
CA LEU K 94 6.94 39.58 -28.74
C LEU K 94 6.02 40.58 -29.44
N ASN K 95 6.54 41.35 -30.38
CA ASN K 95 5.72 42.38 -31.02
C ASN K 95 4.71 41.77 -31.98
N ASP K 96 5.11 40.72 -32.71
CA ASP K 96 4.24 40.04 -33.67
C ASP K 96 3.78 38.69 -33.12
N PHE K 97 3.32 38.67 -31.87
CA PHE K 97 2.91 37.41 -31.25
C PHE K 97 1.64 36.84 -31.87
N GLY K 98 0.81 37.68 -32.49
CA GLY K 98 -0.40 37.17 -33.14
C GLY K 98 -0.09 36.18 -34.24
N LYS K 99 0.95 36.45 -35.03
CA LYS K 99 1.34 35.52 -36.09
C LYS K 99 2.06 34.31 -35.51
N PHE K 100 2.74 34.46 -34.38
CA PHE K 100 3.46 33.33 -33.78
C PHE K 100 2.48 32.32 -33.18
N ASP K 101 1.53 32.79 -32.39
CA ASP K 101 0.58 31.88 -31.74
C ASP K 101 -0.20 31.06 -32.76
N LYS K 102 -0.58 31.69 -33.88
CA LYS K 102 -1.30 30.96 -34.92
C LYS K 102 -0.40 29.93 -35.59
N MET K 103 0.89 30.25 -35.75
CA MET K 103 1.84 29.30 -36.32
C MET K 103 2.26 28.25 -35.30
N TYR K 104 2.40 28.62 -34.04
CA TYR K 104 2.74 27.64 -33.01
C TYR K 104 1.58 26.67 -32.78
N SER K 105 0.34 27.13 -32.96
CA SER K 105 -0.79 26.22 -32.89
C SER K 105 -0.83 25.27 -34.07
N TYR K 106 -0.26 25.68 -35.21
CA TYR K 106 -0.15 24.77 -36.35
C TYR K 106 1.00 23.79 -36.17
N VAL K 107 2.15 24.28 -35.70
CA VAL K 107 3.29 23.41 -35.44
C VAL K 107 2.97 22.42 -34.33
N ASN K 108 2.11 22.80 -33.40
CA ASN K 108 1.70 21.89 -32.35
C ASN K 108 0.87 20.74 -32.90
N LYS K 109 -0.07 21.05 -33.80
CA LYS K 109 -0.95 20.02 -34.34
C LYS K 109 -0.17 19.04 -35.23
N ALA K 110 0.86 19.53 -35.93
CA ALA K 110 1.60 18.66 -36.84
C ALA K 110 2.50 17.69 -36.09
N TYR K 111 3.01 18.09 -34.92
CA TYR K 111 3.87 17.20 -34.15
C TYR K 111 3.07 16.05 -33.53
N TYR K 112 1.77 16.23 -33.33
CA TYR K 112 0.93 15.24 -32.67
C TYR K 112 0.02 14.48 -33.62
N ASN K 113 0.06 14.80 -34.93
CA ASN K 113 -0.79 14.13 -35.90
C ASN K 113 -0.05 13.76 -37.18
N ASP K 114 1.27 13.85 -37.21
CA ASP K 114 2.05 13.48 -38.38
C ASP K 114 3.32 12.77 -37.92
N GLY K 115 3.55 11.57 -38.46
CA GLY K 115 4.72 10.80 -38.05
C GLY K 115 6.02 11.45 -38.44
N ASP K 116 6.07 12.04 -39.64
CA ASP K 116 7.30 12.65 -40.14
C ASP K 116 7.77 13.80 -39.27
N ILE K 117 6.87 14.41 -38.49
CA ILE K 117 7.24 15.50 -37.60
C ILE K 117 7.62 14.98 -36.22
N TYR K 118 6.79 14.09 -35.68
CA TYR K 118 7.00 13.56 -34.33
C TYR K 118 8.34 12.85 -34.21
N TYR K 119 8.77 12.17 -35.27
CA TYR K 119 10.00 11.37 -35.26
C TYR K 119 11.17 12.10 -35.90
N SER K 120 11.08 13.42 -36.14
CA SER K 120 12.16 14.12 -36.80
C SER K 120 12.28 15.57 -36.35
N SER K 121 11.79 15.91 -35.16
CA SER K 121 11.79 17.28 -34.69
C SER K 121 12.78 17.46 -33.54
N TYR K 122 13.37 18.65 -33.47
CA TYR K 122 14.36 18.98 -32.46
C TYR K 122 13.80 19.96 -31.42
N ASP K 123 13.32 21.12 -31.85
CA ASP K 123 12.77 22.12 -30.94
C ASP K 123 11.54 22.74 -31.59
N LEU K 124 10.40 22.63 -30.91
CA LEU K 124 9.16 23.16 -31.48
C LEU K 124 9.23 24.67 -31.67
N TYR K 125 9.82 25.38 -30.71
CA TYR K 125 9.93 26.83 -30.84
C TYR K 125 10.80 27.21 -32.03
N ASP K 126 11.96 26.56 -32.16
CA ASP K 126 12.88 26.89 -33.26
C ASP K 126 12.24 26.61 -34.61
N GLU K 127 11.47 25.52 -34.72
CA GLU K 127 10.81 25.18 -35.98
C GLU K 127 9.72 26.19 -36.34
N THR K 128 9.05 26.75 -35.33
CA THR K 128 8.05 27.77 -35.59
C THR K 128 8.70 29.06 -36.10
N ILE K 129 9.90 29.37 -35.61
CA ILE K 129 10.56 30.61 -36.01
C ILE K 129 11.06 30.50 -37.46
N LYS K 130 11.68 29.37 -37.81
CA LYS K 130 12.16 29.18 -39.17
C LYS K 130 11.00 29.17 -40.16
N LEU K 131 9.86 28.62 -39.76
CA LEU K 131 8.69 28.61 -40.63
C LEU K 131 8.15 30.03 -40.84
N LEU K 132 8.13 30.84 -39.78
CA LEU K 132 7.67 32.22 -39.91
C LEU K 132 8.64 33.06 -40.72
N GLU K 133 9.94 32.75 -40.66
CA GLU K 133 10.91 33.45 -41.49
C GLU K 133 10.82 33.01 -42.94
N LEU K 134 10.41 31.76 -43.19
CA LEU K 134 10.23 31.31 -44.57
C LEU K 134 8.96 31.90 -45.17
N LEU K 135 7.93 32.12 -44.35
CA LEU K 135 6.71 32.74 -44.85
C LEU K 135 6.89 34.24 -45.06
N LYS K 136 7.66 34.89 -44.19
CA LYS K 136 7.98 36.30 -44.38
C LYS K 136 8.87 36.51 -45.60
N GLU K 137 9.74 35.55 -45.89
CA GLU K 137 10.57 35.63 -47.10
C GLU K 137 9.71 35.51 -48.35
N SER K 138 8.76 34.57 -48.35
CA SER K 138 7.80 34.45 -49.44
C SER K 138 6.66 35.44 -49.33
N LYS K 139 6.68 36.30 -48.31
CA LYS K 139 5.70 37.38 -48.15
C LYS K 139 4.26 36.86 -48.04
N ILE K 140 4.10 35.74 -47.32
CA ILE K 140 2.79 35.13 -47.14
C ILE K 140 2.28 35.48 -45.74
N ASN K 141 0.99 35.79 -45.63
CA ASN K 141 0.41 36.24 -44.38
C ASN K 141 -0.03 35.05 -43.52
N VAL K 142 -0.13 35.31 -42.22
CA VAL K 142 -0.50 34.26 -41.28
C VAL K 142 -2.00 33.99 -41.33
N ASN K 143 -2.81 35.00 -41.66
CA ASN K 143 -4.25 34.78 -41.72
C ASN K 143 -4.64 33.94 -42.93
N ASP K 144 -4.04 34.22 -44.09
CA ASP K 144 -4.37 33.53 -45.33
C ASP K 144 -3.57 32.25 -45.54
N ILE K 145 -3.07 31.64 -44.46
CA ILE K 145 -2.27 30.42 -44.55
C ILE K 145 -3.11 29.25 -44.06
N ASP K 146 -2.97 28.12 -44.75
CA ASP K 146 -3.71 26.90 -44.41
C ASP K 146 -2.81 25.91 -43.69
N TYR K 147 -3.40 25.19 -42.74
CA TYR K 147 -2.64 24.21 -41.94
C TYR K 147 -1.98 23.17 -42.84
N ASP K 148 -2.67 22.76 -43.91
CA ASP K 148 -2.07 21.79 -44.83
C ASP K 148 -0.84 22.38 -45.51
N TYR K 149 -0.89 23.67 -45.85
CA TYR K 149 0.28 24.30 -46.47
C TYR K 149 1.43 24.40 -45.49
N VAL K 150 1.13 24.61 -44.20
CA VAL K 150 2.18 24.68 -43.19
C VAL K 150 2.90 23.34 -43.08
N LEU K 151 2.17 22.24 -43.22
CA LEU K 151 2.77 20.92 -43.11
C LEU K 151 3.80 20.68 -44.21
N LYS K 152 3.50 21.14 -45.43
CA LYS K 152 4.41 20.91 -46.56
C LYS K 152 5.73 21.63 -46.36
N LEU K 153 5.67 22.84 -45.82
CA LEU K 153 6.91 23.57 -45.51
C LEU K 153 7.63 22.94 -44.32
N TYR K 154 6.89 22.35 -43.39
CA TYR K 154 7.50 21.75 -42.20
C TYR K 154 8.38 20.56 -42.57
N LYS K 155 7.85 19.65 -43.39
CA LYS K 155 8.62 18.47 -43.78
C LYS K 155 9.86 18.83 -44.57
N GLN K 156 9.81 19.93 -45.32
CA GLN K 156 10.99 20.36 -46.07
C GLN K 156 12.14 20.73 -45.13
N ILE K 157 11.87 21.61 -44.17
CA ILE K 157 12.86 21.96 -43.16
C ILE K 157 13.24 20.77 -42.30
N LEU K 158 12.51 19.66 -42.42
CA LEU K 158 12.79 18.46 -41.64
C LEU K 158 13.10 17.26 -42.55
N LEU L 16 -27.46 38.59 14.66
CA LEU L 16 -26.45 38.05 15.57
C LEU L 16 -25.16 38.85 15.50
N PRO L 17 -24.94 39.73 16.48
CA PRO L 17 -23.72 40.54 16.47
C PRO L 17 -22.52 39.75 16.98
N THR L 18 -21.37 40.00 16.37
CA THR L 18 -20.12 39.39 16.76
C THR L 18 -19.07 40.46 17.04
N HIS L 19 -18.19 40.18 17.98
CA HIS L 19 -17.09 41.08 18.35
C HIS L 19 -15.77 40.33 18.32
N TYR L 20 -15.54 39.60 17.23
CA TYR L 20 -14.29 38.85 17.09
C TYR L 20 -13.11 39.77 16.80
N GLY L 21 -13.36 40.91 16.14
CA GLY L 21 -12.28 41.83 15.84
C GLY L 21 -11.59 42.35 17.10
N THR L 22 -12.40 42.77 18.09
CA THR L 22 -11.85 43.18 19.37
C THR L 22 -11.17 42.02 20.08
N ILE L 23 -11.73 40.81 19.96
CA ILE L 23 -11.17 39.66 20.67
C ILE L 23 -9.80 39.30 20.12
N ILE L 24 -9.59 39.43 18.81
CA ILE L 24 -8.29 39.09 18.23
C ILE L 24 -7.24 40.12 18.64
N LYS L 25 -7.55 41.40 18.50
CA LYS L 25 -6.58 42.44 18.80
C LYS L 25 -6.27 42.50 20.29
N THR L 26 -7.29 42.40 21.14
CA THR L 26 -7.07 42.44 22.58
C THR L 26 -6.15 41.30 23.02
N LEU L 27 -6.36 40.10 22.49
CA LEU L 27 -5.48 38.98 22.82
C LEU L 27 -4.13 39.14 22.13
N ARG L 28 -4.12 39.72 20.93
CA ARG L 28 -2.88 39.95 20.20
C ARG L 28 -1.90 40.76 21.04
N LYS L 29 -2.38 41.86 21.64
CA LYS L 29 -1.53 42.65 22.52
C LYS L 29 -1.17 41.89 23.79
N TYR L 30 -2.08 41.03 24.27
CA TYR L 30 -1.80 40.23 25.46
C TYR L 30 -0.61 39.32 25.25
N MET L 31 -0.51 38.71 24.07
CA MET L 31 0.64 37.91 23.69
C MET L 31 1.77 38.75 23.13
N LYS L 32 1.57 40.07 22.99
CA LYS L 32 2.62 40.98 22.53
C LYS L 32 3.13 40.59 21.15
N LEU L 33 2.23 40.08 20.32
CA LEU L 33 2.51 39.79 18.91
C LEU L 33 2.08 40.99 18.09
N THR L 34 2.89 41.39 17.12
CA THR L 34 2.56 42.55 16.32
C THR L 34 1.72 42.15 15.11
N GLN L 35 0.97 43.13 14.58
CA GLN L 35 0.09 42.89 13.45
C GLN L 35 0.84 42.28 12.27
N SER L 36 2.13 42.58 12.15
CA SER L 36 2.98 41.93 11.16
C SER L 36 3.53 40.59 11.67
N LYS L 37 3.82 40.50 12.97
CA LYS L 37 4.34 39.25 13.52
C LYS L 37 3.30 38.16 13.50
N LEU L 38 2.03 38.51 13.72
CA LEU L 38 0.97 37.52 13.64
C LEU L 38 0.82 36.99 12.22
N SER L 39 1.15 37.81 11.21
CA SER L 39 1.18 37.34 9.83
C SER L 39 2.31 36.33 9.61
N GLU L 40 3.32 36.33 10.48
CA GLU L 40 4.36 35.29 10.40
C GLU L 40 3.85 33.98 10.96
N ARG L 41 3.22 34.01 12.14
CA ARG L 41 2.67 32.80 12.72
C ARG L 41 1.49 32.29 11.91
N THR L 42 0.67 33.21 11.39
CA THR L 42 -0.40 32.82 10.47
C THR L 42 0.06 33.03 9.03
N GLY L 43 -0.79 33.61 8.20
CA GLY L 43 -0.43 33.87 6.82
C GLY L 43 -1.44 34.76 6.12
N PHE L 44 -1.52 36.02 6.53
CA PHE L 44 -2.49 36.95 5.99
C PHE L 44 -1.87 38.32 5.81
N SER L 45 -2.59 39.18 5.10
CA SER L 45 -2.18 40.57 4.96
C SER L 45 -2.61 41.36 6.20
N GLN L 46 -1.78 42.33 6.59
CA GLN L 46 -2.12 43.15 7.75
C GLN L 46 -3.36 43.97 7.50
N ASN L 47 -3.60 44.37 6.26
CA ASN L 47 -4.84 45.07 5.93
C ASN L 47 -6.06 44.20 6.23
N THR L 48 -5.95 42.89 5.96
CA THR L 48 -6.99 41.97 6.41
C THR L 48 -7.13 41.99 7.92
N ILE L 49 -5.99 41.95 8.63
CA ILE L 49 -6.02 42.04 10.09
C ILE L 49 -6.55 43.39 10.53
N SER L 50 -6.12 44.46 9.86
CA SER L 50 -6.62 45.79 10.19
C SER L 50 -8.11 45.90 9.90
N ASN L 51 -8.57 45.34 8.77
CA ASN L 51 -10.00 45.31 8.49
C ASN L 51 -10.74 44.42 9.48
N HIS L 52 -10.10 43.35 9.95
CA HIS L 52 -10.73 42.48 10.94
C HIS L 52 -10.83 43.17 12.29
N GLU L 53 -9.72 43.76 12.77
CA GLU L 53 -9.72 44.38 14.08
C GLU L 53 -10.57 45.64 14.12
N ASN L 54 -10.70 46.34 13.00
CA ASN L 54 -11.50 47.56 12.94
C ASN L 54 -12.95 47.30 12.57
N GLY L 55 -13.33 46.04 12.34
CA GLY L 55 -14.68 45.73 11.92
C GLY L 55 -14.98 45.95 10.46
N ASN L 56 -13.96 46.25 9.64
CA ASN L 56 -14.23 46.52 8.22
C ASN L 56 -14.57 45.23 7.50
N ARG L 57 -13.79 44.18 7.74
CA ARG L 57 -13.96 42.87 7.09
C ARG L 57 -14.25 41.84 8.17
N ASN L 58 -15.38 41.15 8.01
CA ASN L 58 -15.72 40.04 8.89
C ASN L 58 -14.94 38.81 8.48
N ILE L 59 -15.00 37.78 9.32
CA ILE L 59 -14.20 36.58 9.14
C ILE L 59 -15.07 35.36 9.47
N GLY L 60 -14.94 34.31 8.65
CA GLY L 60 -15.57 33.05 8.95
C GLY L 60 -14.71 32.18 9.84
N VAL L 61 -15.30 31.06 10.31
CA VAL L 61 -14.61 30.18 11.25
C VAL L 61 -13.27 29.72 10.67
N ASN L 62 -13.20 29.63 9.33
CA ASN L 62 -11.97 29.29 8.63
C ASN L 62 -10.79 30.13 9.15
N GLU L 63 -10.96 31.45 9.16
CA GLU L 63 -9.97 32.37 9.71
C GLU L 63 -9.90 32.33 11.23
N ILE L 64 -11.01 31.99 11.92
CA ILE L 64 -10.98 32.00 13.38
C ILE L 64 -10.01 30.96 13.91
N GLU L 65 -9.80 29.87 13.17
CA GLU L 65 -8.89 28.83 13.64
C GLU L 65 -7.43 29.25 13.49
N ILE L 66 -7.11 29.94 12.39
CA ILE L 66 -5.72 30.29 12.12
C ILE L 66 -5.22 31.31 13.14
N TYR L 67 -5.99 32.38 13.35
CA TYR L 67 -5.60 33.38 14.34
C TYR L 67 -5.50 32.78 15.73
N GLY L 68 -6.46 31.93 16.10
CA GLY L 68 -6.39 31.27 17.38
C GLY L 68 -5.15 30.40 17.53
N LYS L 69 -4.73 29.76 16.44
CA LYS L 69 -3.53 28.94 16.48
C LYS L 69 -2.27 29.79 16.52
N GLY L 70 -2.25 30.90 15.77
CA GLY L 70 -1.09 31.77 15.80
C GLY L 70 -0.98 32.59 17.06
N LEU L 71 -2.13 32.92 17.68
CA LEU L 71 -2.13 33.65 18.93
C LEU L 71 -1.88 32.76 20.14
N GLY L 72 -1.93 31.43 19.96
CA GLY L 72 -1.66 30.51 21.04
C GLY L 72 -2.84 30.20 21.93
N ILE L 73 -4.06 30.35 21.42
CA ILE L 73 -5.28 30.26 22.22
C ILE L 73 -6.21 29.27 21.54
N PRO L 74 -6.79 28.31 22.26
CA PRO L 74 -7.70 27.34 21.63
C PRO L 74 -8.91 28.03 21.01
N SER L 75 -9.38 27.48 19.89
CA SER L 75 -10.49 28.10 19.17
C SER L 75 -11.78 28.02 19.97
N TYR L 76 -11.94 27.01 20.83
CA TYR L 76 -13.14 26.91 21.63
C TYR L 76 -13.16 27.92 22.77
N ILE L 77 -12.00 28.49 23.12
CA ILE L 77 -11.97 29.60 24.07
C ILE L 77 -12.54 30.85 23.42
N LEU L 78 -12.21 31.10 22.15
CA LEU L 78 -12.71 32.29 21.47
C LEU L 78 -14.23 32.24 21.31
N HIS L 79 -14.77 31.07 21.02
CA HIS L 79 -16.22 30.93 20.89
C HIS L 79 -16.91 31.17 22.23
N ARG L 80 -16.29 30.78 23.34
CA ARG L 80 -16.89 31.02 24.65
C ARG L 80 -16.89 32.50 25.00
N ILE L 81 -15.86 33.23 24.58
CA ILE L 81 -15.81 34.66 24.86
C ILE L 81 -16.83 35.41 24.00
N SER L 82 -16.92 35.06 22.72
CA SER L 82 -17.88 35.72 21.84
C SER L 82 -19.32 35.44 22.26
N ASP L 83 -19.56 34.30 22.91
CA ASP L 83 -20.89 34.02 23.43
C ASP L 83 -21.26 34.97 24.56
N GLU L 84 -20.27 35.48 25.30
CA GLU L 84 -20.55 36.41 26.38
C GLU L 84 -20.96 37.78 25.84
N PHE L 85 -20.40 38.19 24.69
CA PHE L 85 -20.84 39.42 24.06
C PHE L 85 -22.30 39.34 23.64
N LYS L 86 -22.70 38.20 23.06
CA LYS L 86 -24.09 37.98 22.71
C LYS L 86 -24.98 37.81 23.94
N GLU L 87 -24.39 37.67 25.12
CA GLU L 87 -25.16 37.45 26.34
C GLU L 87 -25.25 38.72 27.17
N LYS L 88 -24.11 39.18 27.70
CA LYS L 88 -24.08 40.31 28.62
C LYS L 88 -23.74 41.63 27.92
N GLY L 89 -23.63 41.65 26.60
CA GLY L 89 -23.31 42.86 25.87
C GLY L 89 -21.82 43.14 25.84
N TYR L 90 -21.09 42.67 26.85
CA TYR L 90 -19.64 42.79 26.93
C TYR L 90 -19.07 41.44 27.32
N SER L 91 -17.75 41.39 27.49
CA SER L 91 -17.08 40.16 27.88
C SER L 91 -16.36 40.35 29.21
N PRO L 92 -16.86 39.79 30.31
CA PRO L 92 -16.11 39.87 31.57
C PRO L 92 -14.80 39.12 31.52
N THR L 93 -14.68 38.10 30.66
CA THR L 93 -13.47 37.30 30.61
C THR L 93 -12.38 37.98 29.80
N LEU L 94 -12.75 38.65 28.70
CA LEU L 94 -11.74 39.33 27.88
C LEU L 94 -11.13 40.52 28.61
N ASN L 95 -11.91 41.21 29.45
CA ASN L 95 -11.35 42.32 30.21
C ASN L 95 -10.38 41.83 31.27
N ASP L 96 -10.74 40.75 31.97
CA ASP L 96 -9.88 40.14 32.99
C ASP L 96 -9.21 38.87 32.47
N PHE L 97 -8.66 38.93 31.25
CA PHE L 97 -8.09 37.74 30.63
C PHE L 97 -6.78 37.30 31.28
N GLY L 98 -6.07 38.23 31.94
CA GLY L 98 -4.85 37.84 32.63
C GLY L 98 -5.12 36.84 33.74
N LYS L 99 -6.17 37.06 34.53
CA LYS L 99 -6.52 36.09 35.57
C LYS L 99 -7.04 34.79 34.97
N PHE L 100 -7.60 34.83 33.76
CA PHE L 100 -8.09 33.62 33.12
C PHE L 100 -6.93 32.75 32.63
N ASP L 101 -5.99 33.36 31.90
CA ASP L 101 -4.90 32.59 31.32
C ASP L 101 -4.05 31.91 32.40
N LYS L 102 -3.74 32.65 33.47
CA LYS L 102 -2.98 32.05 34.57
C LYS L 102 -3.78 30.96 35.27
N MET L 103 -5.10 31.13 35.38
CA MET L 103 -5.94 30.12 36.00
C MET L 103 -6.21 28.96 35.04
N TYR L 104 -6.34 29.25 33.74
CA TYR L 104 -6.57 28.18 32.76
C TYR L 104 -5.33 27.32 32.59
N SER L 105 -4.14 27.88 32.81
CA SER L 105 -2.93 27.09 32.68
C SER L 105 -2.78 26.10 33.83
N TYR L 106 -3.36 26.41 34.99
CA TYR L 106 -3.26 25.51 36.13
C TYR L 106 -4.22 24.34 35.99
N VAL L 107 -5.49 24.60 35.64
CA VAL L 107 -6.42 23.50 35.40
C VAL L 107 -5.94 22.65 34.23
N ASN L 108 -5.17 23.24 33.31
CA ASN L 108 -4.55 22.44 32.25
C ASN L 108 -3.55 21.46 32.84
N LYS L 109 -2.69 21.93 33.74
CA LYS L 109 -1.73 21.04 34.40
C LYS L 109 -2.45 20.01 35.27
N ALA L 110 -3.54 20.40 35.92
CA ALA L 110 -4.24 19.47 36.80
C ALA L 110 -5.03 18.43 36.02
N TYR L 111 -5.49 18.76 34.81
CA TYR L 111 -6.25 17.79 34.03
C TYR L 111 -5.37 16.70 33.46
N TYR L 112 -4.09 17.00 33.20
CA TYR L 112 -3.17 16.04 32.61
C TYR L 112 -2.20 15.44 33.60
N ASN L 113 -2.29 15.82 34.89
CA ASN L 113 -1.42 15.27 35.92
C ASN L 113 -2.18 14.81 37.16
N ASP L 114 -3.51 14.66 37.08
CA ASP L 114 -4.30 14.21 38.21
C ASP L 114 -5.44 13.34 37.69
N GLY L 115 -5.57 12.14 38.26
CA GLY L 115 -6.59 11.22 37.78
C GLY L 115 -8.00 11.67 38.11
N ASP L 116 -8.18 12.29 39.27
CA ASP L 116 -9.51 12.74 39.70
C ASP L 116 -10.08 13.82 38.80
N ILE L 117 -9.24 14.53 38.06
CA ILE L 117 -9.71 15.54 37.12
C ILE L 117 -9.97 14.95 35.75
N TYR L 118 -8.99 14.20 35.23
CA TYR L 118 -9.08 13.65 33.88
C TYR L 118 -10.31 12.76 33.73
N TYR L 119 -10.66 11.99 34.77
CA TYR L 119 -11.77 11.07 34.73
C TYR L 119 -13.04 11.63 35.35
N SER L 120 -13.08 12.94 35.63
CA SER L 120 -14.27 13.53 36.25
C SER L 120 -14.46 15.00 35.86
N SER L 121 -14.00 15.39 34.68
CA SER L 121 -14.12 16.76 34.20
C SER L 121 -14.99 16.79 32.94
N TYR L 122 -15.79 17.84 32.82
CA TYR L 122 -16.63 18.06 31.65
C TYR L 122 -16.08 19.15 30.74
N ASP L 123 -15.85 20.34 31.29
CA ASP L 123 -15.35 21.46 30.49
C ASP L 123 -14.27 22.18 31.30
N LEU L 124 -13.08 22.31 30.71
CA LEU L 124 -12.01 23.05 31.38
C LEU L 124 -12.39 24.52 31.52
N TYR L 125 -13.11 25.08 30.55
CA TYR L 125 -13.46 26.49 30.60
C TYR L 125 -14.38 26.80 31.77
N ASP L 126 -15.50 26.06 31.86
CA ASP L 126 -16.45 26.29 32.94
C ASP L 126 -15.81 26.13 34.31
N GLU L 127 -14.91 25.14 34.45
CA GLU L 127 -14.23 24.95 35.72
C GLU L 127 -13.23 26.08 35.99
N THR L 128 -12.65 26.67 34.94
CA THR L 128 -11.77 27.81 35.13
C THR L 128 -12.54 29.03 35.62
N ILE L 129 -13.76 29.24 35.11
CA ILE L 129 -14.54 30.39 35.51
C ILE L 129 -15.11 30.20 36.91
N LYS L 130 -15.63 29.00 37.19
CA LYS L 130 -16.23 28.74 38.50
C LYS L 130 -15.20 28.90 39.61
N LEU L 131 -13.95 28.49 39.36
CA LEU L 131 -12.92 28.62 40.38
C LEU L 131 -12.52 30.08 40.58
N LEU L 132 -12.52 30.88 39.50
CA LEU L 132 -12.28 32.31 39.63
C LEU L 132 -13.40 33.00 40.40
N GLU L 133 -14.63 32.49 40.30
CA GLU L 133 -15.71 33.01 41.12
C GLU L 133 -15.55 32.61 42.58
N LEU L 134 -14.96 31.44 42.83
CA LEU L 134 -14.68 31.02 44.20
C LEU L 134 -13.57 31.86 44.82
N LEU L 135 -12.60 32.30 44.01
CA LEU L 135 -11.53 33.15 44.53
C LEU L 135 -12.05 34.54 44.85
N LYS L 136 -12.97 35.07 44.05
CA LYS L 136 -13.54 36.38 44.33
C LYS L 136 -14.39 36.36 45.60
N GLU L 137 -15.05 35.24 45.89
CA GLU L 137 -15.87 35.16 47.08
C GLU L 137 -15.02 35.11 48.35
N SER L 138 -13.90 34.39 48.30
CA SER L 138 -12.96 34.33 49.41
C SER L 138 -11.96 35.47 49.37
N LYS L 139 -12.08 36.40 48.41
CA LYS L 139 -11.25 37.59 48.34
C LYS L 139 -9.78 37.26 48.19
N ILE L 140 -9.49 36.21 47.40
CA ILE L 140 -8.13 35.73 47.22
C ILE L 140 -7.70 36.00 45.79
N ASN L 141 -6.44 36.41 45.63
CA ASN L 141 -5.87 36.75 44.33
C ASN L 141 -5.29 35.51 43.67
N VAL L 142 -5.25 35.54 42.33
CA VAL L 142 -4.77 34.40 41.56
C VAL L 142 -3.24 34.30 41.60
N ASN L 143 -2.56 35.44 41.51
CA ASN L 143 -1.10 35.42 41.45
C ASN L 143 -0.50 34.86 42.74
N ASP L 144 -1.06 35.23 43.89
CA ASP L 144 -0.62 34.72 45.18
C ASP L 144 -1.21 33.35 45.52
N ILE L 145 -1.67 32.59 44.52
CA ILE L 145 -2.27 31.29 44.72
C ILE L 145 -1.32 30.23 44.18
N ASP L 146 -1.24 29.09 44.88
CA ASP L 146 -0.35 28.00 44.51
C ASP L 146 -1.13 26.87 43.86
N TYR L 147 -0.44 26.11 43.02
CA TYR L 147 -1.08 25.01 42.29
C TYR L 147 -1.74 24.01 43.25
N ASP L 148 -1.12 23.77 44.40
CA ASP L 148 -1.72 22.91 45.40
C ASP L 148 -3.01 23.50 45.94
N TYR L 149 -3.04 24.82 46.16
CA TYR L 149 -4.25 25.47 46.63
C TYR L 149 -5.33 25.49 45.56
N VAL L 150 -4.94 25.66 44.30
CA VAL L 150 -5.90 25.66 43.20
C VAL L 150 -6.51 24.27 43.03
N LEU L 151 -5.69 23.23 43.16
CA LEU L 151 -6.17 21.86 42.93
C LEU L 151 -7.13 21.43 44.03
N LYS L 152 -6.85 21.80 45.29
CA LYS L 152 -7.77 21.50 46.37
C LYS L 152 -9.13 22.14 46.14
N LEU L 153 -9.14 23.36 45.60
CA LEU L 153 -10.41 23.97 45.21
C LEU L 153 -11.02 23.27 44.02
N TYR L 154 -10.20 22.67 43.15
CA TYR L 154 -10.73 21.97 41.99
C TYR L 154 -11.49 20.72 42.39
N LYS L 155 -10.92 19.93 43.30
CA LYS L 155 -11.58 18.70 43.73
C LYS L 155 -12.92 19.00 44.40
N GLN L 156 -12.97 20.02 45.25
CA GLN L 156 -14.22 20.38 45.91
C GLN L 156 -15.24 20.99 44.95
N ILE L 157 -14.79 21.44 43.77
CA ILE L 157 -15.75 21.89 42.75
C ILE L 157 -16.59 20.71 42.26
N LEU L 158 -15.96 19.56 42.06
CA LEU L 158 -16.67 18.35 41.64
C LEU L 158 -17.18 17.58 42.85
#